data_4ML2
# 
_entry.id   4ML2 
# 
_audit_conform.dict_name       mmcif_pdbx.dic 
_audit_conform.dict_version    5.381 
_audit_conform.dict_location   http://mmcif.pdb.org/dictionaries/ascii/mmcif_pdbx.dic 
# 
loop_
_database_2.database_id 
_database_2.database_code 
_database_2.pdbx_database_accession 
_database_2.pdbx_DOI 
PDB   4ML2         pdb_00004ml2 10.2210/pdb4ml2/pdb 
RCSB  RCSB082044   ?            ?                   
WWPDB D_1000082044 ?            ?                   
# 
loop_
_pdbx_database_related.db_name 
_pdbx_database_related.db_id 
_pdbx_database_related.details 
_pdbx_database_related.content_type 
PDB 4ML0 .                                               unspecified 
PDB 4MMJ .                                               unspecified 
PDB 4MMG 'same protein but from different E.coli strain' unspecified 
# 
_pdbx_database_status.status_code                     REL 
_pdbx_database_status.entry_id                        4ML2 
_pdbx_database_status.recvd_initial_deposition_date   2013-09-06 
_pdbx_database_status.deposit_site                    RCSB 
_pdbx_database_status.process_site                    PDBJ 
_pdbx_database_status.methods_development_category    ? 
_pdbx_database_status.status_code_sf                  REL 
_pdbx_database_status.status_code_mr                  ? 
_pdbx_database_status.SG_entry                        ? 
_pdbx_database_status.status_code_cs                  ? 
_pdbx_database_status.pdb_format_compatible           Y 
_pdbx_database_status.status_code_nmr_data            ? 
# 
loop_
_audit_author.name 
_audit_author.pdbx_ordinal 
'Liang, Y.J.' 1 
'Gao, Z.Q.'   2 
'Liu, Q.S.'   3 
'Dong, Y.H.'  4 
# 
_citation.id                        primary 
_citation.title                     
'Structural and Functional Characterization of Escherichia coli Toxin-Antitoxin Complex DinJ-YafQ' 
_citation.journal_abbrev            J.Biol.Chem. 
_citation.journal_volume            289 
_citation.page_first                21191 
_citation.page_last                 21202 
_citation.year                      2014 
_citation.journal_id_ASTM           JBCHA3 
_citation.country                   US 
_citation.journal_id_ISSN           0021-9258 
_citation.journal_id_CSD            0071 
_citation.book_publisher            ? 
_citation.pdbx_database_id_PubMed   24923448 
_citation.pdbx_database_id_DOI      10.1074/jbc.M114.559773 
# 
loop_
_citation_author.citation_id 
_citation_author.name 
_citation_author.ordinal 
_citation_author.identifier_ORCID 
primary 'Liang, Y.' 1 ? 
primary 'Gao, Z.'   2 ? 
primary 'Wang, F.'  3 ? 
primary 'Zhang, Y.' 4 ? 
primary 'Dong, Y.'  5 ? 
primary 'Liu, Q.'   6 ? 
# 
_cell.entry_id           4ML2 
_cell.length_a           41.299 
_cell.length_b           89.832 
_cell.length_c           75.015 
_cell.angle_alpha        90.00 
_cell.angle_beta         90.00 
_cell.angle_gamma        90.00 
_cell.Z_PDB              8 
_cell.pdbx_unique_axis   ? 
_cell.length_a_esd       ? 
_cell.length_b_esd       ? 
_cell.length_c_esd       ? 
_cell.angle_alpha_esd    ? 
_cell.angle_beta_esd     ? 
_cell.angle_gamma_esd    ? 
# 
_symmetry.entry_id                         4ML2 
_symmetry.space_group_name_H-M             'C 2 2 21' 
_symmetry.pdbx_full_space_group_name_H-M   ? 
_symmetry.cell_setting                     ? 
_symmetry.Int_Tables_number                20 
_symmetry.space_group_name_Hall            ? 
# 
loop_
_entity.id 
_entity.type 
_entity.src_method 
_entity.pdbx_description 
_entity.formula_weight 
_entity.pdbx_number_of_molecules 
_entity.pdbx_ec 
_entity.pdbx_mutation 
_entity.pdbx_fragment 
_entity.details 
1 polymer     man 'mRNA interferase YafQ' 11110.871 1   3.1.-.- ? ? ? 
2 non-polymer syn 'SULFATE ION'           96.063    5   ?       ? ? ? 
3 water       nat water                   18.015    217 ?       ? ? ? 
# 
_entity_name_com.entity_id   1 
_entity_name_com.name        'Endoribonuclease YafQ, Toxin YafQ' 
# 
_entity_poly.entity_id                      1 
_entity_poly.type                           'polypeptide(L)' 
_entity_poly.nstd_linkage                   no 
_entity_poly.nstd_monomer                   no 
_entity_poly.pdbx_seq_one_letter_code       
;STGMIQRDIEYSGQYSKDVKLAQKRHKDMNKLKYLMTLLINNTLPLPAVYKDHPLQGSWKGYRDAHVEPDWILIYKLTDK
LLRFERTGTHAALFG
;
_entity_poly.pdbx_seq_one_letter_code_can   
;STGMIQRDIEYSGQYSKDVKLAQKRHKDMNKLKYLMTLLINNTLPLPAVYKDHPLQGSWKGYRDAHVEPDWILIYKLTDK
LLRFERTGTHAALFG
;
_entity_poly.pdbx_strand_id                 A 
_entity_poly.pdbx_target_identifier         ? 
# 
loop_
_entity_poly_seq.entity_id 
_entity_poly_seq.num 
_entity_poly_seq.mon_id 
_entity_poly_seq.hetero 
1 1  SER n 
1 2  THR n 
1 3  GLY n 
1 4  MET n 
1 5  ILE n 
1 6  GLN n 
1 7  ARG n 
1 8  ASP n 
1 9  ILE n 
1 10 GLU n 
1 11 TYR n 
1 12 SER n 
1 13 GLY n 
1 14 GLN n 
1 15 TYR n 
1 16 SER n 
1 17 LYS n 
1 18 ASP n 
1 19 VAL n 
1 20 LYS n 
1 21 LEU n 
1 22 ALA n 
1 23 GLN n 
1 24 LYS n 
1 25 ARG n 
1 26 HIS n 
1 27 LYS n 
1 28 ASP n 
1 29 MET n 
1 30 ASN n 
1 31 LYS n 
1 32 LEU n 
1 33 LYS n 
1 34 TYR n 
1 35 LEU n 
1 36 MET n 
1 37 THR n 
1 38 LEU n 
1 39 LEU n 
1 40 ILE n 
1 41 ASN n 
1 42 ASN n 
1 43 THR n 
1 44 LEU n 
1 45 PRO n 
1 46 LEU n 
1 47 PRO n 
1 48 ALA n 
1 49 VAL n 
1 50 TYR n 
1 51 LYS n 
1 52 ASP n 
1 53 HIS n 
1 54 PRO n 
1 55 LEU n 
1 56 GLN n 
1 57 GLY n 
1 58 SER n 
1 59 TRP n 
1 60 LYS n 
1 61 GLY n 
1 62 TYR n 
1 63 ARG n 
1 64 ASP n 
1 65 ALA n 
1 66 HIS n 
1 67 VAL n 
1 68 GLU n 
1 69 PRO n 
1 70 ASP n 
1 71 TRP n 
1 72 ILE n 
1 73 LEU n 
1 74 ILE n 
1 75 TYR n 
1 76 LYS n 
1 77 LEU n 
1 78 THR n 
1 79 ASP n 
1 80 LYS n 
1 81 LEU n 
1 82 LEU n 
1 83 ARG n 
1 84 PHE n 
1 85 GLU n 
1 86 ARG n 
1 87 THR n 
1 88 GLY n 
1 89 THR n 
1 90 HIS n 
1 91 ALA n 
1 92 ALA n 
1 93 LEU n 
1 94 PHE n 
1 95 GLY n 
# 
_entity_src_gen.entity_id                          1 
_entity_src_gen.pdbx_src_id                        1 
_entity_src_gen.pdbx_alt_source_flag               sample 
_entity_src_gen.pdbx_seq_type                      ? 
_entity_src_gen.pdbx_beg_seq_num                   ? 
_entity_src_gen.pdbx_end_seq_num                   ? 
_entity_src_gen.gene_src_common_name               ? 
_entity_src_gen.gene_src_genus                     ? 
_entity_src_gen.pdbx_gene_src_gene                 'yafQ, b0225, JW0215' 
_entity_src_gen.gene_src_species                   ? 
_entity_src_gen.gene_src_strain                    K12 
_entity_src_gen.gene_src_tissue                    ? 
_entity_src_gen.gene_src_tissue_fraction           ? 
_entity_src_gen.gene_src_details                   ? 
_entity_src_gen.pdbx_gene_src_fragment             ? 
_entity_src_gen.pdbx_gene_src_scientific_name      'Escherichia coli' 
_entity_src_gen.pdbx_gene_src_ncbi_taxonomy_id     83333 
_entity_src_gen.pdbx_gene_src_variant              ? 
_entity_src_gen.pdbx_gene_src_cell_line            ? 
_entity_src_gen.pdbx_gene_src_atcc                 ? 
_entity_src_gen.pdbx_gene_src_organ                ? 
_entity_src_gen.pdbx_gene_src_organelle            ? 
_entity_src_gen.pdbx_gene_src_cell                 ? 
_entity_src_gen.pdbx_gene_src_cellular_location    ? 
_entity_src_gen.host_org_common_name               ? 
_entity_src_gen.pdbx_host_org_scientific_name      'Escherichia coli' 
_entity_src_gen.pdbx_host_org_ncbi_taxonomy_id     562 
_entity_src_gen.host_org_genus                     ? 
_entity_src_gen.pdbx_host_org_gene                 ? 
_entity_src_gen.pdbx_host_org_organ                ? 
_entity_src_gen.host_org_species                   ? 
_entity_src_gen.pdbx_host_org_tissue               ? 
_entity_src_gen.pdbx_host_org_tissue_fraction      ? 
_entity_src_gen.pdbx_host_org_strain               'BL21(DE3)' 
_entity_src_gen.pdbx_host_org_variant              ? 
_entity_src_gen.pdbx_host_org_cell_line            ? 
_entity_src_gen.pdbx_host_org_atcc                 ? 
_entity_src_gen.pdbx_host_org_culture_collection   ? 
_entity_src_gen.pdbx_host_org_cell                 ? 
_entity_src_gen.pdbx_host_org_organelle            ? 
_entity_src_gen.pdbx_host_org_cellular_location    ? 
_entity_src_gen.pdbx_host_org_vector_type          plasmid 
_entity_src_gen.pdbx_host_org_vector               ? 
_entity_src_gen.host_org_details                   ? 
_entity_src_gen.expression_system_id               ? 
_entity_src_gen.plasmid_name                       pET28a 
_entity_src_gen.plasmid_details                    ? 
_entity_src_gen.pdbx_description                   ? 
# 
_struct_ref.id                         1 
_struct_ref.db_name                    UNP 
_struct_ref.db_code                    YAFQ_ECOLI 
_struct_ref.pdbx_db_accession          Q47149 
_struct_ref.entity_id                  1 
_struct_ref.pdbx_seq_one_letter_code   
;MIQRDIEYSGQYSKDVKLAQKRHKDMNKLKYLMTLLINNTLPLPAVYKDHPLQGSWKGYRDAHVEPDWILIYKLTDKLLR
FERTGTHAALFG
;
_struct_ref.pdbx_align_begin           1 
_struct_ref.pdbx_db_isoform            ? 
# 
_struct_ref_seq.align_id                      1 
_struct_ref_seq.ref_id                        1 
_struct_ref_seq.pdbx_PDB_id_code              4ML2 
_struct_ref_seq.pdbx_strand_id                A 
_struct_ref_seq.seq_align_beg                 4 
_struct_ref_seq.pdbx_seq_align_beg_ins_code   ? 
_struct_ref_seq.seq_align_end                 95 
_struct_ref_seq.pdbx_seq_align_end_ins_code   ? 
_struct_ref_seq.pdbx_db_accession             Q47149 
_struct_ref_seq.db_align_beg                  1 
_struct_ref_seq.pdbx_db_align_beg_ins_code    ? 
_struct_ref_seq.db_align_end                  92 
_struct_ref_seq.pdbx_db_align_end_ins_code    ? 
_struct_ref_seq.pdbx_auth_seq_align_beg       1 
_struct_ref_seq.pdbx_auth_seq_align_end       92 
# 
loop_
_struct_ref_seq_dif.align_id 
_struct_ref_seq_dif.pdbx_pdb_id_code 
_struct_ref_seq_dif.mon_id 
_struct_ref_seq_dif.pdbx_pdb_strand_id 
_struct_ref_seq_dif.seq_num 
_struct_ref_seq_dif.pdbx_pdb_ins_code 
_struct_ref_seq_dif.pdbx_seq_db_name 
_struct_ref_seq_dif.pdbx_seq_db_accession_code 
_struct_ref_seq_dif.db_mon_id 
_struct_ref_seq_dif.pdbx_seq_db_seq_num 
_struct_ref_seq_dif.details 
_struct_ref_seq_dif.pdbx_auth_seq_num 
_struct_ref_seq_dif.pdbx_ordinal 
1 4ML2 SER A 1 ? UNP Q47149 ? ? 'expression tag' -2 1 
1 4ML2 THR A 2 ? UNP Q47149 ? ? 'expression tag' -1 2 
1 4ML2 GLY A 3 ? UNP Q47149 ? ? 'expression tag' 0  3 
# 
loop_
_chem_comp.id 
_chem_comp.type 
_chem_comp.mon_nstd_flag 
_chem_comp.name 
_chem_comp.pdbx_synonyms 
_chem_comp.formula 
_chem_comp.formula_weight 
ALA 'L-peptide linking' y ALANINE         ? 'C3 H7 N O2'     89.093  
ARG 'L-peptide linking' y ARGININE        ? 'C6 H15 N4 O2 1' 175.209 
ASN 'L-peptide linking' y ASPARAGINE      ? 'C4 H8 N2 O3'    132.118 
ASP 'L-peptide linking' y 'ASPARTIC ACID' ? 'C4 H7 N O4'     133.103 
GLN 'L-peptide linking' y GLUTAMINE       ? 'C5 H10 N2 O3'   146.144 
GLU 'L-peptide linking' y 'GLUTAMIC ACID' ? 'C5 H9 N O4'     147.129 
GLY 'peptide linking'   y GLYCINE         ? 'C2 H5 N O2'     75.067  
HIS 'L-peptide linking' y HISTIDINE       ? 'C6 H10 N3 O2 1' 156.162 
HOH non-polymer         . WATER           ? 'H2 O'           18.015  
ILE 'L-peptide linking' y ISOLEUCINE      ? 'C6 H13 N O2'    131.173 
LEU 'L-peptide linking' y LEUCINE         ? 'C6 H13 N O2'    131.173 
LYS 'L-peptide linking' y LYSINE          ? 'C6 H15 N2 O2 1' 147.195 
MET 'L-peptide linking' y METHIONINE      ? 'C5 H11 N O2 S'  149.211 
PHE 'L-peptide linking' y PHENYLALANINE   ? 'C9 H11 N O2'    165.189 
PRO 'L-peptide linking' y PROLINE         ? 'C5 H9 N O2'     115.130 
SER 'L-peptide linking' y SERINE          ? 'C3 H7 N O3'     105.093 
SO4 non-polymer         . 'SULFATE ION'   ? 'O4 S -2'        96.063  
THR 'L-peptide linking' y THREONINE       ? 'C4 H9 N O3'     119.119 
TRP 'L-peptide linking' y TRYPTOPHAN      ? 'C11 H12 N2 O2'  204.225 
TYR 'L-peptide linking' y TYROSINE        ? 'C9 H11 N O3'    181.189 
VAL 'L-peptide linking' y VALINE          ? 'C5 H11 N O2'    117.146 
# 
_exptl.entry_id          4ML2 
_exptl.method            'X-RAY DIFFRACTION' 
_exptl.crystals_number   1 
# 
_exptl_crystal.id                    1 
_exptl_crystal.density_meas          ? 
_exptl_crystal.density_Matthews      3.13 
_exptl_crystal.density_percent_sol   60.71 
_exptl_crystal.description           ? 
_exptl_crystal.F_000                 ? 
_exptl_crystal.preparation           ? 
# 
_exptl_crystal_grow.crystal_id      1 
_exptl_crystal_grow.method          'VAPOR DIFFUSION, HANGING DROP' 
_exptl_crystal_grow.temp            293 
_exptl_crystal_grow.temp_details    ? 
_exptl_crystal_grow.pH              7.0 
_exptl_crystal_grow.pdbx_details    '0.2M (NH4)2SO4, 30% PEG8000, pH 7.0, VAPOR DIFFUSION, HANGING DROP, temperature 293K' 
_exptl_crystal_grow.pdbx_pH_range   . 
# 
_diffrn.id                     1 
_diffrn.ambient_temp           100 
_diffrn.ambient_temp_details   ? 
_diffrn.crystal_id             1 
# 
_diffrn_detector.diffrn_id              1 
_diffrn_detector.detector               CCD 
_diffrn_detector.type                   'MAR CCD 165 mm' 
_diffrn_detector.pdbx_collection_date   2012-07-19 
_diffrn_detector.details                ? 
# 
_diffrn_radiation.diffrn_id                        1 
_diffrn_radiation.wavelength_id                    1 
_diffrn_radiation.pdbx_monochromatic_or_laue_m_l   M 
_diffrn_radiation.monochromator                    'double crystal monochromator' 
_diffrn_radiation.pdbx_diffrn_protocol             'SINGLE WAVELENGTH' 
_diffrn_radiation.pdbx_scattering_type             x-ray 
# 
_diffrn_radiation_wavelength.id           1 
_diffrn_radiation_wavelength.wavelength   0.9792 
_diffrn_radiation_wavelength.wt           1.0 
# 
_diffrn_source.diffrn_id                   1 
_diffrn_source.source                      SYNCHROTRON 
_diffrn_source.type                        'BSRF BEAMLINE 1W2B' 
_diffrn_source.pdbx_synchrotron_site       BSRF 
_diffrn_source.pdbx_synchrotron_beamline   1W2B 
_diffrn_source.pdbx_wavelength             ? 
_diffrn_source.pdbx_wavelength_list        0.9792 
# 
_reflns.entry_id                     4ML2 
_reflns.observed_criterion_sigma_I   0.0 
_reflns.observed_criterion_sigma_F   0.0 
_reflns.d_resolution_low             50.0 
_reflns.d_resolution_high            1.50 
_reflns.number_obs                   22754 
_reflns.number_all                   22814 
_reflns.percent_possible_obs         99.7 
_reflns.pdbx_Rmerge_I_obs            0.062 
_reflns.pdbx_Rsym_value              ? 
_reflns.pdbx_netI_over_sigmaI        72.5 
_reflns.B_iso_Wilson_estimate        ? 
_reflns.pdbx_redundancy              10.0 
_reflns.R_free_details               ? 
_reflns.limit_h_max                  ? 
_reflns.limit_h_min                  ? 
_reflns.limit_k_max                  ? 
_reflns.limit_k_min                  ? 
_reflns.limit_l_max                  ? 
_reflns.limit_l_min                  ? 
_reflns.observed_criterion_F_max     ? 
_reflns.observed_criterion_F_min     ? 
_reflns.pdbx_chi_squared             ? 
_reflns.pdbx_scaling_rejects         ? 
_reflns.pdbx_ordinal                 1 
_reflns.pdbx_diffrn_id               1 
# 
_reflns_shell.d_res_high                  1.50 
_reflns_shell.d_res_low                   1.53 
_reflns_shell.percent_possible_all        100 
_reflns_shell.Rmerge_I_obs                0.167 
_reflns_shell.pdbx_Rsym_value             ? 
_reflns_shell.meanI_over_sigI_obs         16.3 
_reflns_shell.pdbx_redundancy             6.9 
_reflns_shell.percent_possible_obs        ? 
_reflns_shell.number_unique_all           1104 
_reflns_shell.number_measured_all         ? 
_reflns_shell.number_measured_obs         ? 
_reflns_shell.number_unique_obs           ? 
_reflns_shell.pdbx_chi_squared            ? 
_reflns_shell.pdbx_rejects                ? 
_reflns_shell.pdbx_netI_over_sigmaI_obs   ? 
_reflns_shell.number_possible             ? 
_reflns_shell.Rmerge_F_all                ? 
_reflns_shell.Rmerge_F_obs                ? 
_reflns_shell.Rmerge_I_all                ? 
_reflns_shell.meanI_over_sigI_all         ? 
_reflns_shell.pdbx_Rrim_I_all             ? 
_reflns_shell.pdbx_Rpim_I_all             ? 
_reflns_shell.pdbx_ordinal                1 
_reflns_shell.pdbx_diffrn_id              1 
# 
_refine.entry_id                                 4ML2 
_refine.ls_number_reflns_obs                     22746 
_refine.ls_number_reflns_all                     22814 
_refine.pdbx_ls_sigma_I                          ? 
_refine.pdbx_ls_sigma_F                          1.35 
_refine.pdbx_data_cutoff_high_absF               ? 
_refine.pdbx_data_cutoff_low_absF                ? 
_refine.pdbx_data_cutoff_high_rms_absF           ? 
_refine.ls_d_res_low                             28.790 
_refine.ls_d_res_high                            1.500 
_refine.ls_percent_reflns_obs                    99.99 
_refine.ls_R_factor_obs                          0.1757 
_refine.ls_R_factor_all                          0.1764 
_refine.ls_R_factor_R_work                       0.1757 
_refine.ls_R_factor_R_free                       0.1892 
_refine.ls_R_factor_R_free_error                 ? 
_refine.ls_R_factor_R_free_error_details         ? 
_refine.ls_percent_reflns_R_free                 5.11 
_refine.ls_number_reflns_R_free                  1163 
_refine.ls_number_parameters                     ? 
_refine.ls_number_restraints                     ? 
_refine.occupancy_min                            ? 
_refine.occupancy_max                            ? 
_refine.correlation_coeff_Fo_to_Fc               ? 
_refine.correlation_coeff_Fo_to_Fc_free          ? 
_refine.B_iso_mean                               ? 
_refine.aniso_B[1][1]                            -1.2061 
_refine.aniso_B[2][2]                            -2.0502 
_refine.aniso_B[3][3]                            -0.6431 
_refine.aniso_B[1][2]                            0.0000 
_refine.aniso_B[1][3]                            -0.0000 
_refine.aniso_B[2][3]                            0.0000 
_refine.solvent_model_details                    'FLAT BULK SOLVENT MODEL' 
_refine.solvent_model_param_ksol                 0.400 
_refine.solvent_model_param_bsol                 45.103 
_refine.pdbx_solvent_vdw_probe_radii             1.10 
_refine.pdbx_solvent_ion_probe_radii             ? 
_refine.pdbx_solvent_shrinkage_radii             0.86 
_refine.pdbx_ls_cross_valid_method               ? 
_refine.details                                  ? 
_refine.pdbx_starting_model                      4MMG 
_refine.pdbx_method_to_determine_struct          'MOLECULAR REPLACEMENT' 
_refine.pdbx_isotropic_thermal_model             ? 
_refine.pdbx_stereochemistry_target_values       ML 
_refine.pdbx_stereochem_target_val_spec_case     ? 
_refine.pdbx_R_Free_selection_details            random 
_refine.pdbx_overall_ESU_R                       ? 
_refine.pdbx_overall_ESU_R_Free                  ? 
_refine.overall_SU_ML                            0.17 
_refine.pdbx_overall_phase_error                 15.21 
_refine.overall_SU_B                             ? 
_refine.overall_SU_R_Cruickshank_DPI             ? 
_refine.ls_redundancy_reflns_obs                 ? 
_refine.B_iso_min                                ? 
_refine.B_iso_max                                ? 
_refine.overall_SU_R_free                        ? 
_refine.ls_wR_factor_R_free                      ? 
_refine.ls_wR_factor_R_work                      ? 
_refine.overall_FOM_free_R_set                   ? 
_refine.overall_FOM_work_R_set                   ? 
_refine.pdbx_diffrn_id                           1 
_refine.pdbx_refine_id                           'X-RAY DIFFRACTION' 
_refine.pdbx_TLS_residual_ADP_flag               ? 
_refine.pdbx_overall_SU_R_free_Cruickshank_DPI   ? 
_refine.pdbx_overall_SU_R_Blow_DPI               ? 
_refine.pdbx_overall_SU_R_free_Blow_DPI          ? 
# 
_refine_hist.pdbx_refine_id                   'X-RAY DIFFRACTION' 
_refine_hist.cycle_id                         LAST 
_refine_hist.pdbx_number_atoms_protein        749 
_refine_hist.pdbx_number_atoms_nucleic_acid   0 
_refine_hist.pdbx_number_atoms_ligand         25 
_refine_hist.number_atoms_solvent             217 
_refine_hist.number_atoms_total               991 
_refine_hist.d_res_high                       1.500 
_refine_hist.d_res_low                        28.790 
# 
loop_
_refine_ls_restr.type 
_refine_ls_restr.dev_ideal 
_refine_ls_restr.dev_ideal_target 
_refine_ls_restr.weight 
_refine_ls_restr.number 
_refine_ls_restr.pdbx_restraint_function 
_refine_ls_restr.pdbx_refine_id 
f_bond_d           0.006  ? ? 810  ? 'X-RAY DIFFRACTION' 
f_angle_d          1.084  ? ? 1098 ? 'X-RAY DIFFRACTION' 
f_dihedral_angle_d 12.545 ? ? 304  ? 'X-RAY DIFFRACTION' 
f_chiral_restr     0.076  ? ? 112  ? 'X-RAY DIFFRACTION' 
f_plane_restr      0.005  ? ? 135  ? 'X-RAY DIFFRACTION' 
# 
loop_
_refine_ls_shell.pdbx_refine_id 
_refine_ls_shell.pdbx_total_number_of_bins_used 
_refine_ls_shell.d_res_high 
_refine_ls_shell.d_res_low 
_refine_ls_shell.number_reflns_R_work 
_refine_ls_shell.R_factor_R_work 
_refine_ls_shell.percent_reflns_obs 
_refine_ls_shell.R_factor_R_free 
_refine_ls_shell.R_factor_R_free_error 
_refine_ls_shell.percent_reflns_R_free 
_refine_ls_shell.number_reflns_R_free 
_refine_ls_shell.number_reflns_all 
_refine_ls_shell.R_factor_all 
_refine_ls_shell.number_reflns_obs 
_refine_ls_shell.redundancy_reflns_obs 
'X-RAY DIFFRACTION' 8 1.5000 1.5683  2644 0.2180 100.00 0.2581 . . 131 . . . . 
'X-RAY DIFFRACTION' 8 1.5683 1.6510  2675 0.1816 100.00 0.2196 . . 156 . . . . 
'X-RAY DIFFRACTION' 8 1.6510 1.7544  2629 0.1639 100.00 0.1913 . . 157 . . . . 
'X-RAY DIFFRACTION' 8 1.7544 1.8898  2673 0.1638 100.00 0.2003 . . 142 . . . . 
'X-RAY DIFFRACTION' 8 1.8898 2.0799  2708 0.1685 100.00 0.1834 . . 132 . . . . 
'X-RAY DIFFRACTION' 8 2.0799 2.3808  2696 0.1700 100.00 0.1648 . . 148 . . . . 
'X-RAY DIFFRACTION' 8 2.3808 2.9990  2714 0.1753 100.00 0.1989 . . 153 . . . . 
'X-RAY DIFFRACTION' 8 2.9990 28.7949 2844 0.1796 100.00 0.1789 . . 144 . . . . 
# 
_struct.entry_id                  4ML2 
_struct.title                     'Crystal structure of wild-type YafQ' 
_struct.pdbx_model_details        ? 
_struct.pdbx_CASP_flag            ? 
_struct.pdbx_model_type_details   ? 
# 
_struct_keywords.entry_id        4ML2 
_struct_keywords.pdbx_keywords   TOXIN 
_struct_keywords.text            'toxin, antitoxin' 
# 
loop_
_struct_asym.id 
_struct_asym.pdbx_blank_PDB_chainid_flag 
_struct_asym.pdbx_modified 
_struct_asym.entity_id 
_struct_asym.details 
A N N 1 ? 
B N N 2 ? 
C N N 2 ? 
D N N 2 ? 
E N N 2 ? 
F N N 2 ? 
G N N 3 ? 
# 
_struct_biol.id        1 
_struct_biol.details   ? 
# 
loop_
_struct_conf.conf_type_id 
_struct_conf.id 
_struct_conf.pdbx_PDB_helix_id 
_struct_conf.beg_label_comp_id 
_struct_conf.beg_label_asym_id 
_struct_conf.beg_label_seq_id 
_struct_conf.pdbx_beg_PDB_ins_code 
_struct_conf.end_label_comp_id 
_struct_conf.end_label_asym_id 
_struct_conf.end_label_seq_id 
_struct_conf.pdbx_end_PDB_ins_code 
_struct_conf.beg_auth_comp_id 
_struct_conf.beg_auth_asym_id 
_struct_conf.beg_auth_seq_id 
_struct_conf.end_auth_comp_id 
_struct_conf.end_auth_asym_id 
_struct_conf.end_auth_seq_id 
_struct_conf.pdbx_PDB_helix_class 
_struct_conf.details 
_struct_conf.pdbx_PDB_helix_length 
HELX_P HELX_P1 1 SER A 12 ? ARG A 25 ? SER A 9  ARG A 22 1 ? 14 
HELX_P HELX_P2 2 ASP A 28 ? ASN A 41 ? ASP A 25 ASN A 38 1 ? 14 
HELX_P HELX_P3 3 PRO A 47 ? LYS A 51 ? PRO A 44 LYS A 48 5 ? 5  
HELX_P HELX_P4 4 GLN A 56 ? LYS A 60 ? GLN A 53 LYS A 57 5 ? 5  
HELX_P HELX_P5 5 THR A 89 ? GLY A 95 ? THR A 86 GLY A 92 1 ? 7  
# 
_struct_conf_type.id          HELX_P 
_struct_conf_type.criteria    ? 
_struct_conf_type.reference   ? 
# 
_struct_mon_prot_cis.pdbx_id                1 
_struct_mon_prot_cis.label_comp_id          LEU 
_struct_mon_prot_cis.label_seq_id           44 
_struct_mon_prot_cis.label_asym_id          A 
_struct_mon_prot_cis.label_alt_id           . 
_struct_mon_prot_cis.pdbx_PDB_ins_code      ? 
_struct_mon_prot_cis.auth_comp_id           LEU 
_struct_mon_prot_cis.auth_seq_id            41 
_struct_mon_prot_cis.auth_asym_id           A 
_struct_mon_prot_cis.pdbx_label_comp_id_2   PRO 
_struct_mon_prot_cis.pdbx_label_seq_id_2    45 
_struct_mon_prot_cis.pdbx_label_asym_id_2   A 
_struct_mon_prot_cis.pdbx_PDB_ins_code_2    ? 
_struct_mon_prot_cis.pdbx_auth_comp_id_2    PRO 
_struct_mon_prot_cis.pdbx_auth_seq_id_2     42 
_struct_mon_prot_cis.pdbx_auth_asym_id_2    A 
_struct_mon_prot_cis.pdbx_PDB_model_num     1 
_struct_mon_prot_cis.pdbx_omega_angle       -2.51 
# 
_struct_sheet.id               A 
_struct_sheet.type             ? 
_struct_sheet.number_strands   5 
_struct_sheet.details          ? 
# 
loop_
_struct_sheet_order.sheet_id 
_struct_sheet_order.range_id_1 
_struct_sheet_order.range_id_2 
_struct_sheet_order.offset 
_struct_sheet_order.sense 
A 1 2 ? parallel      
A 2 3 ? anti-parallel 
A 3 4 ? anti-parallel 
A 4 5 ? anti-parallel 
# 
loop_
_struct_sheet_range.sheet_id 
_struct_sheet_range.id 
_struct_sheet_range.beg_label_comp_id 
_struct_sheet_range.beg_label_asym_id 
_struct_sheet_range.beg_label_seq_id 
_struct_sheet_range.pdbx_beg_PDB_ins_code 
_struct_sheet_range.end_label_comp_id 
_struct_sheet_range.end_label_asym_id 
_struct_sheet_range.end_label_seq_id 
_struct_sheet_range.pdbx_end_PDB_ins_code 
_struct_sheet_range.beg_auth_comp_id 
_struct_sheet_range.beg_auth_asym_id 
_struct_sheet_range.beg_auth_seq_id 
_struct_sheet_range.end_auth_comp_id 
_struct_sheet_range.end_auth_asym_id 
_struct_sheet_range.end_auth_seq_id 
A 1 ASP A 8  ? TYR A 11 ? ASP A 5  TYR A 8  
A 2 LEU A 81 ? GLY A 88 ? LEU A 78 GLY A 85 
A 3 TRP A 71 ? LEU A 77 ? TRP A 68 LEU A 74 
A 4 ARG A 63 ? GLU A 68 ? ARG A 60 GLU A 65 
A 5 HIS A 53 ? PRO A 54 ? HIS A 50 PRO A 51 
# 
loop_
_pdbx_struct_sheet_hbond.sheet_id 
_pdbx_struct_sheet_hbond.range_id_1 
_pdbx_struct_sheet_hbond.range_id_2 
_pdbx_struct_sheet_hbond.range_1_label_atom_id 
_pdbx_struct_sheet_hbond.range_1_label_comp_id 
_pdbx_struct_sheet_hbond.range_1_label_asym_id 
_pdbx_struct_sheet_hbond.range_1_label_seq_id 
_pdbx_struct_sheet_hbond.range_1_PDB_ins_code 
_pdbx_struct_sheet_hbond.range_1_auth_atom_id 
_pdbx_struct_sheet_hbond.range_1_auth_comp_id 
_pdbx_struct_sheet_hbond.range_1_auth_asym_id 
_pdbx_struct_sheet_hbond.range_1_auth_seq_id 
_pdbx_struct_sheet_hbond.range_2_label_atom_id 
_pdbx_struct_sheet_hbond.range_2_label_comp_id 
_pdbx_struct_sheet_hbond.range_2_label_asym_id 
_pdbx_struct_sheet_hbond.range_2_label_seq_id 
_pdbx_struct_sheet_hbond.range_2_PDB_ins_code 
_pdbx_struct_sheet_hbond.range_2_auth_atom_id 
_pdbx_struct_sheet_hbond.range_2_auth_comp_id 
_pdbx_struct_sheet_hbond.range_2_auth_asym_id 
_pdbx_struct_sheet_hbond.range_2_auth_seq_id 
A 1 2 N GLU A 10 ? N GLU A 7  O LEU A 82 ? O LEU A 79 
A 2 3 O GLY A 88 ? O GLY A 85 N ILE A 72 ? N ILE A 69 
A 3 4 O TYR A 75 ? O TYR A 72 N ARG A 63 ? N ARG A 60 
A 4 5 O ASP A 64 ? O ASP A 61 N HIS A 53 ? N HIS A 50 
# 
loop_
_struct_site.id 
_struct_site.pdbx_evidence_code 
_struct_site.pdbx_auth_asym_id 
_struct_site.pdbx_auth_comp_id 
_struct_site.pdbx_auth_seq_id 
_struct_site.pdbx_auth_ins_code 
_struct_site.pdbx_num_residues 
_struct_site.details 
AC1 Software A SO4 101 ? 8  'BINDING SITE FOR RESIDUE SO4 A 101' 
AC2 Software A SO4 102 ? 9  'BINDING SITE FOR RESIDUE SO4 A 102' 
AC3 Software A SO4 103 ? 10 'BINDING SITE FOR RESIDUE SO4 A 103' 
AC4 Software A SO4 104 ? 10 'BINDING SITE FOR RESIDUE SO4 A 104' 
AC5 Software A SO4 105 ? 6  'BINDING SITE FOR RESIDUE SO4 A 105' 
# 
loop_
_struct_site_gen.id 
_struct_site_gen.site_id 
_struct_site_gen.pdbx_num_res 
_struct_site_gen.label_comp_id 
_struct_site_gen.label_asym_id 
_struct_site_gen.label_seq_id 
_struct_site_gen.pdbx_auth_ins_code 
_struct_site_gen.auth_comp_id 
_struct_site_gen.auth_asym_id 
_struct_site_gen.auth_seq_id 
_struct_site_gen.label_atom_id 
_struct_site_gen.label_alt_id 
_struct_site_gen.symmetry 
_struct_site_gen.details 
1  AC1 8  HIS A 26 ? HIS A 23  . ? 8_555 ? 
2  AC1 8  HIS A 53 ? HIS A 50  . ? 1_555 ? 
3  AC1 8  ASP A 64 ? ASP A 61  . ? 1_555 ? 
4  AC1 8  HIS A 66 ? HIS A 63  . ? 1_555 ? 
5  AC1 8  HIS A 90 ? HIS A 87  . ? 1_555 ? 
6  AC1 8  HOH G .  ? HOH A 320 . ? 8_555 ? 
7  AC1 8  HOH G .  ? HOH A 337 . ? 1_555 ? 
8  AC1 8  HOH G .  ? HOH A 393 . ? 1_555 ? 
9  AC2 9  LYS A 51 ? LYS A 48  . ? 1_555 ? 
10 AC2 9  HIS A 66 ? HIS A 63  . ? 1_555 ? 
11 AC2 9  PRO A 69 ? PRO A 66  . ? 1_555 ? 
12 AC2 9  HOH G .  ? HOH A 213 . ? 1_555 ? 
13 AC2 9  HOH G .  ? HOH A 215 . ? 1_555 ? 
14 AC2 9  HOH G .  ? HOH A 224 . ? 1_555 ? 
15 AC2 9  HOH G .  ? HOH A 298 . ? 1_555 ? 
16 AC2 9  HOH G .  ? HOH A 346 . ? 1_555 ? 
17 AC2 9  HOH G .  ? HOH A 353 . ? 1_555 ? 
18 AC3 10 ARG A 25 ? ARG A 22  . ? 1_555 ? 
19 AC3 10 GLY A 57 ? GLY A 54  . ? 8_455 ? 
20 AC3 10 THR A 89 ? THR A 86  . ? 1_555 ? 
21 AC3 10 ALA A 92 ? ALA A 89  . ? 1_555 ? 
22 AC3 10 HOH G .  ? HOH A 203 . ? 1_555 ? 
23 AC3 10 HOH G .  ? HOH A 251 . ? 8_455 ? 
24 AC3 10 HOH G .  ? HOH A 263 . ? 1_555 ? 
25 AC3 10 HOH G .  ? HOH A 323 . ? 1_555 ? 
26 AC3 10 HOH G .  ? HOH A 373 . ? 1_555 ? 
27 AC3 10 HOH G .  ? HOH A 386 . ? 1_555 ? 
28 AC4 10 PRO A 47 ? PRO A 44  . ? 1_555 ? 
29 AC4 10 ALA A 48 ? ALA A 45  . ? 1_555 ? 
30 AC4 10 PRO A 54 ? PRO A 51  . ? 3_654 ? 
31 AC4 10 ARG A 63 ? ARG A 60  . ? 3_654 ? 
32 AC4 10 HOH G .  ? HOH A 214 . ? 1_555 ? 
33 AC4 10 HOH G .  ? HOH A 231 . ? 1_555 ? 
34 AC4 10 HOH G .  ? HOH A 294 . ? 1_555 ? 
35 AC4 10 HOH G .  ? HOH A 315 . ? 3_654 ? 
36 AC4 10 HOH G .  ? HOH A 351 . ? 1_555 ? 
37 AC4 10 HOH G .  ? HOH A 369 . ? 3_654 ? 
38 AC5 6  LYS A 76 ? LYS A 73  . ? 1_555 ? 
39 AC5 6  ARG A 83 ? ARG A 80  . ? 1_555 ? 
40 AC5 6  HOH G .  ? HOH A 279 . ? 1_555 ? 
41 AC5 6  HOH G .  ? HOH A 307 . ? 1_555 ? 
42 AC5 6  HOH G .  ? HOH A 379 . ? 1_555 ? 
43 AC5 6  HOH G .  ? HOH A 399 . ? 1_555 ? 
# 
_atom_sites.entry_id                    4ML2 
_atom_sites.fract_transf_matrix[1][1]   -0.01218965 
_atom_sites.fract_transf_matrix[1][2]   0.01645722 
_atom_sites.fract_transf_matrix[1][3]   -0.01291860 
_atom_sites.fract_transf_matrix[2][1]   -0.00293139 
_atom_sites.fract_transf_matrix[2][2]   0.00520320 
_atom_sites.fract_transf_matrix[2][3]   0.00939442 
_atom_sites.fract_transf_matrix[3][1]   0.01097063 
_atom_sites.fract_transf_matrix[3][2]   0.00753638 
_atom_sites.fract_transf_matrix[3][3]   -0.00075088 
_atom_sites.fract_transf_vector[1]      0.408298 
_atom_sites.fract_transf_vector[2]      0.130312 
_atom_sites.fract_transf_vector[3]      -0.068367 
# 
loop_
_atom_type.symbol 
C 
N 
O 
S 
# 
loop_
_atom_site.group_PDB 
_atom_site.id 
_atom_site.type_symbol 
_atom_site.label_atom_id 
_atom_site.label_alt_id 
_atom_site.label_comp_id 
_atom_site.label_asym_id 
_atom_site.label_entity_id 
_atom_site.label_seq_id 
_atom_site.pdbx_PDB_ins_code 
_atom_site.Cartn_x 
_atom_site.Cartn_y 
_atom_site.Cartn_z 
_atom_site.occupancy 
_atom_site.B_iso_or_equiv 
_atom_site.pdbx_formal_charge 
_atom_site.auth_seq_id 
_atom_site.auth_comp_id 
_atom_site.auth_asym_id 
_atom_site.auth_atom_id 
_atom_site.pdbx_PDB_model_num 
ATOM   1    N N   . GLN A 1 6  ? -3.532  -6.643  -19.712 1.00 38.87 ? 3   GLN A N   1 
ATOM   2    C CA  . GLN A 1 6  ? -2.780  -7.035  -18.524 1.00 33.47 ? 3   GLN A CA  1 
ATOM   3    C C   . GLN A 1 6  ? -2.462  -5.837  -17.633 1.00 27.89 ? 3   GLN A C   1 
ATOM   4    O O   . GLN A 1 6  ? -2.028  -4.789  -18.120 1.00 32.94 ? 3   GLN A O   1 
ATOM   5    C CB  . GLN A 1 6  ? -1.481  -7.731  -18.923 1.00 33.39 ? 3   GLN A CB  1 
ATOM   6    C CG  . GLN A 1 6  ? -1.672  -8.902  -19.866 1.00 33.34 ? 3   GLN A CG  1 
ATOM   7    C CD  . GLN A 1 6  ? -0.490  -9.850  -19.854 1.00 36.40 ? 3   GLN A CD  1 
ATOM   8    O OE1 . GLN A 1 6  ? -0.048  -10.293 -18.793 1.00 38.43 ? 3   GLN A OE1 1 
ATOM   9    N NE2 . GLN A 1 6  ? 0.028   -10.166 -21.034 1.00 33.31 ? 3   GLN A NE2 1 
ATOM   10   N N   A ARG A 1 7  ? -2.665  -6.010  -16.327 0.55 29.09 ? 4   ARG A N   1 
ATOM   11   N N   B ARG A 1 7  ? -2.675  -5.991  -16.331 0.45 29.06 ? 4   ARG A N   1 
ATOM   12   C CA  A ARG A 1 7  ? -2.405  -4.965  -15.339 0.55 23.19 ? 4   ARG A CA  1 
ATOM   13   C CA  B ARG A 1 7  ? -2.438  -4.902  -15.387 0.45 23.25 ? 4   ARG A CA  1 
ATOM   14   C C   A ARG A 1 7  ? -0.907  -4.766  -15.117 0.55 22.21 ? 4   ARG A C   1 
ATOM   15   C C   B ARG A 1 7  ? -0.955  -4.740  -15.038 0.45 22.22 ? 4   ARG A C   1 
ATOM   16   O O   A ARG A 1 7  ? -0.181  -5.733  -14.879 0.55 24.52 ? 4   ARG A O   1 
ATOM   17   O O   B ARG A 1 7  ? -0.287  -5.703  -14.653 0.45 24.20 ? 4   ARG A O   1 
ATOM   18   C CB  A ARG A 1 7  ? -3.065  -5.323  -14.002 0.55 29.22 ? 4   ARG A CB  1 
ATOM   19   C CB  B ARG A 1 7  ? -3.292  -5.104  -14.128 0.45 28.47 ? 4   ARG A CB  1 
ATOM   20   C CG  A ARG A 1 7  ? -4.128  -4.339  -13.522 0.55 22.43 ? 4   ARG A CG  1 
ATOM   21   C CG  B ARG A 1 7  ? -2.872  -4.287  -12.925 0.45 18.49 ? 4   ARG A CG  1 
ATOM   22   C CD  A ARG A 1 7  ? -4.467  -4.576  -12.051 0.55 20.33 ? 4   ARG A CD  1 
ATOM   23   C CD  B ARG A 1 7  ? -2.146  -5.161  -11.917 0.45 26.60 ? 4   ARG A CD  1 
ATOM   24   N NE  A ARG A 1 7  ? -5.884  -4.363  -11.751 0.55 22.72 ? 4   ARG A NE  1 
ATOM   25   N NE  B ARG A 1 7  ? -2.988  -5.631  -10.816 0.45 32.53 ? 4   ARG A NE  1 
ATOM   26   C CZ  A ARG A 1 7  ? -6.588  -5.120  -10.915 0.55 20.48 ? 4   ARG A CZ  1 
ATOM   27   C CZ  B ARG A 1 7  ? -2.905  -6.845  -10.274 0.45 14.52 ? 4   ARG A CZ  1 
ATOM   28   N NH1 A ARG A 1 7  ? -6.009  -6.138  -10.292 0.55 17.60 ? 4   ARG A NH1 1 
ATOM   29   N NH1 B ARG A 1 7  ? -2.033  -7.724  -10.748 0.45 24.71 ? 4   ARG A NH1 1 
ATOM   30   N NH2 A ARG A 1 7  ? -7.873  -4.861  -10.696 0.55 22.04 ? 4   ARG A NH2 1 
ATOM   31   N NH2 B ARG A 1 7  ? -3.702  -7.185  -9.277  0.45 20.82 ? 4   ARG A NH2 1 
ATOM   32   N N   . ASP A 1 8  ? -0.451  -3.517  -15.193 1.00 18.21 ? 5   ASP A N   1 
ATOM   33   C CA  . ASP A 1 8  ? 0.946   -3.190  -14.892 1.00 18.91 ? 5   ASP A CA  1 
ATOM   34   C C   . ASP A 1 8  ? 1.103   -3.141  -13.385 1.00 20.38 ? 5   ASP A C   1 
ATOM   35   O O   . ASP A 1 8  ? 0.181   -2.705  -12.691 1.00 21.22 ? 5   ASP A O   1 
ATOM   36   C CB  . ASP A 1 8  ? 1.317   -1.797  -15.412 1.00 20.46 ? 5   ASP A CB  1 
ATOM   37   C CG  . ASP A 1 8  ? 1.492   -1.734  -16.919 1.00 24.96 ? 5   ASP A CG  1 
ATOM   38   O OD1 . ASP A 1 8  ? 1.406   -2.781  -17.599 1.00 28.58 ? 5   ASP A OD1 1 
ATOM   39   O OD2 . ASP A 1 8  ? 1.742   -0.613  -17.425 1.00 24.72 ? 5   ASP A OD2 1 
ATOM   40   N N   . ILE A 1 9  ? 2.268   -3.553  -12.883 1.00 13.11 ? 6   ILE A N   1 
ATOM   41   C CA  . ILE A 1 9  ? 2.609   -3.390  -11.464 1.00 11.73 ? 6   ILE A CA  1 
ATOM   42   C C   . ILE A 1 9  ? 3.625   -2.263  -11.360 1.00 12.62 ? 6   ILE A C   1 
ATOM   43   O O   . ILE A 1 9  ? 4.651   -2.280  -12.049 1.00 13.01 ? 6   ILE A O   1 
ATOM   44   C CB  . ILE A 1 9  ? 3.254   -4.647  -10.864 1.00 15.62 ? 6   ILE A CB  1 
ATOM   45   C CG1 . ILE A 1 9  ? 2.387   -5.876  -11.130 1.00 15.65 ? 6   ILE A CG1 1 
ATOM   46   C CG2 . ILE A 1 9  ? 3.493   -4.450  -9.368  1.00 16.86 ? 6   ILE A CG2 1 
ATOM   47   C CD1 . ILE A 1 9  ? 0.966   -5.724  -10.668 1.00 25.07 ? 6   ILE A CD1 1 
ATOM   48   N N   A GLU A 1 10 ? 3.343   -1.277  -10.513 0.60 10.54 ? 7   GLU A N   1 
ATOM   49   N N   B GLU A 1 10 ? 3.349   -1.297  -10.488 0.40 10.56 ? 7   GLU A N   1 
ATOM   50   C CA  A GLU A 1 10 ? 4.193   -0.097  -10.415 0.60 11.51 ? 7   GLU A CA  1 
ATOM   51   C CA  B GLU A 1 10 ? 4.153   -0.084  -10.406 0.40 11.56 ? 7   GLU A CA  1 
ATOM   52   C C   A GLU A 1 10 ? 4.547   0.228   -8.976  0.60 11.73 ? 7   GLU A C   1 
ATOM   53   C C   B GLU A 1 10 ? 4.524   0.266   -8.969  0.40 11.76 ? 7   GLU A C   1 
ATOM   54   O O   A GLU A 1 10 ? 3.804   -0.103  -8.048  0.60 11.53 ? 7   GLU A O   1 
ATOM   55   O O   B GLU A 1 10 ? 3.779   -0.025  -8.030  0.40 11.55 ? 7   GLU A O   1 
ATOM   56   C CB  A GLU A 1 10 ? 3.492   1.112   -11.042 0.60 11.57 ? 7   GLU A CB  1 
ATOM   57   C CB  B GLU A 1 10 ? 3.389   1.084   -11.041 0.40 11.62 ? 7   GLU A CB  1 
ATOM   58   C CG  A GLU A 1 10 ? 2.907   0.827   -12.410 0.60 11.44 ? 7   GLU A CG  1 
ATOM   59   C CG  B GLU A 1 10 ? 4.241   2.299   -11.376 0.40 11.38 ? 7   GLU A CG  1 
ATOM   60   C CD  A GLU A 1 10 ? 2.165   2.004   -12.998 0.60 14.13 ? 7   GLU A CD  1 
ATOM   61   C CD  B GLU A 1 10 ? 3.537   3.270   -12.313 0.40 15.47 ? 7   GLU A CD  1 
ATOM   62   O OE1 A GLU A 1 10 ? 1.964   3.011   -12.286 0.60 17.38 ? 7   GLU A OE1 1 
ATOM   63   O OE1 B GLU A 1 10 ? 2.310   3.472   -12.173 0.40 15.54 ? 7   GLU A OE1 1 
ATOM   64   O OE2 A GLU A 1 10 ? 1.783   1.919   -14.187 0.60 15.21 ? 7   GLU A OE2 1 
ATOM   65   O OE2 B GLU A 1 10 ? 4.217   3.828   -13.199 0.40 21.74 ? 7   GLU A OE2 1 
ATOM   66   N N   . TYR A 1 11 ? 5.687   0.891   -8.808  1.00 12.00 ? 8   TYR A N   1 
ATOM   67   C CA  . TYR A 1 11 ? 6.121   1.392   -7.513  1.00 11.99 ? 8   TYR A CA  1 
ATOM   68   C C   . TYR A 1 11 ? 6.512   2.836   -7.739  1.00 16.85 ? 8   TYR A C   1 
ATOM   69   O O   . TYR A 1 11 ? 7.285   3.139   -8.646  1.00 16.61 ? 8   TYR A O   1 
ATOM   70   C CB  . TYR A 1 11 ? 7.329   0.583   -7.006  1.00 17.00 ? 8   TYR A CB  1 
ATOM   71   C CG  . TYR A 1 11 ? 7.090   -0.917  -7.020  1.00 20.22 ? 8   TYR A CG  1 
ATOM   72   C CD1 . TYR A 1 11 ? 6.664   -1.589  -5.879  1.00 16.81 ? 8   TYR A CD1 1 
ATOM   73   C CD2 . TYR A 1 11 ? 7.264   -1.661  -8.187  1.00 23.42 ? 8   TYR A CD2 1 
ATOM   74   C CE1 . TYR A 1 11 ? 6.434   -2.957  -5.897  1.00 22.61 ? 8   TYR A CE1 1 
ATOM   75   C CE2 . TYR A 1 11 ? 7.027   -3.024  -8.211  1.00 21.59 ? 8   TYR A CE2 1 
ATOM   76   C CZ  . TYR A 1 11 ? 6.619   -3.668  -7.067  1.00 26.03 ? 8   TYR A CZ  1 
ATOM   77   O OH  . TYR A 1 11 ? 6.397   -5.029  -7.103  1.00 40.01 ? 8   TYR A OH  1 
ATOM   78   N N   . SER A 1 12 ? 5.971   3.746   -6.944  1.00 12.66 ? 9   SER A N   1 
ATOM   79   C CA  . SER A 1 12 ? 6.423   5.125   -7.023  1.00 11.07 ? 9   SER A CA  1 
ATOM   80   C C   . SER A 1 12 ? 7.872   5.208   -6.533  1.00 11.57 ? 9   SER A C   1 
ATOM   81   O O   . SER A 1 12 ? 8.357   4.323   -5.811  1.00 14.15 ? 9   SER A O   1 
ATOM   82   C CB  . SER A 1 12 ? 5.528   6.020   -6.171  1.00 12.63 ? 9   SER A CB  1 
ATOM   83   O OG  . SER A 1 12 ? 5.805   5.819   -4.797  1.00 11.02 ? 9   SER A OG  1 
ATOM   84   N N   . GLY A 1 13 ? 8.569   6.275   -6.926  1.00 15.58 ? 10  GLY A N   1 
ATOM   85   C CA  . GLY A 1 13 ? 9.898   6.528   -6.399  1.00 18.22 ? 10  GLY A CA  1 
ATOM   86   C C   . GLY A 1 13 ? 9.882   6.596   -4.883  1.00 18.87 ? 10  GLY A C   1 
ATOM   87   O O   . GLY A 1 13 ? 10.768  6.058   -4.201  1.00 19.56 ? 10  GLY A O   1 
ATOM   88   N N   . GLN A 1 14 ? 8.849   7.233   -4.342  1.00 13.18 ? 11  GLN A N   1 
ATOM   89   C CA  . GLN A 1 14 ? 8.766   7.379   -2.901  1.00 11.77 ? 11  GLN A CA  1 
ATOM   90   C C   . GLN A 1 14 ? 8.559   6.027   -2.222  1.00 13.39 ? 11  GLN A C   1 
ATOM   91   O O   . GLN A 1 14 ? 9.031   5.820   -1.105  1.00 13.38 ? 11  GLN A O   1 
ATOM   92   C CB  . GLN A 1 14 ? 7.656   8.356   -2.508  1.00 14.79 ? 11  GLN A CB  1 
ATOM   93   C CG  . GLN A 1 14 ? 7.619   8.677   -1.015  1.00 14.14 ? 11  GLN A CG  1 
ATOM   94   C CD  . GLN A 1 14 ? 8.921   9.268   -0.506  1.00 20.43 ? 11  GLN A CD  1 
ATOM   95   O OE1 . GLN A 1 14 ? 9.535   10.114  -1.162  1.00 24.02 ? 11  GLN A OE1 1 
ATOM   96   N NE2 . GLN A 1 14 ? 9.356   8.821   0.668   1.00 16.47 ? 11  GLN A NE2 1 
ATOM   97   N N   . TYR A 1 15 ? 7.869   5.109   -2.892  1.00 12.31 ? 12  TYR A N   1 
ATOM   98   C CA  . TYR A 1 15 ? 7.570   3.816   -2.279  1.00 12.45 ? 12  TYR A CA  1 
ATOM   99   C C   . TYR A 1 15 ? 8.831   3.048   -1.893  1.00 11.17 ? 12  TYR A C   1 
ATOM   100  O O   . TYR A 1 15 ? 8.902   2.484   -0.802  1.00 11.72 ? 12  TYR A O   1 
ATOM   101  C CB  . TYR A 1 15 ? 6.683   2.957   -3.181  1.00 11.47 ? 12  TYR A CB  1 
ATOM   102  C CG  . TYR A 1 15 ? 6.151   1.738   -2.457  1.00 8.69  ? 12  TYR A CG  1 
ATOM   103  C CD1 . TYR A 1 15 ? 5.159   1.872   -1.494  1.00 8.82  ? 12  TYR A CD1 1 
ATOM   104  C CD2 . TYR A 1 15 ? 6.646   0.470   -2.719  1.00 10.50 ? 12  TYR A CD2 1 
ATOM   105  C CE1 . TYR A 1 15 ? 4.672   0.784   -0.820  1.00 9.33  ? 12  TYR A CE1 1 
ATOM   106  C CE2 . TYR A 1 15 ? 6.161   -0.643  -2.046  1.00 9.53  ? 12  TYR A CE2 1 
ATOM   107  C CZ  . TYR A 1 15 ? 5.166   -0.471  -1.093  1.00 10.02 ? 12  TYR A CZ  1 
ATOM   108  O OH  . TYR A 1 15 ? 4.644   -1.545  -0.391  1.00 12.06 ? 12  TYR A OH  1 
ATOM   109  N N   . SER A 1 16 ? 9.829   3.026   -2.771  1.00 12.49 ? 13  SER A N   1 
ATOM   110  C CA  . SER A 1 16 ? 11.076  2.330   -2.440  1.00 12.46 ? 13  SER A CA  1 
ATOM   111  C C   . SER A 1 16 ? 11.778  2.926   -1.206  1.00 10.91 ? 13  SER A C   1 
ATOM   112  O O   . SER A 1 16 ? 12.300  2.183   -0.340  1.00 13.86 ? 13  SER A O   1 
ATOM   113  C CB  . SER A 1 16 ? 12.019  2.305   -3.647  1.00 25.14 ? 13  SER A CB  1 
ATOM   114  O OG  . SER A 1 16 ? 11.459  1.532   -4.699  1.00 29.31 ? 13  SER A OG  1 
ATOM   115  N N   . LYS A 1 17 ? 11.752  4.255   -1.110  1.00 13.21 ? 14  LYS A N   1 
ATOM   116  C CA  . LYS A 1 17 ? 12.296  4.947   0.058   1.00 12.57 ? 14  LYS A CA  1 
ATOM   117  C C   . LYS A 1 17 ? 11.524  4.542   1.309   1.00 11.01 ? 14  LYS A C   1 
ATOM   118  O O   . LYS A 1 17 ? 12.111  4.272   2.361   1.00 12.82 ? 14  LYS A O   1 
ATOM   119  C CB  . LYS A 1 17 ? 12.233  6.466   -0.133  1.00 11.92 ? 14  LYS A CB  1 
ATOM   120  C CG  . LYS A 1 17 ? 13.101  7.004   -1.256  1.00 18.76 ? 14  LYS A CG  1 
ATOM   121  C CD  . LYS A 1 17 ? 12.967  8.516   -1.338  1.00 22.32 ? 14  LYS A CD  1 
ATOM   122  C CE  . LYS A 1 17 ? 13.770  9.083   -2.498  1.00 41.40 ? 14  LYS A CE  1 
ATOM   123  N NZ  . LYS A 1 17 ? 13.496  10.539  -2.698  1.00 43.62 ? 14  LYS A NZ  1 
ATOM   124  N N   . ASP A 1 18 ? 10.201  4.493   1.183   1.00 11.68 ? 15  ASP A N   1 
ATOM   125  C CA  . ASP A 1 18 ? 9.346   4.154   2.315   1.00 10.54 ? 15  ASP A CA  1 
ATOM   126  C C   . ASP A 1 18 ? 9.620   2.730   2.799   1.00 9.42  ? 15  ASP A C   1 
ATOM   127  O O   . ASP A 1 18 ? 9.637   2.458   4.007   1.00 10.22 ? 15  ASP A O   1 
ATOM   128  C CB  . ASP A 1 18 ? 7.871   4.278   1.921   1.00 9.94  ? 15  ASP A CB  1 
ATOM   129  C CG  . ASP A 1 18 ? 7.390   5.708   1.831   1.00 11.56 ? 15  ASP A CG  1 
ATOM   130  O OD1 . ASP A 1 18 ? 8.114   6.665   2.213   1.00 11.23 ? 15  ASP A OD1 1 
ATOM   131  O OD2 . ASP A 1 18 ? 6.231   5.890   1.404   1.00 10.81 ? 15  ASP A OD2 1 
ATOM   132  N N   . VAL A 1 19 ? 9.808   1.809   1.857   1.00 10.00 ? 16  VAL A N   1 
ATOM   133  C CA  . VAL A 1 19 ? 10.100  0.427   2.200   1.00 11.60 ? 16  VAL A CA  1 
ATOM   134  C C   . VAL A 1 19 ? 11.442  0.335   2.930   1.00 11.97 ? 16  VAL A C   1 
ATOM   135  O O   . VAL A 1 19 ? 11.557  -0.353  3.958   1.00 12.04 ? 16  VAL A O   1 
ATOM   136  C CB  . VAL A 1 19 ? 10.082  -0.480  0.955   1.00 11.31 ? 16  VAL A CB  1 
ATOM   137  C CG1 . VAL A 1 19 ? 10.695  -1.830  1.275   1.00 16.88 ? 16  VAL A CG1 1 
ATOM   138  C CG2 . VAL A 1 19 ? 8.657   -0.646  0.448   1.00 13.21 ? 16  VAL A CG2 1 
ATOM   139  N N   . LYS A 1 20 ? 12.440  1.058   2.423   1.00 11.95 ? 17  LYS A N   1 
ATOM   140  C CA  . LYS A 1 20 ? 13.745  1.070   3.101   1.00 14.29 ? 17  LYS A CA  1 
ATOM   141  C C   . LYS A 1 20 ? 13.663  1.636   4.523   1.00 13.13 ? 17  LYS A C   1 
ATOM   142  O O   . LYS A 1 20 ? 14.303  1.119   5.445   1.00 14.52 ? 17  LYS A O   1 
ATOM   143  C CB  . LYS A 1 20 ? 14.788  1.816   2.266   1.00 15.23 ? 17  LYS A CB  1 
ATOM   144  C CG  . LYS A 1 20 ? 15.172  1.077   0.994   1.00 20.88 ? 17  LYS A CG  1 
ATOM   145  C CD  . LYS A 1 20 ? 16.264  1.809   0.224   1.00 31.06 ? 17  LYS A CD  1 
ATOM   146  C CE  . LYS A 1 20 ? 16.646  1.069   -1.057  1.00 42.35 ? 17  LYS A CE  1 
ATOM   147  N NZ  . LYS A 1 20 ? 15.713  1.358   -2.184  1.00 43.97 ? 17  LYS A NZ  1 
ATOM   148  N N   . LEU A 1 21 ? 12.859  2.686   4.701   1.00 13.85 ? 18  LEU A N   1 
ATOM   149  C CA  . LEU A 1 21 ? 12.654  3.266   6.026   1.00 9.29  ? 18  LEU A CA  1 
ATOM   150  C C   . LEU A 1 21 ? 11.956  2.283   6.967   1.00 10.92 ? 18  LEU A C   1 
ATOM   151  O O   . LEU A 1 21 ? 12.321  2.176   8.147   1.00 13.30 ? 18  LEU A O   1 
ATOM   152  C CB  . LEU A 1 21 ? 11.867  4.574   5.926   1.00 11.84 ? 18  LEU A CB  1 
ATOM   153  C CG  . LEU A 1 21 ? 11.792  5.402   7.209   1.00 17.59 ? 18  LEU A CG  1 
ATOM   154  C CD1 . LEU A 1 21 ? 13.197  5.777   7.658   1.00 18.52 ? 18  LEU A CD1 1 
ATOM   155  C CD2 . LEU A 1 21 ? 10.962  6.649   6.981   1.00 16.07 ? 18  LEU A CD2 1 
ATOM   156  N N   . ALA A 1 22 ? 10.957  1.563   6.464   1.00 11.07 ? 19  ALA A N   1 
ATOM   157  C CA  . ALA A 1 22 ? 10.280  0.565   7.292   1.00 11.89 ? 19  ALA A CA  1 
ATOM   158  C C   . ALA A 1 22 ? 11.253  -0.526  7.722   1.00 13.10 ? 19  ALA A C   1 
ATOM   159  O O   . ALA A 1 22 ? 11.232  -0.969  8.877   1.00 12.51 ? 19  ALA A O   1 
ATOM   160  C CB  . ALA A 1 22 ? 9.093   -0.037  6.546   1.00 12.10 ? 19  ALA A CB  1 
ATOM   161  N N   . GLN A 1 23 ? 12.108  -0.950  6.793   1.00 12.37 ? 20  GLN A N   1 
ATOM   162  C CA  . GLN A 1 23 ? 13.127  -1.948  7.117   1.00 15.52 ? 20  GLN A CA  1 
ATOM   163  C C   . GLN A 1 23 ? 14.039  -1.425  8.228   1.00 14.30 ? 20  GLN A C   1 
ATOM   164  O O   . GLN A 1 23 ? 14.265  -2.117  9.234   1.00 14.53 ? 20  GLN A O   1 
ATOM   165  C CB  . GLN A 1 23 ? 13.950  -2.292  5.871   1.00 14.83 ? 20  GLN A CB  1 
ATOM   166  C CG  . GLN A 1 23 ? 13.191  -3.086  4.825   1.00 22.74 ? 20  GLN A CG  1 
ATOM   167  C CD  . GLN A 1 23 ? 13.921  -3.155  3.495   1.00 33.69 ? 20  GLN A CD  1 
ATOM   168  O OE1 . GLN A 1 23 ? 14.776  -2.319  3.193   1.00 28.94 ? 20  GLN A OE1 1 
ATOM   169  N NE2 . GLN A 1 23 ? 13.579  -4.152  2.686   1.00 37.70 ? 20  GLN A NE2 1 
ATOM   170  N N   . LYS A 1 24 ? 14.533  -0.196  8.050   1.00 13.19 ? 21  LYS A N   1 
ATOM   171  C CA  . LYS A 1 24 ? 15.439  0.442   9.010   1.00 14.27 ? 21  LYS A CA  1 
ATOM   172  C C   . LYS A 1 24 ? 14.810  0.551   10.402  1.00 13.95 ? 21  LYS A C   1 
ATOM   173  O O   . LYS A 1 24 ? 15.500  0.427   11.424  1.00 17.68 ? 21  LYS A O   1 
ATOM   174  C CB  . LYS A 1 24 ? 15.841  1.830   8.499   1.00 17.76 ? 21  LYS A CB  1 
ATOM   175  C CG  . LYS A 1 24 ? 16.771  2.600   9.426   1.00 23.76 ? 21  LYS A CG  1 
ATOM   176  C CD  . LYS A 1 24 ? 17.215  3.906   8.788   1.00 25.56 ? 21  LYS A CD  1 
ATOM   177  C CE  . LYS A 1 24 ? 18.140  4.689   9.713   1.00 35.52 ? 21  LYS A CE  1 
ATOM   178  N NZ  . LYS A 1 24 ? 18.797  5.824   9.005   1.00 43.09 ? 21  LYS A NZ  1 
ATOM   179  N N   . ARG A 1 25 ? 13.502  0.786   10.433  1.00 12.00 ? 22  ARG A N   1 
ATOM   180  C CA  . ARG A 1 25 ? 12.786  0.986   11.693  1.00 12.57 ? 22  ARG A CA  1 
ATOM   181  C C   . ARG A 1 25 ? 12.267  -0.308  12.311  1.00 12.84 ? 22  ARG A C   1 
ATOM   182  O O   . ARG A 1 25 ? 11.456  -0.274  13.244  1.00 15.15 ? 22  ARG A O   1 
ATOM   183  C CB  . ARG A 1 25 ? 11.656  2.014   11.506  1.00 12.58 ? 22  ARG A CB  1 
ATOM   184  C CG  . ARG A 1 25 ? 12.191  3.423   11.292  1.00 13.73 ? 22  ARG A CG  1 
ATOM   185  C CD  . ARG A 1 25 ? 11.103  4.461   11.163  1.00 14.58 ? 22  ARG A CD  1 
ATOM   186  N NE  . ARG A 1 25 ? 11.674  5.791   10.942  1.00 13.48 ? 22  ARG A NE  1 
ATOM   187  C CZ  . ARG A 1 25 ? 10.955  6.853   10.590  1.00 15.43 ? 22  ARG A CZ  1 
ATOM   188  N NH1 . ARG A 1 25 ? 9.649   6.732   10.433  1.00 15.31 ? 22  ARG A NH1 1 
ATOM   189  N NH2 . ARG A 1 25 ? 11.541  8.031   10.400  1.00 18.89 ? 22  ARG A NH2 1 
ATOM   190  N N   . HIS A 1 26 ? 12.758  -1.441  11.801  1.00 12.80 ? 23  HIS A N   1 
ATOM   191  C CA  . HIS A 1 26 ? 12.506  -2.767  12.379  1.00 12.66 ? 23  HIS A CA  1 
ATOM   192  C C   . HIS A 1 26 ? 11.064  -3.244  12.243  1.00 11.43 ? 23  HIS A C   1 
ATOM   193  O O   . HIS A 1 26 ? 10.588  -4.070  13.037  1.00 12.68 ? 23  HIS A O   1 
ATOM   194  C CB  . HIS A 1 26 ? 12.944  -2.834  13.847  1.00 12.05 ? 23  HIS A CB  1 
ATOM   195  C CG  . HIS A 1 26 ? 14.300  -2.255  14.099  1.00 12.78 ? 23  HIS A CG  1 
ATOM   196  N ND1 . HIS A 1 26 ? 15.458  -2.874  13.686  1.00 16.76 ? 23  HIS A ND1 1 
ATOM   197  C CD2 . HIS A 1 26 ? 14.683  -1.113  14.719  1.00 13.03 ? 23  HIS A CD2 1 
ATOM   198  C CE1 . HIS A 1 26 ? 16.499  -2.138  14.041  1.00 19.07 ? 23  HIS A CE1 1 
ATOM   199  N NE2 . HIS A 1 26 ? 16.056  -1.067  14.671  1.00 16.50 ? 23  HIS A NE2 1 
ATOM   200  N N   . LYS A 1 27 ? 10.364  -2.735  11.231  1.00 12.19 ? 24  LYS A N   1 
ATOM   201  C CA  . LYS A 1 27 ? 9.020   -3.231  10.951  1.00 10.25 ? 24  LYS A CA  1 
ATOM   202  C C   . LYS A 1 27 ? 9.076   -4.665  10.443  1.00 12.06 ? 24  LYS A C   1 
ATOM   203  O O   . LYS A 1 27 ? 10.065  -5.077  9.823   1.00 12.46 ? 24  LYS A O   1 
ATOM   204  C CB  . LYS A 1 27 ? 8.306   -2.347  9.918   1.00 11.48 ? 24  LYS A CB  1 
ATOM   205  C CG  . LYS A 1 27 ? 8.164   -0.872  10.304  1.00 11.41 ? 24  LYS A CG  1 
ATOM   206  C CD  . LYS A 1 27 ? 7.479   -0.675  11.652  1.00 12.35 ? 24  LYS A CD  1 
ATOM   207  C CE  . LYS A 1 27 ? 6.111   -1.335  11.704  1.00 10.56 ? 24  LYS A CE  1 
ATOM   208  N NZ  . LYS A 1 27 ? 5.491   -1.126  13.052  1.00 14.92 ? 24  LYS A NZ  1 
ATOM   209  N N   . ASP A 1 28 ? 8.012   -5.418  10.711  1.00 11.08 ? 25  ASP A N   1 
ATOM   210  C CA  . ASP A 1 28 ? 7.888   -6.790  10.218  1.00 13.48 ? 25  ASP A CA  1 
ATOM   211  C C   . ASP A 1 28 ? 7.572   -6.778  8.722   1.00 12.05 ? 25  ASP A C   1 
ATOM   212  O O   . ASP A 1 28 ? 6.403   -6.700  8.322   1.00 12.12 ? 25  ASP A O   1 
ATOM   213  C CB  . ASP A 1 28 ? 6.777   -7.505  10.989  1.00 14.71 ? 25  ASP A CB  1 
ATOM   214  C CG  . ASP A 1 28 ? 6.638   -8.965  10.614  1.00 17.15 ? 25  ASP A CG  1 
ATOM   215  O OD1 . ASP A 1 28 ? 7.312   -9.424  9.666   1.00 18.44 ? 25  ASP A OD1 1 
ATOM   216  O OD2 . ASP A 1 28 ? 5.826   -9.656  11.271  1.00 20.33 ? 25  ASP A OD2 1 
ATOM   217  N N   . MET A 1 29 ? 8.609   -6.873  7.897   1.00 12.12 ? 26  MET A N   1 
ATOM   218  C CA  . MET A 1 29 ? 8.443   -6.710  6.455   1.00 11.32 ? 26  MET A CA  1 
ATOM   219  C C   . MET A 1 29 ? 7.603   -7.806  5.803   1.00 11.99 ? 26  MET A C   1 
ATOM   220  O O   . MET A 1 29 ? 6.989   -7.581  4.752   1.00 11.88 ? 26  MET A O   1 
ATOM   221  C CB  . MET A 1 29 ? 9.804   -6.579  5.766   1.00 12.07 ? 26  MET A CB  1 
ATOM   222  C CG  . MET A 1 29 ? 10.648  -5.414  6.298   1.00 11.44 ? 26  MET A CG  1 
ATOM   223  S SD  . MET A 1 29 ? 9.784   -3.817  6.295   1.00 13.35 ? 26  MET A SD  1 
ATOM   224  C CE  . MET A 1 29 ? 9.585   -3.520  4.546   1.00 14.56 ? 26  MET A CE  1 
ATOM   225  N N   . ASN A 1 30 ? 7.553   -8.976  6.429   1.00 12.52 ? 27  ASN A N   1 
ATOM   226  C CA  . ASN A 1 30 ? 6.723   -10.053 5.888   1.00 12.54 ? 27  ASN A CA  1 
ATOM   227  C C   . ASN A 1 30 ? 5.241   -9.675  5.792   1.00 11.56 ? 27  ASN A C   1 
ATOM   228  O O   . ASN A 1 30 ? 4.540   -10.146 4.895   1.00 12.91 ? 27  ASN A O   1 
ATOM   229  C CB  . ASN A 1 30 ? 6.906   -11.354 6.679   1.00 15.92 ? 27  ASN A CB  1 
ATOM   230  C CG  . ASN A 1 30 ? 8.200   -12.075 6.328   1.00 22.02 ? 27  ASN A CG  1 
ATOM   231  O OD1 . ASN A 1 30 ? 8.805   -11.823 5.283   1.00 24.33 ? 27  ASN A OD1 1 
ATOM   232  N ND2 . ASN A 1 30 ? 8.622   -12.986 7.199   1.00 32.81 ? 27  ASN A ND2 1 
ATOM   233  N N   . LYS A 1 31 ? 4.764   -8.827  6.704   1.00 11.87 ? 28  LYS A N   1 
ATOM   234  C CA  . LYS A 1 31 ? 3.355   -8.402  6.665   1.00 9.26  ? 28  LYS A CA  1 
ATOM   235  C C   . LYS A 1 31 ? 3.058   -7.567  5.411   1.00 10.23 ? 28  LYS A C   1 
ATOM   236  O O   . LYS A 1 31 ? 2.027   -7.747  4.717   1.00 12.56 ? 28  LYS A O   1 
ATOM   237  C CB  . LYS A 1 31 ? 2.986   -7.635  7.939   1.00 11.22 ? 28  LYS A CB  1 
ATOM   238  C CG  . LYS A 1 31 ? 3.017   -8.481  9.210   1.00 13.07 ? 28  LYS A CG  1 
ATOM   239  C CD  . LYS A 1 31 ? 2.493   -7.689  10.404  1.00 13.43 ? 28  LYS A CD  1 
ATOM   240  C CE  . LYS A 1 31 ? 2.338   -8.590  11.618  1.00 23.43 ? 28  LYS A CE  1 
ATOM   241  N NZ  . LYS A 1 31 ? 1.687   -7.865  12.748  1.00 29.33 ? 28  LYS A NZ  1 
ATOM   242  N N   . LEU A 1 32 ? 4.001   -6.682  5.087   1.00 10.25 ? 29  LEU A N   1 
ATOM   243  C CA  . LEU A 1 32 ? 3.856   -5.849  3.908   1.00 9.93  ? 29  LEU A CA  1 
ATOM   244  C C   . LEU A 1 32 ? 3.956   -6.719  2.675   1.00 10.03 ? 29  LEU A C   1 
ATOM   245  O O   . LEU A 1 32 ? 3.153   -6.590  1.761   1.00 10.68 ? 29  LEU A O   1 
ATOM   246  C CB  . LEU A 1 32 ? 4.916   -4.741  3.870   1.00 11.85 ? 29  LEU A CB  1 
ATOM   247  C CG  . LEU A 1 32 ? 4.841   -3.846  2.634   1.00 8.96  ? 29  LEU A CG  1 
ATOM   248  C CD1 . LEU A 1 32 ? 3.506   -3.112  2.598   1.00 11.31 ? 29  LEU A CD1 1 
ATOM   249  C CD2 . LEU A 1 32 ? 5.992   -2.851  2.629   1.00 12.40 ? 29  LEU A CD2 1 
ATOM   250  N N   . LYS A 1 33 ? 4.938   -7.620  2.656   1.00 11.51 ? 30  LYS A N   1 
ATOM   251  C CA  . LYS A 1 33 ? 5.086   -8.542  1.524   1.00 12.47 ? 30  LYS A CA  1 
ATOM   252  C C   . LYS A 1 33 ? 3.824   -9.365  1.266   1.00 11.28 ? 30  LYS A C   1 
ATOM   253  O O   . LYS A 1 33 ? 3.398   -9.526  0.116   1.00 12.54 ? 30  LYS A O   1 
ATOM   254  C CB  . LYS A 1 33 ? 6.288   -9.461  1.749   1.00 12.45 ? 30  LYS A CB  1 
ATOM   255  C CG  . LYS A 1 33 ? 7.613   -8.719  1.728   1.00 24.44 ? 30  LYS A CG  1 
ATOM   256  C CD  . LYS A 1 33 ? 8.801   -9.660  1.870   1.00 29.43 ? 30  LYS A CD  1 
ATOM   257  C CE  . LYS A 1 33 ? 10.109  -8.880  1.872   1.00 30.79 ? 30  LYS A CE  1 
ATOM   258  N NZ  . LYS A 1 33 ? 11.292  -9.782  1.971   1.00 47.85 ? 30  LYS A NZ  1 
ATOM   259  N N   . TYR A 1 34 ? 3.209   -9.852  2.337   1.00 10.26 ? 31  TYR A N   1 
ATOM   260  C CA  . TYR A 1 34 ? 2.007   -10.664 2.196   1.00 10.59 ? 31  TYR A CA  1 
ATOM   261  C C   . TYR A 1 34 ? 0.880   -9.846  1.567   1.00 11.86 ? 31  TYR A C   1 
ATOM   262  O O   . TYR A 1 34 ? 0.211   -10.302 0.607   1.00 11.97 ? 31  TYR A O   1 
ATOM   263  C CB  . TYR A 1 34 ? 1.579   -11.249 3.544   1.00 12.69 ? 31  TYR A CB  1 
ATOM   264  C CG  . TYR A 1 34 ? 0.426   -12.214 3.429   1.00 15.03 ? 31  TYR A CG  1 
ATOM   265  C CD1 . TYR A 1 34 ? 0.648   -13.557 3.155   1.00 18.82 ? 31  TYR A CD1 1 
ATOM   266  C CD2 . TYR A 1 34 ? -0.884  -11.786 3.587   1.00 13.04 ? 31  TYR A CD2 1 
ATOM   267  C CE1 . TYR A 1 34 ? -0.402  -14.444 3.041   1.00 20.18 ? 31  TYR A CE1 1 
ATOM   268  C CE2 . TYR A 1 34 ? -1.942  -12.667 3.466   1.00 14.02 ? 31  TYR A CE2 1 
ATOM   269  C CZ  . TYR A 1 34 ? -1.694  -13.991 3.200   1.00 21.76 ? 31  TYR A CZ  1 
ATOM   270  O OH  . TYR A 1 34 ? -2.749  -14.863 3.087   1.00 20.64 ? 31  TYR A OH  1 
ATOM   271  N N   . LEU A 1 35 ? 0.673   -8.633  2.094   1.00 9.41  ? 32  LEU A N   1 
ATOM   272  C CA  . LEU A 1 35 ? -0.380  -7.783  1.530   1.00 10.14 ? 32  LEU A CA  1 
ATOM   273  C C   . LEU A 1 35 ? -0.128  -7.421  0.049   1.00 9.40  ? 32  LEU A C   1 
ATOM   274  O O   . LEU A 1 35 ? -1.035  -7.468  -0.819  1.00 11.08 ? 32  LEU A O   1 
ATOM   275  C CB  . LEU A 1 35 ? -0.523  -6.529  2.393   1.00 8.45  ? 32  LEU A CB  1 
ATOM   276  C CG  . LEU A 1 35 ? -1.417  -5.414  1.863   1.00 8.10  ? 32  LEU A CG  1 
ATOM   277  C CD1 . LEU A 1 35 ? -2.831  -5.924  1.648   1.00 11.47 ? 32  LEU A CD1 1 
ATOM   278  C CD2 . LEU A 1 35 ? -1.406  -4.242  2.854   1.00 9.68  ? 32  LEU A CD2 1 
ATOM   279  N N   . MET A 1 36 ? 1.120   -7.057  -0.240  1.00 10.11 ? 33  MET A N   1 
ATOM   280  C CA  . MET A 1 36 ? 1.513   -6.730  -1.601  1.00 11.59 ? 33  MET A CA  1 
ATOM   281  C C   . MET A 1 36 ? 1.240   -7.884  -2.540  1.00 10.46 ? 33  MET A C   1 
ATOM   282  O O   . MET A 1 36 ? 0.763   -7.670  -3.647  1.00 10.83 ? 33  MET A O   1 
ATOM   283  C CB  . MET A 1 36 ? 2.994   -6.349  -1.659  1.00 11.05 ? 33  MET A CB  1 
ATOM   284  C CG  . MET A 1 36 ? 3.299   -5.005  -1.023  1.00 10.94 ? 33  MET A CG  1 
ATOM   285  S SD  . MET A 1 36 ? 5.043   -4.603  -1.145  1.00 12.41 ? 33  MET A SD  1 
ATOM   286  C CE  . MET A 1 36 ? 5.196   -4.355  -2.904  1.00 15.26 ? 33  MET A CE  1 
ATOM   287  N N   . THR A 1 37 ? 1.537   -9.099  -2.085  1.00 10.75 ? 34  THR A N   1 
ATOM   288  C CA  . THR A 1 37 ? 1.333   -10.283 -2.912  1.00 11.00 ? 34  THR A CA  1 
ATOM   289  C C   . THR A 1 37 ? -0.147  -10.526 -3.172  1.00 12.77 ? 34  THR A C   1 
ATOM   290  O O   . THR A 1 37 ? -0.527  -10.857 -4.305  1.00 12.29 ? 34  THR A O   1 
ATOM   291  C CB  . THR A 1 37 ? 1.996   -11.523 -2.292  1.00 13.06 ? 34  THR A CB  1 
ATOM   292  O OG1 . THR A 1 37 ? 3.409   -11.298 -2.186  1.00 16.96 ? 34  THR A OG1 1 
ATOM   293  C CG2 . THR A 1 37 ? 1.745   -12.752 -3.161  1.00 12.95 ? 34  THR A CG2 1 
ATOM   294  N N   . LEU A 1 38 ? -0.988  -10.358 -2.151  1.00 11.00 ? 35  LEU A N   1 
ATOM   295  C CA  . LEU A 1 38 ? -2.432  -10.436 -2.410  1.00 11.76 ? 35  LEU A CA  1 
ATOM   296  C C   . LEU A 1 38 ? -2.853  -9.463  -3.509  1.00 11.32 ? 35  LEU A C   1 
ATOM   297  O O   . LEU A 1 38 ? -3.618  -9.812  -4.421  1.00 11.53 ? 35  LEU A O   1 
ATOM   298  C CB  . LEU A 1 38 ? -3.237  -10.127 -1.149  1.00 11.57 ? 35  LEU A CB  1 
ATOM   299  C CG  . LEU A 1 38 ? -3.188  -11.128 -0.002  1.00 12.10 ? 35  LEU A CG  1 
ATOM   300  C CD1 . LEU A 1 38 ? -4.017  -10.581 1.153   1.00 12.77 ? 35  LEU A CD1 1 
ATOM   301  C CD2 . LEU A 1 38 ? -3.722  -12.491 -0.436  1.00 14.29 ? 35  LEU A CD2 1 
ATOM   302  N N   . LEU A 1 39 ? -2.367  -8.227  -3.428  1.00 10.65 ? 36  LEU A N   1 
ATOM   303  C CA  . LEU A 1 39 ? -2.752  -7.250  -4.455  1.00 10.71 ? 36  LEU A CA  1 
ATOM   304  C C   . LEU A 1 39 ? -2.220  -7.582  -5.857  1.00 12.22 ? 36  LEU A C   1 
ATOM   305  O O   . LEU A 1 39 ? -2.943  -7.474  -6.855  1.00 12.91 ? 36  LEU A O   1 
ATOM   306  C CB  . LEU A 1 39 ? -2.330  -5.840  -4.037  1.00 10.12 ? 36  LEU A CB  1 
ATOM   307  C CG  . LEU A 1 39 ? -3.167  -5.283  -2.881  1.00 9.43  ? 36  LEU A CG  1 
ATOM   308  C CD1 . LEU A 1 39 ? -2.461  -4.115  -2.224  1.00 12.10 ? 36  LEU A CD1 1 
ATOM   309  C CD2 . LEU A 1 39 ? -4.555  -4.867  -3.389  1.00 11.01 ? 36  LEU A CD2 1 
ATOM   310  N N   . ILE A 1 40 ? -0.954  -7.980  -5.925  1.00 12.25 ? 37  ILE A N   1 
ATOM   311  C CA  . ILE A 1 40 ? -0.325  -8.342  -7.196  1.00 11.30 ? 37  ILE A CA  1 
ATOM   312  C C   . ILE A 1 40 ? -1.062  -9.499  -7.855  1.00 14.66 ? 37  ILE A C   1 
ATOM   313  O O   . ILE A 1 40 ? -1.255  -9.509  -9.078  1.00 15.97 ? 37  ILE A O   1 
ATOM   314  C CB  . ILE A 1 40 ? 1.153   -8.691  -6.974  1.00 10.77 ? 37  ILE A CB  1 
ATOM   315  C CG1 . ILE A 1 40 ? 1.941   -7.413  -6.675  1.00 13.89 ? 37  ILE A CG1 1 
ATOM   316  C CG2 . ILE A 1 40 ? 1.742   -9.393  -8.200  1.00 15.97 ? 37  ILE A CG2 1 
ATOM   317  C CD1 . ILE A 1 40 ? 3.301   -7.666  -6.067  1.00 14.22 ? 37  ILE A CD1 1 
ATOM   318  N N   . ASN A 1 41 ? -1.500  -10.459 -7.045  1.00 12.44 ? 38  ASN A N   1 
ATOM   319  C CA  . ASN A 1 41 ? -2.221  -11.623 -7.577  1.00 12.95 ? 38  ASN A CA  1 
ATOM   320  C C   . ASN A 1 41 ? -3.699  -11.367 -7.861  1.00 17.18 ? 38  ASN A C   1 
ATOM   321  O O   . ASN A 1 41 ? -4.407  -12.273 -8.322  1.00 19.16 ? 38  ASN A O   1 
ATOM   322  C CB  . ASN A 1 41 ? -2.075  -12.826 -6.644  1.00 14.26 ? 38  ASN A CB  1 
ATOM   323  C CG  . ASN A 1 41 ? -0.651  -13.349 -6.573  1.00 15.36 ? 38  ASN A CG  1 
ATOM   324  O OD1 . ASN A 1 41 ? 0.186   -13.031 -7.424  1.00 21.18 ? 38  ASN A OD1 1 
ATOM   325  N ND2 . ASN A 1 41 ? -0.372  -14.154 -5.557  1.00 16.24 ? 38  ASN A ND2 1 
ATOM   326  N N   . ASN A 1 42 ? -4.161  -10.144 -7.585  1.00 15.74 ? 39  ASN A N   1 
ATOM   327  C CA  . ASN A 1 42 ? -5.564  -9.767  -7.775  1.00 18.17 ? 39  ASN A CA  1 
ATOM   328  C C   . ASN A 1 42 ? -6.486  -10.638 -6.929  1.00 18.23 ? 39  ASN A C   1 
ATOM   329  O O   . ASN A 1 42 ? -7.588  -11.003 -7.353  1.00 15.39 ? 39  ASN A O   1 
ATOM   330  C CB  . ASN A 1 42 ? -5.958  -9.837  -9.260  1.00 19.47 ? 39  ASN A CB  1 
ATOM   331  C CG  . ASN A 1 42 ? -7.255  -9.112  -9.562  1.00 21.61 ? 39  ASN A CG  1 
ATOM   332  O OD1 . ASN A 1 42 ? -7.526  -8.046  -9.012  1.00 26.84 ? 39  ASN A OD1 1 
ATOM   333  N ND2 . ASN A 1 42 ? -8.066  -9.693  -10.440 1.00 34.49 ? 39  ASN A ND2 1 
ATOM   334  N N   . THR A 1 43 ? -6.032  -10.969 -5.725  1.00 14.98 ? 40  THR A N   1 
ATOM   335  C CA  . THR A 1 43 ? -6.799  -11.816 -4.828  1.00 12.92 ? 40  THR A CA  1 
ATOM   336  C C   . THR A 1 43 ? -7.719  -10.909 -4.016  1.00 14.10 ? 40  THR A C   1 
ATOM   337  O O   . THR A 1 43 ? -7.371  -10.468 -2.915  1.00 18.00 ? 40  THR A O   1 
ATOM   338  C CB  . THR A 1 43 ? -5.867  -12.628 -3.917  1.00 12.54 ? 40  THR A CB  1 
ATOM   339  O OG1 . THR A 1 43 ? -4.881  -13.287 -4.729  1.00 16.46 ? 40  THR A OG1 1 
ATOM   340  C CG2 . THR A 1 43 ? -6.651  -13.672 -3.132  1.00 15.21 ? 40  THR A CG2 1 
ATOM   341  N N   . LEU A 1 44 ? -8.893  -10.628 -4.573  1.00 14.29 ? 41  LEU A N   1 
ATOM   342  C CA  . LEU A 1 44 ? -9.803  -9.629  -4.031  1.00 14.08 ? 41  LEU A CA  1 
ATOM   343  C C   . LEU A 1 44 ? -11.147 -10.280 -3.713  1.00 15.76 ? 41  LEU A C   1 
ATOM   344  O O   . LEU A 1 44 ? -11.511 -11.276 -4.348  1.00 17.27 ? 41  LEU A O   1 
ATOM   345  C CB  . LEU A 1 44 ? -10.003 -8.497  -5.041  1.00 15.72 ? 41  LEU A CB  1 
ATOM   346  C CG  . LEU A 1 44 ? -8.756  -7.768  -5.544  1.00 14.79 ? 41  LEU A CG  1 
ATOM   347  C CD1 . LEU A 1 44 ? -9.163  -6.648  -6.485  1.00 17.55 ? 41  LEU A CD1 1 
ATOM   348  C CD2 . LEU A 1 44 ? -7.935  -7.221  -4.382  1.00 18.73 ? 41  LEU A CD2 1 
ATOM   349  N N   . PRO A 1 45 ? -11.888 -9.731  -2.732  1.00 13.90 ? 42  PRO A N   1 
ATOM   350  C CA  . PRO A 1 45 ? -11.526 -8.587  -1.882  1.00 14.20 ? 42  PRO A CA  1 
ATOM   351  C C   . PRO A 1 45 ? -10.496 -8.965  -0.825  1.00 12.10 ? 42  PRO A C   1 
ATOM   352  O O   . PRO A 1 45 ? -10.390 -10.128 -0.434  1.00 13.69 ? 42  PRO A O   1 
ATOM   353  C CB  . PRO A 1 45 ? -12.853 -8.210  -1.209  1.00 15.22 ? 42  PRO A CB  1 
ATOM   354  C CG  . PRO A 1 45 ? -13.629 -9.464  -1.193  1.00 17.14 ? 42  PRO A CG  1 
ATOM   355  C CD  . PRO A 1 45 ? -13.241 -10.236 -2.425  1.00 17.15 ? 42  PRO A CD  1 
ATOM   356  N N   . LEU A 1 46 ? -9.738  -7.975  -0.374  1.00 11.46 ? 43  LEU A N   1 
ATOM   357  C CA  . LEU A 1 46 ? -8.781  -8.199  0.700   1.00 10.40 ? 43  LEU A CA  1 
ATOM   358  C C   . LEU A 1 46 ? -9.492  -8.628  1.979   1.00 13.15 ? 43  LEU A C   1 
ATOM   359  O O   . LEU A 1 46 ? -10.648 -8.242  2.219   1.00 13.49 ? 43  LEU A O   1 
ATOM   360  C CB  . LEU A 1 46 ? -7.975  -6.922  0.967   1.00 12.24 ? 43  LEU A CB  1 
ATOM   361  C CG  . LEU A 1 46 ? -7.022  -6.416  -0.118  1.00 11.00 ? 43  LEU A CG  1 
ATOM   362  C CD1 . LEU A 1 46 ? -6.369  -5.092  0.312   1.00 13.66 ? 43  LEU A CD1 1 
ATOM   363  C CD2 . LEU A 1 46 ? -5.963  -7.468  -0.429  1.00 13.30 ? 43  LEU A CD2 1 
ATOM   364  N N   . PRO A 1 47 ? -8.811  -9.430  2.814   1.00 10.79 ? 44  PRO A N   1 
ATOM   365  C CA  . PRO A 1 47 ? -9.391  -9.780  4.116   1.00 9.97  ? 44  PRO A CA  1 
ATOM   366  C C   . PRO A 1 47 ? -9.781  -8.546  4.929   1.00 11.12 ? 44  PRO A C   1 
ATOM   367  O O   . PRO A 1 47 ? -9.147  -7.476  4.821   1.00 10.59 ? 44  PRO A O   1 
ATOM   368  C CB  . PRO A 1 47 ? -8.254  -10.528 4.816   1.00 12.41 ? 44  PRO A CB  1 
ATOM   369  C CG  . PRO A 1 47 ? -7.486  -11.163 3.684   1.00 11.73 ? 44  PRO A CG  1 
ATOM   370  C CD  . PRO A 1 47 ? -7.545  -10.143 2.558   1.00 10.84 ? 44  PRO A CD  1 
ATOM   371  N N   . ALA A 1 48 ? -10.809 -8.694  5.759   1.00 9.81  ? 45  ALA A N   1 
ATOM   372  C CA  . ALA A 1 48 ? -11.361 -7.563  6.499   1.00 11.11 ? 45  ALA A CA  1 
ATOM   373  C C   . ALA A 1 48 ? -10.362 -6.875  7.429   1.00 10.30 ? 45  ALA A C   1 
ATOM   374  O O   . ALA A 1 48 ? -10.475 -5.672  7.683   1.00 10.10 ? 45  ALA A O   1 
ATOM   375  C CB  . ALA A 1 48 ? -12.598 -8.008  7.280   1.00 12.07 ? 45  ALA A CB  1 
ATOM   376  N N   . VAL A 1 49 ? -9.389  -7.634  7.931   1.00 11.37 ? 46  VAL A N   1 
ATOM   377  C CA  . VAL A 1 49 ? -8.426  -7.097  8.882   1.00 12.01 ? 46  VAL A CA  1 
ATOM   378  C C   . VAL A 1 49 ? -7.623  -5.938  8.275   1.00 9.45  ? 46  VAL A C   1 
ATOM   379  O O   . VAL A 1 49 ? -7.092  -5.099  9.002   1.00 10.50 ? 46  VAL A O   1 
ATOM   380  C CB  . VAL A 1 49 ? -7.498  -8.215  9.419   1.00 14.24 ? 46  VAL A CB  1 
ATOM   381  C CG1 . VAL A 1 49 ? -6.586  -8.742  8.323   1.00 13.88 ? 46  VAL A CG1 1 
ATOM   382  C CG2 . VAL A 1 49 ? -6.706  -7.742  10.641  1.00 20.25 ? 46  VAL A CG2 1 
ATOM   383  N N   . TYR A 1 50 ? -7.560  -5.867  6.949   1.00 9.87  ? 47  TYR A N   1 
ATOM   384  C CA  . TYR A 1 50 ? -6.845  -4.767  6.299   1.00 9.56  ? 47  TYR A CA  1 
ATOM   385  C C   . TYR A 1 50 ? -7.607  -3.440  6.274   1.00 9.71  ? 47  TYR A C   1 
ATOM   386  O O   . TYR A 1 50 ? -7.028  -2.398  5.951   1.00 9.53  ? 47  TYR A O   1 
ATOM   387  C CB  . TYR A 1 50 ? -6.413  -5.165  4.885   1.00 8.61  ? 47  TYR A CB  1 
ATOM   388  C CG  . TYR A 1 50 ? -5.373  -6.264  4.883   1.00 9.64  ? 47  TYR A CG  1 
ATOM   389  C CD1 . TYR A 1 50 ? -4.087  -6.028  5.355   1.00 9.14  ? 47  TYR A CD1 1 
ATOM   390  C CD2 . TYR A 1 50 ? -5.679  -7.541  4.424   1.00 10.48 ? 47  TYR A CD2 1 
ATOM   391  C CE1 . TYR A 1 50 ? -3.138  -7.025  5.376   1.00 10.39 ? 47  TYR A CE1 1 
ATOM   392  C CE2 . TYR A 1 50 ? -4.724  -8.542  4.424   1.00 11.99 ? 47  TYR A CE2 1 
ATOM   393  C CZ  . TYR A 1 50 ? -3.455  -8.276  4.904   1.00 12.90 ? 47  TYR A CZ  1 
ATOM   394  O OH  . TYR A 1 50 ? -2.494  -9.267  4.922   1.00 13.77 ? 47  TYR A OH  1 
ATOM   395  N N   . LYS A 1 51 ? -8.898  -3.463  6.604   1.00 8.88  ? 48  LYS A N   1 
ATOM   396  C CA  . LYS A 1 51 ? -9.693  -2.229  6.649   1.00 9.09  ? 48  LYS A CA  1 
ATOM   397  C C   . LYS A 1 51 ? -9.566  -1.433  5.350   1.00 9.14  ? 48  LYS A C   1 
ATOM   398  O O   . LYS A 1 51 ? -9.511  -0.199  5.366   1.00 11.85 ? 48  LYS A O   1 
ATOM   399  C CB  . LYS A 1 51 ? -9.277  -1.350  7.836   1.00 10.32 ? 48  LYS A CB  1 
ATOM   400  C CG  . LYS A 1 51 ? -9.304  -2.031  9.196   1.00 19.60 ? 48  LYS A CG  1 
ATOM   401  C CD  . LYS A 1 51 ? -10.693 -2.481  9.579   1.00 24.09 ? 48  LYS A CD  1 
ATOM   402  C CE  . LYS A 1 51 ? -10.743 -2.912  11.046  1.00 31.36 ? 48  LYS A CE  1 
ATOM   403  N NZ  . LYS A 1 51 ? -10.528 -1.756  11.961  1.00 34.12 ? 48  LYS A NZ  1 
ATOM   404  N N   . ASP A 1 52 ? -9.512  -2.143  4.230   1.00 9.00  ? 49  ASP A N   1 
ATOM   405  C CA  . ASP A 1 52 ? -9.235  -1.532  2.937   1.00 9.54  ? 49  ASP A CA  1 
ATOM   406  C C   . ASP A 1 52 ? -10.353 -0.602  2.485   1.00 10.18 ? 49  ASP A C   1 
ATOM   407  O O   . ASP A 1 52 ? -11.535 -0.964  2.534   1.00 11.95 ? 49  ASP A O   1 
ATOM   408  C CB  . ASP A 1 52 ? -9.019  -2.624  1.893   1.00 9.91  ? 49  ASP A CB  1 
ATOM   409  C CG  . ASP A 1 52 ? -8.591  -2.073  0.567   1.00 11.20 ? 49  ASP A CG  1 
ATOM   410  O OD1 . ASP A 1 52 ? -7.421  -1.639  0.462   1.00 11.12 ? 49  ASP A OD1 1 
ATOM   411  O OD2 . ASP A 1 52 ? -9.413  -2.076  -0.380  1.00 12.87 ? 49  ASP A OD2 1 
ATOM   412  N N   . HIS A 1 53 ? -9.985  0.599   2.050   1.00 8.25  ? 50  HIS A N   1 
ATOM   413  C CA  . HIS A 1 53 ? -10.976 1.580   1.626   1.00 8.85  ? 50  HIS A CA  1 
ATOM   414  C C   . HIS A 1 53 ? -10.378 2.632   0.717   1.00 8.90  ? 50  HIS A C   1 
ATOM   415  O O   . HIS A 1 53 ? -9.171  2.886   0.771   1.00 8.92  ? 50  HIS A O   1 
ATOM   416  C CB  . HIS A 1 53 ? -11.602 2.254   2.849   1.00 9.66  ? 50  HIS A CB  1 
ATOM   417  C CG  . HIS A 1 53 ? -10.624 2.991   3.704   1.00 10.08 ? 50  HIS A CG  1 
ATOM   418  N ND1 . HIS A 1 53 ? -10.465 4.361   3.653   1.00 14.65 ? 50  HIS A ND1 1 
ATOM   419  C CD2 . HIS A 1 53 ? -9.756  2.549   4.644   1.00 9.34  ? 50  HIS A CD2 1 
ATOM   420  C CE1 . HIS A 1 53 ? -9.549  4.727   4.530   1.00 11.72 ? 50  HIS A CE1 1 
ATOM   421  N NE2 . HIS A 1 53 ? -9.106  3.648   5.148   1.00 14.72 ? 50  HIS A NE2 1 
ATOM   422  N N   . PRO A 1 54 ? -11.220 3.279   -0.105  1.00 8.81  ? 51  PRO A N   1 
ATOM   423  C CA  . PRO A 1 54 ? -10.741 4.398   -0.924  1.00 9.57  ? 51  PRO A CA  1 
ATOM   424  C C   . PRO A 1 54 ? -10.440 5.619   -0.060  1.00 9.42  ? 51  PRO A C   1 
ATOM   425  O O   . PRO A 1 54 ? -11.068 5.829   0.986   1.00 11.13 ? 51  PRO A O   1 
ATOM   426  C CB  . PRO A 1 54 ? -11.932 4.697   -1.844  1.00 9.78  ? 51  PRO A CB  1 
ATOM   427  C CG  . PRO A 1 54 ? -13.132 4.255   -1.041  1.00 10.00 ? 51  PRO A CG  1 
ATOM   428  C CD  . PRO A 1 54 ? -12.659 3.020   -0.303  1.00 9.72  ? 51  PRO A CD  1 
ATOM   429  N N   . LEU A 1 55 ? -9.475  6.420   -0.500  1.00 9.01  ? 52  LEU A N   1 
ATOM   430  C CA  . LEU A 1 55 ? -9.120  7.657   0.184   1.00 9.65  ? 52  LEU A CA  1 
ATOM   431  C C   . LEU A 1 55 ? -9.728  8.863   -0.509  1.00 9.21  ? 52  LEU A C   1 
ATOM   432  O O   . LEU A 1 55 ? -9.983  8.854   -1.723  1.00 10.53 ? 52  LEU A O   1 
ATOM   433  C CB  . LEU A 1 55 ? -7.601  7.823   0.231   1.00 10.37 ? 52  LEU A CB  1 
ATOM   434  C CG  . LEU A 1 55 ? -6.874  6.872   1.182   1.00 8.55  ? 52  LEU A CG  1 
ATOM   435  C CD1 . LEU A 1 55 ? -5.374  6.928   0.921   1.00 10.75 ? 52  LEU A CD1 1 
ATOM   436  C CD2 . LEU A 1 55 ? -7.173  7.272   2.614   1.00 10.31 ? 52  LEU A CD2 1 
ATOM   437  N N   . GLN A 1 56 ? -9.946  9.909   0.280   1.00 11.21 ? 53  GLN A N   1 
ATOM   438  C CA  . GLN A 1 56 ? -10.406 11.181  -0.253  1.00 10.99 ? 53  GLN A CA  1 
ATOM   439  C C   . GLN A 1 56 ? -9.323  12.229  -0.031  1.00 12.05 ? 53  GLN A C   1 
ATOM   440  O O   . GLN A 1 56 ? -8.166  11.900  0.268   1.00 11.81 ? 53  GLN A O   1 
ATOM   441  C CB  . GLN A 1 56 ? -11.705 11.593  0.438   1.00 13.74 ? 53  GLN A CB  1 
ATOM   442  C CG  . GLN A 1 56 ? -12.779 10.505  0.445   1.00 17.79 ? 53  GLN A CG  1 
ATOM   443  C CD  . GLN A 1 56 ? -13.165 10.049  -0.948  1.00 23.16 ? 53  GLN A CD  1 
ATOM   444  O OE1 . GLN A 1 56 ? -13.135 10.828  -1.904  1.00 29.02 ? 53  GLN A OE1 1 
ATOM   445  N NE2 . GLN A 1 56 ? -13.526 8.772   -1.074  1.00 26.21 ? 53  GLN A NE2 1 
ATOM   446  N N   . GLY A 1 57 ? -9.675  13.497  -0.185  1.00 11.12 ? 54  GLY A N   1 
ATOM   447  C CA  . GLY A 1 57 ? -8.690  14.538  0.031   1.00 11.42 ? 54  GLY A CA  1 
ATOM   448  C C   . GLY A 1 57 ? -7.564  14.480  -0.985  1.00 10.21 ? 54  GLY A C   1 
ATOM   449  O O   . GLY A 1 57 ? -7.776  14.167  -2.167  1.00 11.44 ? 54  GLY A O   1 
ATOM   450  N N   . SER A 1 58 ? -6.351  14.784  -0.534  1.00 10.50 ? 55  SER A N   1 
ATOM   451  C CA  . SER A 1 58 ? -5.216  14.812  -1.444  1.00 10.39 ? 55  SER A CA  1 
ATOM   452  C C   . SER A 1 58 ? -4.898  13.451  -2.045  1.00 10.98 ? 55  SER A C   1 
ATOM   453  O O   . SER A 1 58 ? -4.227  13.372  -3.072  1.00 14.71 ? 55  SER A O   1 
ATOM   454  C CB  . SER A 1 58 ? -3.979  15.376  -0.756  1.00 11.83 ? 55  SER A CB  1 
ATOM   455  O OG  . SER A 1 58 ? -4.221  16.693  -0.306  1.00 16.09 ? 55  SER A OG  1 
ATOM   456  N N   . TRP A 1 59 ? -5.385  12.388  -1.411  1.00 9.52  ? 56  TRP A N   1 
ATOM   457  C CA  . TRP A 1 59 ? -5.141  11.041  -1.900  1.00 8.87  ? 56  TRP A CA  1 
ATOM   458  C C   . TRP A 1 59 ? -6.317  10.472  -2.687  1.00 10.19 ? 56  TRP A C   1 
ATOM   459  O O   . TRP A 1 59 ? -6.405  9.261   -2.886  1.00 10.75 ? 56  TRP A O   1 
ATOM   460  C CB  . TRP A 1 59 ? -4.796  10.111  -0.731  1.00 10.24 ? 56  TRP A CB  1 
ATOM   461  C CG  . TRP A 1 59 ? -3.429  10.333  -0.142  1.00 8.50  ? 56  TRP A CG  1 
ATOM   462  C CD1 . TRP A 1 59 ? -3.141  10.757  1.129   1.00 11.22 ? 56  TRP A CD1 1 
ATOM   463  C CD2 . TRP A 1 59 ? -2.172  10.136  -0.794  1.00 9.14  ? 56  TRP A CD2 1 
ATOM   464  N NE1 . TRP A 1 59 ? -1.778  10.836  1.300   1.00 12.28 ? 56  TRP A NE1 1 
ATOM   465  C CE2 . TRP A 1 59 ? -1.161  10.455  0.138   1.00 11.31 ? 56  TRP A CE2 1 
ATOM   466  C CE3 . TRP A 1 59 ? -1.801  9.714   -2.077  1.00 12.37 ? 56  TRP A CE3 1 
ATOM   467  C CZ2 . TRP A 1 59 ? 0.199   10.364  -0.175  1.00 11.49 ? 56  TRP A CZ2 1 
ATOM   468  C CZ3 . TRP A 1 59 ? -0.448  9.628   -2.385  1.00 14.13 ? 56  TRP A CZ3 1 
ATOM   469  C CH2 . TRP A 1 59 ? 0.533   9.959   -1.439  1.00 15.22 ? 56  TRP A CH2 1 
ATOM   470  N N   . LYS A 1 60 ? -7.223  11.335  -3.143  1.00 9.29  ? 57  LYS A N   1 
ATOM   471  C CA  . LYS A 1 60 ? -8.326  10.867  -3.976  1.00 11.35 ? 57  LYS A CA  1 
ATOM   472  C C   . LYS A 1 60 ? -7.804  10.039  -5.158  1.00 10.48 ? 57  LYS A C   1 
ATOM   473  O O   . LYS A 1 60 ? -6.795  10.389  -5.783  1.00 13.26 ? 57  LYS A O   1 
ATOM   474  C CB  . LYS A 1 60 ? -9.180  12.043  -4.466  1.00 14.18 ? 57  LYS A CB  1 
ATOM   475  C CG  . LYS A 1 60 ? -10.472 11.605  -5.139  1.00 22.96 ? 57  LYS A CG  1 
ATOM   476  C CD  . LYS A 1 60 ? -11.603 12.585  -4.888  1.00 36.38 ? 57  LYS A CD  1 
ATOM   477  C CE  . LYS A 1 60 ? -12.950 11.955  -5.223  1.00 39.89 ? 57  LYS A CE  1 
ATOM   478  N NZ  . LYS A 1 60 ? -13.405 10.986  -4.180  1.00 43.62 ? 57  LYS A NZ  1 
ATOM   479  N N   . GLY A 1 61 ? -8.470  8.918   -5.420  1.00 9.79  ? 58  GLY A N   1 
ATOM   480  C CA  . GLY A 1 61 ? -8.053  8.005   -6.475  1.00 11.16 ? 58  GLY A CA  1 
ATOM   481  C C   . GLY A 1 61 ? -7.211  6.848   -5.961  1.00 10.98 ? 58  GLY A C   1 
ATOM   482  O O   . GLY A 1 61 ? -6.969  5.873   -6.681  1.00 11.09 ? 58  GLY A O   1 
ATOM   483  N N   . TYR A 1 62 ? -6.747  6.964   -4.718  1.00 9.75  ? 59  TYR A N   1 
ATOM   484  C CA  . TYR A 1 62 ? -5.961  5.907   -4.098  1.00 9.46  ? 59  TYR A CA  1 
ATOM   485  C C   . TYR A 1 62 ? -6.758  5.165   -3.033  1.00 9.15  ? 59  TYR A C   1 
ATOM   486  O O   . TYR A 1 62 ? -7.877  5.561   -2.682  1.00 9.70  ? 59  TYR A O   1 
ATOM   487  C CB  . TYR A 1 62 ? -4.687  6.489   -3.469  1.00 7.96  ? 59  TYR A CB  1 
ATOM   488  C CG  . TYR A 1 62 ? -3.689  7.023   -4.474  1.00 8.81  ? 59  TYR A CG  1 
ATOM   489  C CD1 . TYR A 1 62 ? -2.618  6.246   -4.890  1.00 9.40  ? 59  TYR A CD1 1 
ATOM   490  C CD2 . TYR A 1 62 ? -3.812  8.308   -4.988  1.00 9.90  ? 59  TYR A CD2 1 
ATOM   491  C CE1 . TYR A 1 62 ? -1.697  6.719   -5.810  1.00 11.31 ? 59  TYR A CE1 1 
ATOM   492  C CE2 . TYR A 1 62 ? -2.887  8.794   -5.905  1.00 9.91  ? 59  TYR A CE2 1 
ATOM   493  C CZ  . TYR A 1 62 ? -1.844  7.989   -6.314  1.00 10.20 ? 59  TYR A CZ  1 
ATOM   494  O OH  . TYR A 1 62 ? -0.927  8.475   -7.225  1.00 14.03 ? 59  TYR A OH  1 
ATOM   495  N N   . ARG A 1 63 ? -6.162  4.090   -2.522  1.00 8.10  ? 60  ARG A N   1 
ATOM   496  C CA  . ARG A 1 63 ? -6.758  3.265   -1.474  1.00 7.73  ? 60  ARG A CA  1 
ATOM   497  C C   . ARG A 1 63 ? -5.801  3.146   -0.305  1.00 7.90  ? 60  ARG A C   1 
ATOM   498  O O   . ARG A 1 63 ? -4.600  3.370   -0.437  1.00 7.96  ? 60  ARG A O   1 
ATOM   499  C CB  . ARG A 1 63 ? -7.097  1.868   -1.999  1.00 9.11  ? 60  ARG A CB  1 
ATOM   500  C CG  . ARG A 1 63 ? -8.006  1.864   -3.217  1.00 8.05  ? 60  ARG A CG  1 
ATOM   501  C CD  . ARG A 1 63 ? -8.480  0.444   -3.570  1.00 9.60  ? 60  ARG A CD  1 
ATOM   502  N NE  . ARG A 1 63 ? -9.399  -0.092  -2.564  1.00 9.98  ? 60  ARG A NE  1 
ATOM   503  C CZ  . ARG A 1 63 ? -10.692 0.221   -2.494  1.00 10.71 ? 60  ARG A CZ  1 
ATOM   504  N NH1 . ARG A 1 63 ? -11.221 1.065   -3.368  1.00 11.83 ? 60  ARG A NH1 1 
ATOM   505  N NH2 . ARG A 1 63 ? -11.447 -0.309  -1.538  1.00 12.48 ? 60  ARG A NH2 1 
ATOM   506  N N   . ASP A 1 64 ? -6.365  2.800   0.845   1.00 7.42  ? 61  ASP A N   1 
ATOM   507  C CA  . ASP A 1 64 ? -5.661  2.706   2.124   1.00 7.65  ? 61  ASP A CA  1 
ATOM   508  C C   . ASP A 1 64 ? -5.919  1.317   2.693   1.00 9.31  ? 61  ASP A C   1 
ATOM   509  O O   . ASP A 1 64 ? -7.074  0.925   2.890   1.00 9.93  ? 61  ASP A O   1 
ATOM   510  C CB  . ASP A 1 64 ? -6.267  3.809   3.017   1.00 8.19  ? 61  ASP A CB  1 
ATOM   511  C CG  . ASP A 1 64 ? -5.809  3.798   4.474   1.00 10.38 ? 61  ASP A CG  1 
ATOM   512  O OD1 . ASP A 1 64 ? -5.809  4.922   5.040   1.00 10.85 ? 61  ASP A OD1 1 
ATOM   513  O OD2 . ASP A 1 64 ? -5.536  2.753   5.110   1.00 10.20 ? 61  ASP A OD2 1 
ATOM   514  N N   . ALA A 1 65 ? -4.847  0.561   2.943   1.00 7.59  ? 62  ALA A N   1 
ATOM   515  C CA  . ALA A 1 65 ? -4.956  -0.701  3.655   1.00 7.30  ? 62  ALA A CA  1 
ATOM   516  C C   . ALA A 1 65 ? -4.045  -0.678  4.882   1.00 8.46  ? 62  ALA A C   1 
ATOM   517  O O   . ALA A 1 65 ? -2.969  -0.069  4.850   1.00 9.50  ? 62  ALA A O   1 
ATOM   518  C CB  . ALA A 1 65 ? -4.607  -1.869  2.741   1.00 9.43  ? 62  ALA A CB  1 
ATOM   519  N N   . HIS A 1 66 ? -4.481  -1.313  5.967   1.00 8.47  ? 63  HIS A N   1 
ATOM   520  C CA  . HIS A 1 66 ? -3.706  -1.334  7.204   1.00 8.22  ? 63  HIS A CA  1 
ATOM   521  C C   . HIS A 1 66 ? -2.812  -2.562  7.252   1.00 8.54  ? 63  HIS A C   1 
ATOM   522  O O   . HIS A 1 66 ? -3.315  -3.692  7.365   1.00 10.47 ? 63  HIS A O   1 
ATOM   523  C CB  . HIS A 1 66 ? -4.630  -1.387  8.427   1.00 8.81  ? 63  HIS A CB  1 
ATOM   524  C CG  . HIS A 1 66 ? -5.502  -0.181  8.596   1.00 10.47 ? 63  HIS A CG  1 
ATOM   525  N ND1 . HIS A 1 66 ? -6.106  0.117   9.796   1.00 13.79 ? 63  HIS A ND1 1 
ATOM   526  C CD2 . HIS A 1 66 ? -5.893  0.782   7.726   1.00 10.88 ? 63  HIS A CD2 1 
ATOM   527  C CE1 . HIS A 1 66 ? -6.820  1.225   9.665   1.00 16.15 ? 63  HIS A CE1 1 
ATOM   528  N NE2 . HIS A 1 66 ? -6.711  1.644   8.419   1.00 11.97 ? 63  HIS A NE2 1 
ATOM   529  N N   . VAL A 1 67 ? -1.500  -2.357  7.189   1.00 8.64  ? 64  VAL A N   1 
ATOM   530  C CA  . VAL A 1 67 ? -0.570  -3.445  7.469   1.00 8.32  ? 64  VAL A CA  1 
ATOM   531  C C   . VAL A 1 67 ? -0.607  -3.722  8.968   1.00 10.24 ? 64  VAL A C   1 
ATOM   532  O O   . VAL A 1 67 ? -0.609  -4.889  9.405   1.00 10.90 ? 64  VAL A O   1 
ATOM   533  C CB  . VAL A 1 67 ? 0.864   -3.088  7.052   1.00 7.68  ? 64  VAL A CB  1 
ATOM   534  C CG1 . VAL A 1 67 ? 1.747   -4.332  7.127   1.00 10.48 ? 64  VAL A CG1 1 
ATOM   535  C CG2 . VAL A 1 67 ? 0.890   -2.526  5.645   1.00 11.73 ? 64  VAL A CG2 1 
ATOM   536  N N   . GLU A 1 68 ? -0.617  -2.633  9.742   1.00 10.07 ? 65  GLU A N   1 
ATOM   537  C CA  . GLU A 1 68 ? -0.745  -2.664  11.206  1.00 10.58 ? 65  GLU A CA  1 
ATOM   538  C C   . GLU A 1 68 ? -1.541  -1.420  11.596  1.00 10.13 ? 65  GLU A C   1 
ATOM   539  O O   . GLU A 1 68 ? -1.799  -0.576  10.737  1.00 10.72 ? 65  GLU A O   1 
ATOM   540  C CB  . GLU A 1 68 ? 0.643   -2.643  11.863  1.00 10.54 ? 65  GLU A CB  1 
ATOM   541  C CG  . GLU A 1 68 ? 1.471   -3.875  11.570  1.00 9.82  ? 65  GLU A CG  1 
ATOM   542  C CD  . GLU A 1 68 ? 2.871   -3.792  12.126  1.00 11.88 ? 65  GLU A CD  1 
ATOM   543  O OE1 . GLU A 1 68 ? 3.234   -2.742  12.692  1.00 12.04 ? 65  GLU A OE1 1 
ATOM   544  O OE2 . GLU A 1 68 ? 3.625   -4.785  11.981  1.00 13.38 ? 65  GLU A OE2 1 
ATOM   545  N N   . PRO A 1 69 ? -1.941  -1.291  12.878  1.00 10.82 ? 66  PRO A N   1 
ATOM   546  C CA  . PRO A 1 69 ? -2.784  -0.139  13.218  1.00 10.80 ? 66  PRO A CA  1 
ATOM   547  C C   . PRO A 1 69 ? -2.199  1.220   12.840  1.00 10.95 ? 66  PRO A C   1 
ATOM   548  O O   . PRO A 1 69 ? -2.968  2.105   12.449  1.00 11.47 ? 66  PRO A O   1 
ATOM   549  C CB  . PRO A 1 69 ? -2.955  -0.272  14.735  1.00 13.18 ? 66  PRO A CB  1 
ATOM   550  C CG  . PRO A 1 69 ? -2.949  -1.770  14.940  1.00 12.25 ? 66  PRO A CG  1 
ATOM   551  C CD  . PRO A 1 69 ? -1.884  -2.270  13.984  1.00 13.13 ? 66  PRO A CD  1 
ATOM   552  N N   . ASP A 1 70 ? -0.881  1.387   12.936  1.00 9.61  ? 67  ASP A N   1 
ATOM   553  C CA  . ASP A 1 70 ? -0.259  2.618   12.470  1.00 9.23  ? 67  ASP A CA  1 
ATOM   554  C C   . ASP A 1 70 ? 0.803   2.317   11.418  1.00 9.29  ? 67  ASP A C   1 
ATOM   555  O O   . ASP A 1 70 ? 1.860   2.955   11.375  1.00 9.86  ? 67  ASP A O   1 
ATOM   556  C CB  . ASP A 1 70 ? 0.313   3.429   13.635  1.00 9.06  ? 67  ASP A CB  1 
ATOM   557  C CG  . ASP A 1 70 ? 0.729   4.827   13.225  1.00 9.23  ? 67  ASP A CG  1 
ATOM   558  O OD1 . ASP A 1 70 ? 0.104   5.412   12.313  1.00 10.22 ? 67  ASP A OD1 1 
ATOM   559  O OD2 . ASP A 1 70 ? 1.699   5.357   13.816  1.00 12.02 ? 67  ASP A OD2 1 
ATOM   560  N N   . TRP A 1 71 ? 0.509   1.345   10.556  1.00 8.49  ? 68  TRP A N   1 
ATOM   561  C CA  . TRP A 1 71 ? 1.346   1.112   9.380   1.00 8.57  ? 68  TRP A CA  1 
ATOM   562  C C   . TRP A 1 71 ? 0.414   0.935   8.201   1.00 9.16  ? 68  TRP A C   1 
ATOM   563  O O   . TRP A 1 71 ? -0.255  -0.101  8.071   1.00 9.38  ? 68  TRP A O   1 
ATOM   564  C CB  . TRP A 1 71 ? 2.229   -0.122  9.561   1.00 9.82  ? 68  TRP A CB  1 
ATOM   565  C CG  . TRP A 1 71 ? 3.194   -0.388  8.422   1.00 9.07  ? 68  TRP A CG  1 
ATOM   566  C CD1 . TRP A 1 71 ? 3.442   0.404   7.331   1.00 9.87  ? 68  TRP A CD1 1 
ATOM   567  C CD2 . TRP A 1 71 ? 4.043   -1.535  8.285   1.00 9.18  ? 68  TRP A CD2 1 
ATOM   568  N NE1 . TRP A 1 71 ? 4.401   -0.185  6.525   1.00 9.43  ? 68  TRP A NE1 1 
ATOM   569  C CE2 . TRP A 1 71 ? 4.777   -1.379  7.085   1.00 8.16  ? 68  TRP A CE2 1 
ATOM   570  C CE3 . TRP A 1 71 ? 4.240   -2.687  9.055   1.00 10.04 ? 68  TRP A CE3 1 
ATOM   571  C CZ2 . TRP A 1 71 ? 5.703   -2.333  6.645   1.00 9.70  ? 68  TRP A CZ2 1 
ATOM   572  C CZ3 . TRP A 1 71 ? 5.158   -3.631  8.615   1.00 10.00 ? 68  TRP A CZ3 1 
ATOM   573  C CH2 . TRP A 1 71 ? 5.877   -3.448  7.424   1.00 8.74  ? 68  TRP A CH2 1 
ATOM   574  N N   . ILE A 1 72 ? 0.376   1.970   7.368   1.00 7.69  ? 69  ILE A N   1 
ATOM   575  C CA  . ILE A 1 72 ? -0.579  2.086   6.275   1.00 7.42  ? 69  ILE A CA  1 
ATOM   576  C C   . ILE A 1 72 ? 0.110   1.841   4.941   1.00 7.33  ? 69  ILE A C   1 
ATOM   577  O O   . ILE A 1 72 ? 1.280   2.186   4.762   1.00 8.64  ? 69  ILE A O   1 
ATOM   578  C CB  . ILE A 1 72 ? -1.229  3.490   6.292   1.00 8.35  ? 69  ILE A CB  1 
ATOM   579  C CG1 . ILE A 1 72 ? -1.931  3.736   7.643   1.00 11.29 ? 69  ILE A CG1 1 
ATOM   580  C CG2 . ILE A 1 72 ? -2.183  3.701   5.095   1.00 9.67  ? 69  ILE A CG2 1 
ATOM   581  C CD1 . ILE A 1 72 ? -3.047  2.758   7.961   1.00 10.17 ? 69  ILE A CD1 1 
ATOM   582  N N   . LEU A 1 73 ? -0.605  1.192   4.021   1.00 6.74  ? 70  LEU A N   1 
ATOM   583  C CA  . LEU A 1 73 ? -0.205  1.122   2.620   1.00 7.84  ? 70  LEU A CA  1 
ATOM   584  C C   . LEU A 1 73 ? -1.174  1.965   1.799   1.00 7.63  ? 70  LEU A C   1 
ATOM   585  O O   . LEU A 1 73 ? -2.390  1.770   1.870   1.00 8.12  ? 70  LEU A O   1 
ATOM   586  C CB  . LEU A 1 73 ? -0.244  -0.328  2.125   1.00 9.10  ? 70  LEU A CB  1 
ATOM   587  C CG  . LEU A 1 73 ? -0.033  -0.481  0.615   1.00 7.12  ? 70  LEU A CG  1 
ATOM   588  C CD1 . LEU A 1 73 ? 1.380   -0.063  0.233   1.00 9.49  ? 70  LEU A CD1 1 
ATOM   589  C CD2 . LEU A 1 73 ? -0.327  -1.915  0.148   1.00 9.09  ? 70  LEU A CD2 1 
ATOM   590  N N   . ILE A 1 74 ? -0.641  2.903   1.019   1.00 7.81  ? 71  ILE A N   1 
ATOM   591  C CA  . ILE A 1 74 ? -1.437  3.647   0.044   1.00 7.18  ? 71  ILE A CA  1 
ATOM   592  C C   . ILE A 1 74 ? -1.082  3.121   -1.336  1.00 8.04  ? 71  ILE A C   1 
ATOM   593  O O   . ILE A 1 74 ? 0.095   3.043   -1.700  1.00 8.79  ? 71  ILE A O   1 
ATOM   594  C CB  . ILE A 1 74 ? -1.174  5.161   0.123   1.00 8.39  ? 71  ILE A CB  1 
ATOM   595  C CG1 . ILE A 1 74 ? -1.606  5.683   1.494   1.00 9.33  ? 71  ILE A CG1 1 
ATOM   596  C CG2 . ILE A 1 74 ? -1.929  5.901   -0.999  1.00 8.53  ? 71  ILE A CG2 1 
ATOM   597  C CD1 . ILE A 1 74 ? -1.362  7.171   1.687   1.00 9.67  ? 71  ILE A CD1 1 
ATOM   598  N N   . TYR A 1 75 ? -2.101  2.745   -2.102  1.00 7.97  ? 72  TYR A N   1 
ATOM   599  C CA  . TYR A 1 75 ? -1.886  2.190   -3.434  1.00 7.53  ? 72  TYR A CA  1 
ATOM   600  C C   . TYR A 1 75 ? -3.028  2.605   -4.356  1.00 8.59  ? 72  TYR A C   1 
ATOM   601  O O   . TYR A 1 75 ? -4.087  2.995   -3.889  1.00 9.63  ? 72  TYR A O   1 
ATOM   602  C CB  . TYR A 1 75 ? -1.757  0.651   -3.361  1.00 8.18  ? 72  TYR A CB  1 
ATOM   603  C CG  . TYR A 1 75 ? -3.042  -0.049  -2.984  1.00 8.38  ? 72  TYR A CG  1 
ATOM   604  C CD1 . TYR A 1 75 ? -3.864  -0.594  -3.963  1.00 8.78  ? 72  TYR A CD1 1 
ATOM   605  C CD2 . TYR A 1 75 ? -3.444  -0.141  -1.650  1.00 9.10  ? 72  TYR A CD2 1 
ATOM   606  C CE1 . TYR A 1 75 ? -5.053  -1.232  -3.622  1.00 9.32  ? 72  TYR A CE1 1 
ATOM   607  C CE2 . TYR A 1 75 ? -4.631  -0.775  -1.298  1.00 7.65  ? 72  TYR A CE2 1 
ATOM   608  C CZ  . TYR A 1 75 ? -5.429  -1.309  -2.290  1.00 8.51  ? 72  TYR A CZ  1 
ATOM   609  O OH  . TYR A 1 75 ? -6.615  -1.930  -1.961  1.00 9.81  ? 72  TYR A OH  1 
ATOM   610  N N   . LYS A 1 76 ? -2.796  2.520   -5.661  1.00 8.58  ? 73  LYS A N   1 
ATOM   611  C CA  . LYS A 1 76 ? -3.831  2.785   -6.652  1.00 9.67  ? 73  LYS A CA  1 
ATOM   612  C C   . LYS A 1 76 ? -4.129  1.507   -7.414  1.00 11.59 ? 73  LYS A C   1 
ATOM   613  O O   . LYS A 1 76 ? -3.220  0.751   -7.759  1.00 10.39 ? 73  LYS A O   1 
ATOM   614  C CB  . LYS A 1 76 ? -3.388  3.888   -7.614  1.00 9.20  ? 73  LYS A CB  1 
ATOM   615  C CG  . LYS A 1 76 ? -4.403  4.155   -8.726  1.00 10.43 ? 73  LYS A CG  1 
ATOM   616  C CD  . LYS A 1 76 ? -4.049  5.387   -9.528  1.00 15.63 ? 73  LYS A CD  1 
ATOM   617  C CE  . LYS A 1 76 ? -4.423  6.644   -8.769  1.00 18.46 ? 73  LYS A CE  1 
ATOM   618  N NZ  . LYS A 1 76 ? -4.407  7.849   -9.656  1.00 23.65 ? 73  LYS A NZ  1 
ATOM   619  N N   . LEU A 1 77 ? -5.408  1.255   -7.665  1.00 9.90  ? 74  LEU A N   1 
ATOM   620  C CA  . LEU A 1 77 ? -5.815  0.050   -8.372  1.00 9.73  ? 74  LEU A CA  1 
ATOM   621  C C   . LEU A 1 77 ? -6.840  0.414   -9.432  1.00 12.14 ? 74  LEU A C   1 
ATOM   622  O O   . LEU A 1 77 ? -7.930  0.887   -9.107  1.00 12.34 ? 74  LEU A O   1 
ATOM   623  C CB  . LEU A 1 77 ? -6.398  -0.970  -7.385  1.00 11.37 ? 74  LEU A CB  1 
ATOM   624  C CG  . LEU A 1 77 ? -6.786  -2.355  -7.912  1.00 15.82 ? 74  LEU A CG  1 
ATOM   625  C CD1 . LEU A 1 77 ? -5.552  -3.099  -8.368  1.00 18.54 ? 74  LEU A CD1 1 
ATOM   626  C CD2 . LEU A 1 77 ? -7.514  -3.151  -6.829  1.00 18.55 ? 74  LEU A CD2 1 
ATOM   627  N N   . THR A 1 78 ? -6.472  0.223   -10.697 1.00 12.99 ? 75  THR A N   1 
ATOM   628  C CA  . THR A 1 78 ? -7.396  0.427   -11.817 1.00 12.74 ? 75  THR A CA  1 
ATOM   629  C C   . THR A 1 78 ? -7.348  -0.835  -12.677 1.00 15.60 ? 75  THR A C   1 
ATOM   630  O O   . THR A 1 78 ? -6.540  -1.732  -12.422 1.00 16.51 ? 75  THR A O   1 
ATOM   631  C CB  . THR A 1 78 ? -7.006  1.639   -12.684 1.00 14.72 ? 75  THR A CB  1 
ATOM   632  O OG1 . THR A 1 78 ? -5.862  1.306   -13.477 1.00 16.38 ? 75  THR A OG1 1 
ATOM   633  C CG2 . THR A 1 78 ? -6.688  2.857   -11.812 1.00 16.29 ? 75  THR A CG2 1 
ATOM   634  N N   . ASP A 1 79 ? -8.185  -0.910  -13.709 1.00 18.94 ? 76  ASP A N   1 
ATOM   635  C CA  . ASP A 1 79 ? -8.107  -2.048  -14.624 1.00 19.90 ? 76  ASP A CA  1 
ATOM   636  C C   . ASP A 1 79 ? -6.728  -2.179  -15.285 1.00 19.57 ? 76  ASP A C   1 
ATOM   637  O O   . ASP A 1 79 ? -6.314  -3.280  -15.657 1.00 27.92 ? 76  ASP A O   1 
ATOM   638  C CB  . ASP A 1 79 ? -9.190  -1.962  -15.703 1.00 23.57 ? 76  ASP A CB  1 
ATOM   639  C CG  . ASP A 1 79 ? -10.571 -2.301  -15.177 1.00 34.49 ? 76  ASP A CG  1 
ATOM   640  O OD1 . ASP A 1 79 ? -10.688 -2.678  -13.992 1.00 34.71 ? 76  ASP A OD1 1 
ATOM   641  O OD2 . ASP A 1 79 ? -11.543 -2.205  -15.958 1.00 34.32 ? 76  ASP A OD2 1 
ATOM   642  N N   . LYS A 1 80 ? -6.021  -1.058  -15.415 1.00 17.83 ? 77  LYS A N   1 
ATOM   643  C CA  . LYS A 1 80 ? -4.745  -1.022  -16.131 1.00 18.32 ? 77  LYS A CA  1 
ATOM   644  C C   . LYS A 1 80 ? -3.524  -1.128  -15.228 1.00 18.23 ? 77  LYS A C   1 
ATOM   645  O O   . LYS A 1 80 ? -2.447  -1.523  -15.678 1.00 20.00 ? 77  LYS A O   1 
ATOM   646  C CB  . LYS A 1 80 ? -4.618  0.272   -16.935 1.00 23.26 ? 77  LYS A CB  1 
ATOM   647  C CG  . LYS A 1 80 ? -5.585  0.410   -18.089 1.00 35.78 ? 77  LYS A CG  1 
ATOM   648  C CD  . LYS A 1 80 ? -5.360  1.730   -18.805 1.00 36.08 ? 77  LYS A CD  1 
ATOM   649  C CE  . LYS A 1 80 ? -6.619  2.173   -19.521 1.00 49.28 ? 77  LYS A CE  1 
ATOM   650  N NZ  . LYS A 1 80 ? -7.096  1.138   -20.478 1.00 52.30 ? 77  LYS A NZ  1 
ATOM   651  N N   . LEU A 1 81 ? -3.662  -0.750  -13.962 1.00 16.25 ? 78  LEU A N   1 
ATOM   652  C CA  . LEU A 1 81 ? -2.477  -0.674  -13.122 1.00 14.13 ? 78  LEU A CA  1 
ATOM   653  C C   . LEU A 1 81 ? -2.737  -0.938  -11.652 1.00 11.07 ? 78  LEU A C   1 
ATOM   654  O O   . LEU A 1 81 ? -3.832  -0.707  -11.132 1.00 13.11 ? 78  LEU A O   1 
ATOM   655  C CB  . LEU A 1 81 ? -1.748  0.670   -13.305 1.00 23.94 ? 78  LEU A CB  1 
ATOM   656  C CG  . LEU A 1 81 ? -2.381  1.981   -12.821 1.00 25.25 ? 78  LEU A CG  1 
ATOM   657  C CD1 . LEU A 1 81 ? -2.117  2.242   -11.346 1.00 23.56 ? 78  LEU A CD1 1 
ATOM   658  C CD2 . LEU A 1 81 ? -1.878  3.159   -13.644 1.00 24.65 ? 78  LEU A CD2 1 
ATOM   659  N N   . LEU A 1 82 ? -1.709  -1.463  -11.005 1.00 9.77  ? 79  LEU A N   1 
ATOM   660  C CA  . LEU A 1 82 ? -1.618  -1.481  -9.556  1.00 9.78  ? 79  LEU A CA  1 
ATOM   661  C C   . LEU A 1 82 ? -0.350  -0.713  -9.221  1.00 10.79 ? 79  LEU A C   1 
ATOM   662  O O   . LEU A 1 82 ? 0.734   -1.089  -9.652  1.00 11.92 ? 79  LEU A O   1 
ATOM   663  C CB  . LEU A 1 82 ? -1.510  -2.917  -9.055  1.00 10.39 ? 79  LEU A CB  1 
ATOM   664  C CG  . LEU A 1 82 ? -1.011  -3.093  -7.616  1.00 10.73 ? 79  LEU A CG  1 
ATOM   665  C CD1 . LEU A 1 82 ? -1.993  -2.501  -6.599  1.00 13.92 ? 79  LEU A CD1 1 
ATOM   666  C CD2 . LEU A 1 82 ? -0.762  -4.569  -7.338  1.00 11.46 ? 79  LEU A CD2 1 
ATOM   667  N N   . ARG A 1 83 ? -0.472  0.372   -8.468  1.00 9.43  ? 80  ARG A N   1 
ATOM   668  C CA  . ARG A 1 83 ? 0.706   1.140   -8.085  1.00 10.08 ? 80  ARG A CA  1 
ATOM   669  C C   . ARG A 1 83 ? 0.819   1.251   -6.577  1.00 9.60  ? 80  ARG A C   1 
ATOM   670  O O   . ARG A 1 83 ? -0.075  1.750   -5.907  1.00 10.11 ? 80  ARG A O   1 
ATOM   671  C CB  . ARG A 1 83 ? 0.735   2.535   -8.723  1.00 12.67 ? 80  ARG A CB  1 
ATOM   672  C CG  . ARG A 1 83 ? 1.971   3.326   -8.286  1.00 12.42 ? 80  ARG A CG  1 
ATOM   673  C CD  . ARG A 1 83 ? 2.238   4.554   -9.135  1.00 15.92 ? 80  ARG A CD  1 
ATOM   674  N NE  . ARG A 1 83 ? 1.223   5.579   -8.953  1.00 17.63 ? 80  ARG A NE  1 
ATOM   675  C CZ  . ARG A 1 83 ? 0.413   5.999   -9.923  1.00 22.94 ? 80  ARG A CZ  1 
ATOM   676  N NH1 . ARG A 1 83 ? 0.514   5.461   -11.134 1.00 22.35 ? 80  ARG A NH1 1 
ATOM   677  N NH2 . ARG A 1 83 ? -0.492  6.944   -9.685  1.00 18.69 ? 80  ARG A NH2 1 
ATOM   678  N N   . PHE A 1 84 ? 1.943   0.782   -6.060  1.00 8.69  ? 81  PHE A N   1 
ATOM   679  C CA  . PHE A 1 84 ? 2.276   0.957   -4.655  1.00 7.12  ? 81  PHE A CA  1 
ATOM   680  C C   . PHE A 1 84 ? 2.852   2.353   -4.498  1.00 8.86  ? 81  PHE A C   1 
ATOM   681  O O   . PHE A 1 84 ? 3.881   2.690   -5.091  1.00 9.60  ? 81  PHE A O   1 
ATOM   682  C CB  . PHE A 1 84 ? 3.264   -0.130  -4.238  1.00 9.19  ? 81  PHE A CB  1 
ATOM   683  C CG  . PHE A 1 84 ? 2.693   -1.515  -4.344  1.00 9.48  ? 81  PHE A CG  1 
ATOM   684  C CD1 . PHE A 1 84 ? 1.796   -1.971  -3.394  1.00 9.26  ? 81  PHE A CD1 1 
ATOM   685  C CD2 . PHE A 1 84 ? 3.005   -2.341  -5.415  1.00 10.40 ? 81  PHE A CD2 1 
ATOM   686  C CE1 . PHE A 1 84 ? 1.247   -3.247  -3.479  1.00 10.19 ? 81  PHE A CE1 1 
ATOM   687  C CE2 . PHE A 1 84 ? 2.463   -3.620  -5.506  1.00 10.30 ? 81  PHE A CE2 1 
ATOM   688  C CZ  . PHE A 1 84 ? 1.572   -4.065  -4.543  1.00 10.81 ? 81  PHE A CZ  1 
ATOM   689  N N   . GLU A 1 85 ? 2.180   3.179   -3.705  1.00 8.02  ? 82  GLU A N   1 
ATOM   690  C CA  . GLU A 1 85 ? 2.455   4.613   -3.703  1.00 8.44  ? 82  GLU A CA  1 
ATOM   691  C C   . GLU A 1 85 ? 3.253   5.079   -2.494  1.00 7.69  ? 82  GLU A C   1 
ATOM   692  O O   . GLU A 1 85 ? 4.272   5.744   -2.641  1.00 9.42  ? 82  GLU A O   1 
ATOM   693  C CB  . GLU A 1 85 ? 1.140   5.391   -3.807  1.00 9.78  ? 82  GLU A CB  1 
ATOM   694  C CG  . GLU A 1 85 ? 1.333   6.879   -3.984  1.00 10.48 ? 82  GLU A CG  1 
ATOM   695  C CD  . GLU A 1 85 ? 1.803   7.258   -5.376  1.00 14.99 ? 82  GLU A CD  1 
ATOM   696  O OE1 . GLU A 1 85 ? 1.853   6.389   -6.272  1.00 13.08 ? 82  GLU A OE1 1 
ATOM   697  O OE2 . GLU A 1 85 ? 2.113   8.450   -5.586  1.00 19.78 ? 82  GLU A OE2 1 
ATOM   698  N N   . ARG A 1 86 ? 2.781   4.746   -1.293  1.00 7.90  ? 83  ARG A N   1 
ATOM   699  C CA  . ARG A 1 86 ? 3.474   5.093   -0.054  1.00 7.49  ? 83  ARG A CA  1 
ATOM   700  C C   . ARG A 1 86 ? 3.201   4.039   0.997   1.00 8.72  ? 83  ARG A C   1 
ATOM   701  O O   . ARG A 1 86 ? 2.186   3.331   0.955   1.00 7.79  ? 83  ARG A O   1 
ATOM   702  C CB  . ARG A 1 86 ? 3.012   6.446   0.505   1.00 8.84  ? 83  ARG A CB  1 
ATOM   703  C CG  . ARG A 1 86 ? 3.416   7.660   -0.327  1.00 11.95 ? 83  ARG A CG  1 
ATOM   704  C CD  . ARG A 1 86 ? 3.800   8.835   0.549   1.00 21.56 ? 83  ARG A CD  1 
ATOM   705  N NE  . ARG A 1 86 ? 4.964   8.533   1.380   1.00 11.17 ? 83  ARG A NE  1 
ATOM   706  C CZ  . ARG A 1 86 ? 5.380   9.296   2.388   1.00 18.95 ? 83  ARG A CZ  1 
ATOM   707  N NH1 . ARG A 1 86 ? 4.738   10.411  2.695   1.00 23.56 ? 83  ARG A NH1 1 
ATOM   708  N NH2 . ARG A 1 86 ? 6.443   8.940   3.094   1.00 18.00 ? 83  ARG A NH2 1 
ATOM   709  N N   . THR A 1 87 ? 4.109   3.936   1.955   1.00 7.30  ? 84  THR A N   1 
ATOM   710  C CA  . THR A 1 87 ? 3.842   3.136   3.144   1.00 7.66  ? 84  THR A CA  1 
ATOM   711  C C   . THR A 1 87 ? 4.535   3.738   4.362   1.00 10.57 ? 84  THR A C   1 
ATOM   712  O O   . THR A 1 87 ? 5.658   4.224   4.274   1.00 11.96 ? 84  THR A O   1 
ATOM   713  C CB  . THR A 1 87 ? 4.176   1.634   2.943   1.00 9.37  ? 84  THR A CB  1 
ATOM   714  O OG1 . THR A 1 87 ? 3.664   0.881   4.051   1.00 9.80  ? 84  THR A OG1 1 
ATOM   715  C CG2 . THR A 1 87 ? 5.688   1.389   2.797   1.00 11.19 ? 84  THR A CG2 1 
ATOM   716  N N   . GLY A 1 88 ? 3.826   3.766   5.482   1.00 8.30  ? 85  GLY A N   1 
ATOM   717  C CA  . GLY A 1 88 ? 4.369   4.335   6.707   1.00 9.11  ? 85  GLY A CA  1 
ATOM   718  C C   . GLY A 1 88 ? 3.276   4.649   7.703   1.00 7.74  ? 85  GLY A C   1 
ATOM   719  O O   . GLY A 1 88 ? 2.165   4.104   7.631   1.00 9.33  ? 85  GLY A O   1 
ATOM   720  N N   . THR A 1 89 ? 3.586   5.529   8.648   1.00 9.28  ? 86  THR A N   1 
ATOM   721  C CA  . THR A 1 89 ? 2.611   5.915   9.652   1.00 8.66  ? 86  THR A CA  1 
ATOM   722  C C   . THR A 1 89 ? 1.527   6.833   9.101   1.00 9.34  ? 86  THR A C   1 
ATOM   723  O O   . THR A 1 89 ? 1.656   7.425   8.019   1.00 10.12 ? 86  THR A O   1 
ATOM   724  C CB  . THR A 1 89 ? 3.288   6.663   10.806  1.00 9.63  ? 86  THR A CB  1 
ATOM   725  O OG1 . THR A 1 89 ? 3.896   7.849   10.285  1.00 10.67 ? 86  THR A OG1 1 
ATOM   726  C CG2 . THR A 1 89 ? 4.359   5.782   11.444  1.00 10.64 ? 86  THR A CG2 1 
ATOM   727  N N   . HIS A 1 90 ? 0.463   6.986   9.878   1.00 9.29  ? 87  HIS A N   1 
ATOM   728  C CA  . HIS A 1 90 ? -0.539  8.006   9.581   1.00 8.65  ? 87  HIS A CA  1 
ATOM   729  C C   . HIS A 1 90 ? 0.102   9.389   9.505   1.00 10.01 ? 87  HIS A C   1 
ATOM   730  O O   . HIS A 1 90 ? -0.225  10.180  8.617   1.00 10.17 ? 87  HIS A O   1 
ATOM   731  C CB  . HIS A 1 90 ? -1.634  8.024   10.653  1.00 8.91  ? 87  HIS A CB  1 
ATOM   732  C CG  . HIS A 1 90 ? -2.575  6.859   10.596  1.00 11.05 ? 87  HIS A CG  1 
ATOM   733  N ND1 . HIS A 1 90 ? -2.376  5.703   11.317  1.00 13.73 ? 87  HIS A ND1 1 
ATOM   734  C CD2 . HIS A 1 90 ? -3.743  6.690   9.929   1.00 11.25 ? 87  HIS A CD2 1 
ATOM   735  C CE1 . HIS A 1 90 ? -3.378  4.867   11.092  1.00 12.55 ? 87  HIS A CE1 1 
ATOM   736  N NE2 . HIS A 1 90 ? -4.217  5.441   10.251  1.00 10.52 ? 87  HIS A NE2 1 
ATOM   737  N N   . ALA A 1 91 ? 1.000   9.703   10.437  1.00 9.47  ? 88  ALA A N   1 
ATOM   738  C CA  . ALA A 1 91 ? 1.588   11.039  10.459  1.00 10.05 ? 88  ALA A CA  1 
ATOM   739  C C   . ALA A 1 91 ? 2.395   11.299  9.192   1.00 10.38 ? 88  ALA A C   1 
ATOM   740  O O   . ALA A 1 91 ? 2.287   12.373  8.586   1.00 10.75 ? 88  ALA A O   1 
ATOM   741  C CB  . ALA A 1 91 ? 2.460   11.213  11.689  1.00 10.65 ? 88  ALA A CB  1 
ATOM   742  N N   . ALA A 1 92 ? 3.183   10.312  8.776   1.00 9.56  ? 89  ALA A N   1 
ATOM   743  C CA  . ALA A 1 92 ? 4.027   10.481  7.600   1.00 9.52  ? 89  ALA A CA  1 
ATOM   744  C C   . ALA A 1 92 ? 3.194   10.605  6.326   1.00 10.11 ? 89  ALA A C   1 
ATOM   745  O O   . ALA A 1 92 ? 3.462   11.452  5.471   1.00 13.23 ? 89  ALA A O   1 
ATOM   746  C CB  . ALA A 1 92 ? 4.993   9.311   7.473   1.00 11.77 ? 89  ALA A CB  1 
ATOM   747  N N   . LEU A 1 93 ? 2.178   9.761   6.199   1.00 9.30  ? 90  LEU A N   1 
ATOM   748  C CA  . LEU A 1 93 ? 1.430   9.681   4.950   1.00 9.39  ? 90  LEU A CA  1 
ATOM   749  C C   . LEU A 1 93 ? 0.331   10.733  4.810   1.00 10.11 ? 90  LEU A C   1 
ATOM   750  O O   . LEU A 1 93 ? 0.018   11.154  3.691   1.00 11.15 ? 90  LEU A O   1 
ATOM   751  C CB  . LEU A 1 93 ? 0.847   8.272   4.779   1.00 9.45  ? 90  LEU A CB  1 
ATOM   752  C CG  . LEU A 1 93 ? 1.741   7.216   4.098   1.00 10.62 ? 90  LEU A CG  1 
ATOM   753  C CD1 . LEU A 1 93 ? 3.175   7.192   4.631   1.00 13.50 ? 90  LEU A CD1 1 
ATOM   754  C CD2 . LEU A 1 93 ? 1.111   5.839   4.203   1.00 11.16 ? 90  LEU A CD2 1 
ATOM   755  N N   . PHE A 1 94 ? -0.258  11.154  5.926   1.00 10.12 ? 91  PHE A N   1 
ATOM   756  C CA  . PHE A 1 94 ? -1.418  12.055  5.893   1.00 9.20  ? 91  PHE A CA  1 
ATOM   757  C C   . PHE A 1 94 ? -1.202  13.395  6.565   1.00 11.07 ? 91  PHE A C   1 
ATOM   758  O O   . PHE A 1 94 ? -1.932  14.347  6.272   1.00 11.85 ? 91  PHE A O   1 
ATOM   759  C CB  . PHE A 1 94 ? -2.639  11.393  6.546   1.00 10.05 ? 91  PHE A CB  1 
ATOM   760  C CG  . PHE A 1 94 ? -3.022  10.093  5.922   1.00 10.01 ? 91  PHE A CG  1 
ATOM   761  C CD1 . PHE A 1 94 ? -3.450  10.044  4.607   1.00 13.99 ? 91  PHE A CD1 1 
ATOM   762  C CD2 . PHE A 1 94 ? -2.960  8.924   6.651   1.00 10.70 ? 91  PHE A CD2 1 
ATOM   763  C CE1 . PHE A 1 94 ? -3.802  8.836   4.021   1.00 13.99 ? 91  PHE A CE1 1 
ATOM   764  C CE2 . PHE A 1 94 ? -3.324  7.712   6.074   1.00 12.21 ? 91  PHE A CE2 1 
ATOM   765  C CZ  . PHE A 1 94 ? -3.741  7.670   4.762   1.00 14.30 ? 91  PHE A CZ  1 
ATOM   766  N N   . GLY A 1 95 ? -0.238  13.478  7.475   1.00 11.04 ? 92  GLY A N   1 
ATOM   767  C CA  . GLY A 1 95 ? -0.104  14.667  8.300   1.00 10.75 ? 92  GLY A CA  1 
ATOM   768  C C   . GLY A 1 95 ? 0.164   15.926  7.501   1.00 13.19 ? 92  GLY A C   1 
ATOM   769  O O   . GLY A 1 95 ? 0.910   15.896  6.524   1.00 11.40 ? 92  GLY A O   1 
HETATM 770  S S   . SO4 B 2 .  ? -7.123  5.089   8.338   1.00 11.56 ? 101 SO4 A S   1 
HETATM 771  O O1  . SO4 B 2 .  ? -8.073  6.191   8.496   1.00 16.35 ? 101 SO4 A O1  1 
HETATM 772  O O2  . SO4 B 2 .  ? -7.809  3.995   7.647   1.00 12.46 ? 101 SO4 A O2  1 
HETATM 773  O O3  . SO4 B 2 .  ? -5.923  5.498   7.635   1.00 12.04 ? 101 SO4 A O3  1 
HETATM 774  O O4  . SO4 B 2 .  ? -6.750  4.616   9.667   1.00 13.12 ? 101 SO4 A O4  1 
HETATM 775  S S   . SO4 C 2 .  ? -6.816  -1.306  12.945  1.00 20.26 ? 102 SO4 A S   1 
HETATM 776  O O1  . SO4 C 2 .  ? -7.492  -0.042  12.654  1.00 26.51 ? 102 SO4 A O1  1 
HETATM 777  O O2  . SO4 C 2 .  ? -7.817  -2.369  13.055  1.00 26.81 ? 102 SO4 A O2  1 
HETATM 778  O O3  . SO4 C 2 .  ? -5.857  -1.613  11.875  1.00 14.84 ? 102 SO4 A O3  1 
HETATM 779  O O4  . SO4 C 2 .  ? -6.133  -1.164  14.230  1.00 24.15 ? 102 SO4 A O4  1 
HETATM 780  S S   . SO4 D 2 .  ? 7.042   9.575   10.940  1.00 18.85 ? 103 SO4 A S   1 
HETATM 781  O O1  . SO4 D 2 .  ? 7.497   8.719   9.841   1.00 21.51 ? 103 SO4 A O1  1 
HETATM 782  O O2  . SO4 D 2 .  ? 5.844   9.030   11.555  1.00 18.46 ? 103 SO4 A O2  1 
HETATM 783  O O3  . SO4 D 2 .  ? 6.755   10.917  10.424  1.00 28.64 ? 103 SO4 A O3  1 
HETATM 784  O O4  . SO4 D 2 .  ? 8.119   9.646   11.929  1.00 21.99 ? 103 SO4 A O4  1 
HETATM 785  S S   . SO4 E 2 .  ? -12.312 -12.101 5.045   1.00 31.43 ? 104 SO4 A S   1 
HETATM 786  O O1  . SO4 E 2 .  ? -12.966 -11.422 3.926   1.00 32.91 ? 104 SO4 A O1  1 
HETATM 787  O O2  . SO4 E 2 .  ? -13.182 -13.128 5.615   1.00 29.09 ? 104 SO4 A O2  1 
HETATM 788  O O3  . SO4 E 2 .  ? -11.097 -12.735 4.544   1.00 37.97 ? 104 SO4 A O3  1 
HETATM 789  O O4  . SO4 E 2 .  ? -11.993 -11.113 6.063   1.00 20.87 ? 104 SO4 A O4  1 
HETATM 790  S S   . SO4 F 2 .  ? -1.927  7.806   -12.878 1.00 39.23 ? 105 SO4 A S   1 
HETATM 791  O O1  . SO4 F 2 .  ? -3.080  7.498   -13.724 1.00 43.97 ? 105 SO4 A O1  1 
HETATM 792  O O2  . SO4 F 2 .  ? -2.336  7.809   -11.475 1.00 35.80 ? 105 SO4 A O2  1 
HETATM 793  O O3  . SO4 F 2 .  ? -0.893  6.798   -13.095 1.00 42.22 ? 105 SO4 A O3  1 
HETATM 794  O O4  . SO4 F 2 .  ? -1.398  9.128   -13.213 1.00 41.76 ? 105 SO4 A O4  1 
HETATM 795  O O   . HOH G 3 .  ? -7.336  3.113   -6.426  1.00 9.90  ? 201 HOH A O   1 
HETATM 796  O O   . HOH G 3 .  ? -10.214 -5.001  4.061   1.00 12.08 ? 202 HOH A O   1 
HETATM 797  O O   . HOH G 3 .  ? 6.442   6.433   8.643   1.00 12.58 ? 203 HOH A O   1 
HETATM 798  O O   . HOH G 3 .  ? -4.365  -5.181  9.408   1.00 13.26 ? 204 HOH A O   1 
HETATM 799  O O   . HOH G 3 .  ? 8.116   3.836   5.873   1.00 13.83 ? 205 HOH A O   1 
HETATM 800  O O   . HOH G 3 .  ? -0.158  -8.733  6.080   1.00 12.71 ? 206 HOH A O   1 
HETATM 801  O O   . HOH G 3 .  ? 4.599   2.040   11.451  1.00 15.32 ? 207 HOH A O   1 
HETATM 802  O O   . HOH G 3 .  ? 5.779   1.731   8.988   1.00 14.64 ? 208 HOH A O   1 
HETATM 803  O O   . HOH G 3 .  ? 12.801  -4.677  9.524   1.00 14.28 ? 209 HOH A O   1 
HETATM 804  O O   . HOH G 3 .  ? 7.794   4.588   10.415  1.00 13.65 ? 210 HOH A O   1 
HETATM 805  O O   . HOH G 3 .  ? 14.468  5.496   2.960   1.00 18.57 ? 211 HOH A O   1 
HETATM 806  O O   . HOH G 3 .  ? -0.686  -7.478  8.376   1.00 14.14 ? 212 HOH A O   1 
HETATM 807  O O   . HOH G 3 .  ? -5.686  2.262   12.887  1.00 18.59 ? 213 HOH A O   1 
HETATM 808  O O   . HOH G 3 .  ? -9.762  -10.648 8.087   1.00 15.46 ? 214 HOH A O   1 
HETATM 809  O O   . HOH G 3 .  ? -3.915  -3.616  11.777  1.00 14.72 ? 215 HOH A O   1 
HETATM 810  O O   . HOH G 3 .  ? -10.143 -5.585  -1.897  1.00 15.99 ? 216 HOH A O   1 
HETATM 811  O O   . HOH G 3 .  ? 11.264  -8.028  8.569   1.00 19.77 ? 217 HOH A O   1 
HETATM 812  O O   . HOH G 3 .  ? -10.035 2.471   -5.695  1.00 14.82 ? 218 HOH A O   1 
HETATM 813  O O   . HOH G 3 .  ? -7.820  -11.590 -0.477  1.00 18.57 ? 219 HOH A O   1 
HETATM 814  O O   . HOH G 3 .  ? -6.387  15.737  2.265   1.00 15.33 ? 220 HOH A O   1 
HETATM 815  O O   . HOH G 3 .  ? 1.205   -0.057  14.400  1.00 18.52 ? 221 HOH A O   1 
HETATM 816  O O   . HOH G 3 .  ? -9.544  3.078   -9.546  1.00 18.42 ? 222 HOH A O   1 
HETATM 817  O O   . HOH G 3 .  ? 8.126   2.750   8.514   1.00 17.80 ? 223 HOH A O   1 
HETATM 818  O O   . HOH G 3 .  ? -7.813  -4.695  11.689  1.00 20.90 ? 224 HOH A O   1 
HETATM 819  O O   . HOH G 3 .  ? -11.609 -5.675  1.807   1.00 15.35 ? 225 HOH A O   1 
HETATM 820  O O   . HOH G 3 .  ? -4.837  12.283  -5.497  1.00 18.84 ? 226 HOH A O   1 
HETATM 821  O O   . HOH G 3 .  ? -8.433  -3.769  -2.952  1.00 19.65 ? 227 HOH A O   1 
HETATM 822  O O   . HOH G 3 .  ? -2.684  -14.666 -3.820  1.00 22.06 ? 228 HOH A O   1 
HETATM 823  O O   . HOH G 3 .  ? 15.857  4.542   5.223   1.00 21.06 ? 229 HOH A O   1 
HETATM 824  O O   . HOH G 3 .  ? -5.584  9.867   -8.346  1.00 20.53 ? 230 HOH A O   1 
HETATM 825  O O   . HOH G 3 .  ? -13.096 -8.635  3.304   1.00 21.73 ? 231 HOH A O   1 
HETATM 826  O O   . HOH G 3 .  ? 1.520   -2.501  15.581  1.00 17.60 ? 232 HOH A O   1 
HETATM 827  O O   . HOH G 3 .  ? 7.163   9.210   -5.879  1.00 22.13 ? 233 HOH A O   1 
HETATM 828  O O   . HOH G 3 .  ? 10.914  -6.806  13.250  1.00 20.47 ? 234 HOH A O   1 
HETATM 829  O O   . HOH G 3 .  ? 3.212   14.232  6.438   1.00 22.70 ? 235 HOH A O   1 
HETATM 830  O O   . HOH G 3 .  ? -9.609  10.123  3.222   1.00 20.56 ? 236 HOH A O   1 
HETATM 831  O O   . HOH G 3 .  ? -2.489  16.999  1.759   1.00 19.63 ? 237 HOH A O   1 
HETATM 832  O O   . HOH G 3 .  ? -8.407  5.611   -9.044  1.00 19.44 ? 238 HOH A O   1 
HETATM 833  O O   . HOH G 3 .  ? -5.170  -13.724 3.208   1.00 21.60 ? 239 HOH A O   1 
HETATM 834  O O   . HOH G 3 .  ? -6.942  -13.789 0.946   1.00 22.26 ? 240 HOH A O   1 
HETATM 835  O O   . HOH G 3 .  ? -0.837  -6.500  11.790  1.00 20.96 ? 241 HOH A O   1 
HETATM 836  O O   . HOH G 3 .  ? -5.085  3.463   -14.900 1.00 24.06 ? 242 HOH A O   1 
HETATM 837  O O   . HOH G 3 .  ? -6.417  11.434  2.441   1.00 20.18 ? 243 HOH A O   1 
HETATM 838  O O   . HOH G 3 .  ? 0.420   15.648  3.911   1.00 22.11 ? 244 HOH A O   1 
HETATM 839  O O   . HOH G 3 .  ? 0.078   -13.262 -0.138  1.00 20.22 ? 245 HOH A O   1 
HETATM 840  O O   . HOH G 3 .  ? -3.009  13.998  3.392   1.00 24.56 ? 246 HOH A O   1 
HETATM 841  O O   . HOH G 3 .  ? -4.040  -5.248  13.943  1.00 24.98 ? 247 HOH A O   1 
HETATM 842  O O   . HOH G 3 .  ? 0.644   -11.340 7.357   1.00 26.71 ? 248 HOH A O   1 
HETATM 843  O O   . HOH G 3 .  ? -10.985 -10.115 10.484  1.00 25.51 ? 249 HOH A O   1 
HETATM 844  O O   . HOH G 3 .  ? -9.925  0.130   -7.440  1.00 22.62 ? 250 HOH A O   1 
HETATM 845  O O   . HOH G 3 .  ? -8.831  15.893  -3.907  1.00 24.70 ? 251 HOH A O   1 
HETATM 846  O O   . HOH G 3 .  ? 2.338   -14.706 0.423   1.00 27.70 ? 252 HOH A O   1 
HETATM 847  O O   . HOH G 3 .  ? 0.683   -4.634  -18.457 1.00 26.50 ? 253 HOH A O   1 
HETATM 848  O O   . HOH G 3 .  ? -13.123 -2.276  4.282   1.00 28.16 ? 254 HOH A O   1 
HETATM 849  O O   . HOH G 3 .  ? 13.297  -0.379  -1.230  1.00 31.84 ? 255 HOH A O   1 
HETATM 850  O O   . HOH G 3 .  ? 0.658   -4.928  14.851  1.00 25.58 ? 256 HOH A O   1 
HETATM 851  O O   . HOH G 3 .  ? 7.258   6.515   6.067   1.00 19.54 ? 257 HOH A O   1 
HETATM 852  O O   . HOH G 3 .  ? 9.756   -10.096 8.195   1.00 25.41 ? 258 HOH A O   1 
HETATM 853  O O   . HOH G 3 .  ? 16.866  -0.021  5.200   1.00 23.12 ? 259 HOH A O   1 
HETATM 854  O O   . HOH G 3 .  ? -0.745  9.319   14.126  1.00 26.50 ? 260 HOH A O   1 
HETATM 855  O O   . HOH G 3 .  ? 0.979   3.256   -16.035 1.00 27.70 ? 261 HOH A O   1 
HETATM 856  O O   . HOH G 3 .  ? -12.543 -4.166  5.667   1.00 24.11 ? 262 HOH A O   1 
HETATM 857  O O   . HOH G 3 .  ? 9.728   11.629  12.233  1.00 35.09 ? 263 HOH A O   1 
HETATM 858  O O   . HOH G 3 .  ? -7.669  -12.262 8.610   1.00 30.19 ? 264 HOH A O   1 
HETATM 859  O O   . HOH G 3 .  ? 10.172  7.592   3.650   1.00 25.01 ? 265 HOH A O   1 
HETATM 860  O O   . HOH G 3 .  ? 8.915   -8.682  13.352  1.00 27.32 ? 266 HOH A O   1 
HETATM 861  O O   . HOH G 3 .  ? 8.560   8.912   5.556   1.00 25.25 ? 267 HOH A O   1 
HETATM 862  O O   . HOH G 3 .  ? 14.254  1.647   16.357  1.00 26.72 ? 268 HOH A O   1 
HETATM 863  O O   . HOH G 3 .  ? 16.764  6.813   6.655   1.00 30.42 ? 269 HOH A O   1 
HETATM 864  O O   . HOH G 3 .  ? 2.844   -12.811 -7.106  1.00 35.09 ? 270 HOH A O   1 
HETATM 865  O O   . HOH G 3 .  ? 5.131   -12.663 3.720   1.00 24.66 ? 271 HOH A O   1 
HETATM 866  O O   . HOH G 3 .  ? -3.437  12.359  -7.850  1.00 31.38 ? 272 HOH A O   1 
HETATM 867  O O   . HOH G 3 .  ? -10.311 3.113   -12.289 1.00 28.88 ? 273 HOH A O   1 
HETATM 868  O O   . HOH G 3 .  ? -10.555 0.860   -13.822 1.00 30.16 ? 274 HOH A O   1 
HETATM 869  O O   . HOH G 3 .  ? -13.362 -2.178  0.496   1.00 30.50 ? 275 HOH A O   1 
HETATM 870  O O   . HOH G 3 .  ? 0.098   1.289   16.749  1.00 28.28 ? 276 HOH A O   1 
HETATM 871  O O   . HOH G 3 .  ? -6.063  -15.043 -6.538  1.00 27.41 ? 277 HOH A O   1 
HETATM 872  O O   . HOH G 3 .  ? 1.195   6.251   16.813  1.00 32.48 ? 278 HOH A O   1 
HETATM 873  O O   . HOH G 3 .  ? -4.780  5.743   -13.452 1.00 35.81 ? 279 HOH A O   1 
HETATM 874  O O   . HOH G 3 .  ? 3.202   14.871  10.072  1.00 32.51 ? 280 HOH A O   1 
HETATM 875  O O   . HOH G 3 .  ? -1.951  10.778  12.395  1.00 26.05 ? 281 HOH A O   1 
HETATM 876  O O   . HOH G 3 .  ? -5.747  -15.905 -0.230  1.00 30.47 ? 282 HOH A O   1 
HETATM 877  O O   . HOH G 3 .  ? 3.263   -11.933 7.640   1.00 29.23 ? 283 HOH A O   1 
HETATM 878  O O   . HOH G 3 .  ? -3.168  -7.828  9.592   1.00 25.58 ? 284 HOH A O   1 
HETATM 879  O O   . HOH G 3 .  ? -1.076  10.776  -8.332  1.00 33.01 ? 285 HOH A O   1 
HETATM 880  O O   . HOH G 3 .  ? 3.047   17.641  6.287   1.00 26.14 ? 286 HOH A O   1 
HETATM 881  O O   . HOH G 3 .  ? 10.454  2.810   -6.863  1.00 28.72 ? 287 HOH A O   1 
HETATM 882  O O   . HOH G 3 .  ? -14.770 3.848   2.817   1.00 28.63 ? 288 HOH A O   1 
HETATM 883  O O   . HOH G 3 .  ? 12.110  2.354   15.056  1.00 24.42 ? 289 HOH A O   1 
HETATM 884  O O   . HOH G 3 .  ? 2.196   -15.725 -5.119  1.00 34.54 ? 290 HOH A O   1 
HETATM 885  O O   . HOH G 3 .  ? -13.139 -4.409  8.325   1.00 33.88 ? 291 HOH A O   1 
HETATM 886  O O   . HOH G 3 .  ? -13.936 -2.734  -15.047 1.00 35.20 ? 292 HOH A O   1 
HETATM 887  O O   . HOH G 3 .  ? 2.344   11.795  2.067   1.00 26.72 ? 293 HOH A O   1 
HETATM 888  O O   . HOH G 3 .  ? -11.187 -11.996 1.480   1.00 23.82 ? 294 HOH A O   1 
HETATM 889  O O   . HOH G 3 .  ? 11.951  9.851   2.041   1.00 31.59 ? 295 HOH A O   1 
HETATM 890  O O   . HOH G 3 .  ? 12.824  8.034   3.584   1.00 26.03 ? 296 HOH A O   1 
HETATM 891  O O   . HOH G 3 .  ? -13.170 7.397   1.615   1.00 27.28 ? 297 HOH A O   1 
HETATM 892  O O   . HOH G 3 .  ? -6.251  -3.808  15.786  1.00 35.75 ? 298 HOH A O   1 
HETATM 893  O O   . HOH G 3 .  ? 13.488  5.601   -4.760  1.00 29.85 ? 299 HOH A O   1 
HETATM 894  O O   . HOH G 3 .  ? -15.995 6.828   -1.038  1.00 33.36 ? 300 HOH A O   1 
HETATM 895  O O   . HOH G 3 .  ? -10.156 -10.283 -8.154  1.00 31.51 ? 301 HOH A O   1 
HETATM 896  O O   . HOH G 3 .  ? 15.245  -5.555  12.918  1.00 30.93 ? 302 HOH A O   1 
HETATM 897  O O   . HOH G 3 .  ? -6.790  -14.556 5.341   1.00 35.52 ? 303 HOH A O   1 
HETATM 898  O O   . HOH G 3 .  ? 13.960  -2.639  -0.123  1.00 39.31 ? 304 HOH A O   1 
HETATM 899  O O   . HOH G 3 .  ? 15.007  4.045   -2.544  1.00 35.30 ? 305 HOH A O   1 
HETATM 900  O O   . HOH G 3 .  ? 17.963  2.739   5.029   1.00 31.77 ? 306 HOH A O   1 
HETATM 901  O O   . HOH G 3 .  ? -0.816  5.562   -15.746 1.00 32.89 ? 307 HOH A O   1 
HETATM 902  O O   . HOH G 3 .  ? -7.098  -13.942 -8.529  1.00 36.90 ? 308 HOH A O   1 
HETATM 903  O O   . HOH G 3 .  ? 3.002   13.980  3.404   1.00 35.34 ? 309 HOH A O   1 
HETATM 904  O O   . HOH G 3 .  ? -11.233 -7.435  11.075  1.00 30.70 ? 310 HOH A O   1 
HETATM 905  O O   . HOH G 3 .  ? 15.948  2.511   13.395  1.00 32.02 ? 311 HOH A O   1 
HETATM 906  O O   . HOH G 3 .  ? 0.525   -13.057 -10.047 1.00 42.24 ? 312 HOH A O   1 
HETATM 907  O O   . HOH G 3 .  ? -1.025  -13.322 7.285   1.00 38.27 ? 313 HOH A O   1 
HETATM 908  O O   . HOH G 3 .  ? -9.922  -5.870  12.502  1.00 35.04 ? 314 HOH A O   1 
HETATM 909  O O   . HOH G 3 .  ? -14.804 6.873   -2.984  1.00 44.53 ? 315 HOH A O   1 
HETATM 910  O O   . HOH G 3 .  ? 4.323   -13.143 1.072   1.00 32.20 ? 316 HOH A O   1 
HETATM 911  O O   . HOH G 3 .  ? -7.135  6.989   -11.131 1.00 35.47 ? 317 HOH A O   1 
HETATM 912  O O   . HOH G 3 .  ? 0.971   -9.149  14.622  1.00 43.72 ? 318 HOH A O   1 
HETATM 913  O O   . HOH G 3 .  ? -3.276  -10.204 9.462   1.00 33.50 ? 319 HOH A O   1 
HETATM 914  O O   . HOH G 3 .  ? 15.994  3.222   16.219  1.00 28.23 ? 320 HOH A O   1 
HETATM 915  O O   . HOH G 3 .  ? 6.862   -6.356  -5.257  1.00 36.23 ? 321 HOH A O   1 
HETATM 916  O O   . HOH G 3 .  ? -1.870  -5.698  15.313  1.00 35.83 ? 322 HOH A O   1 
HETATM 917  O O   . HOH G 3 .  ? 10.254  10.555  10.178  1.00 41.40 ? 323 HOH A O   1 
HETATM 918  O O   . HOH G 3 .  ? -11.170 6.106   -7.919  1.00 34.55 ? 324 HOH A O   1 
HETATM 919  O O   . HOH G 3 .  ? 11.566  -5.586  2.705   1.00 35.96 ? 325 HOH A O   1 
HETATM 920  O O   . HOH G 3 .  ? -15.277 5.849   1.685   1.00 34.99 ? 326 HOH A O   1 
HETATM 921  O O   . HOH G 3 .  ? -11.621 9.072   -7.782  1.00 36.41 ? 327 HOH A O   1 
HETATM 922  O O   . HOH G 3 .  ? -3.087  3.702   -16.828 1.00 35.76 ? 328 HOH A O   1 
HETATM 923  O O   . HOH G 3 .  ? -9.514  -2.860  -11.329 1.00 31.43 ? 329 HOH A O   1 
HETATM 924  O O   . HOH G 3 .  ? 16.271  5.751   1.099   1.00 36.10 ? 330 HOH A O   1 
HETATM 925  O O   . HOH G 3 .  ? -2.784  -17.087 -5.420  1.00 40.11 ? 331 HOH A O   1 
HETATM 926  O O   . HOH G 3 .  ? 2.303   -16.592 2.160   1.00 39.09 ? 332 HOH A O   1 
HETATM 927  O O   . HOH G 3 .  ? 3.955   -14.082 5.688   1.00 39.78 ? 333 HOH A O   1 
HETATM 928  O O   . HOH G 3 .  ? -1.993  14.895  -7.294  1.00 42.84 ? 334 HOH A O   1 
HETATM 929  O O   . HOH G 3 .  ? 0.946   3.695   17.811  1.00 40.64 ? 335 HOH A O   1 
HETATM 930  O O   . HOH G 3 .  ? -11.952 2.915   -8.596  1.00 41.64 ? 336 HOH A O   1 
HETATM 931  O O   . HOH G 3 .  ? -10.486 3.195   8.454   1.00 36.39 ? 337 HOH A O   1 
HETATM 932  O O   . HOH G 3 .  ? -9.610  10.787  -8.683  1.00 43.04 ? 338 HOH A O   1 
HETATM 933  O O   . HOH G 3 .  ? 4.430   -11.149 -5.765  1.00 40.39 ? 339 HOH A O   1 
HETATM 934  O O   . HOH G 3 .  ? -1.356  -15.139 -1.441  1.00 34.07 ? 340 HOH A O   1 
HETATM 935  O O   . HOH G 3 .  ? -0.534  -15.988 6.606   1.00 44.14 ? 341 HOH A O   1 
HETATM 936  O O   . HOH G 3 .  ? -1.581  -0.525  18.131  1.00 40.95 ? 342 HOH A O   1 
HETATM 937  O O   . HOH G 3 .  ? 17.875  -1.499  7.283   1.00 40.61 ? 343 HOH A O   1 
HETATM 938  O O   . HOH G 3 .  ? 3.113   9.090   -7.951  1.00 31.16 ? 344 HOH A O   1 
HETATM 939  O O   . HOH G 3 .  ? -5.477  13.588  3.674   1.00 31.10 ? 345 HOH A O   1 
HETATM 940  O O   . HOH G 3 .  ? -6.417  -0.189  16.583  1.00 35.49 ? 346 HOH A O   1 
HETATM 941  O O   . HOH G 3 .  ? -4.520  -0.334  18.182  1.00 44.76 ? 347 HOH A O   1 
HETATM 942  O O   . HOH G 3 .  ? -1.929  7.092   14.405  1.00 32.14 ? 348 HOH A O   1 
HETATM 943  O O   . HOH G 3 .  ? -11.264 -12.103 -6.820  1.00 33.92 ? 349 HOH A O   1 
HETATM 944  O O   . HOH G 3 .  ? 12.352  -7.668  11.018  1.00 29.51 ? 350 HOH A O   1 
HETATM 945  O O   . HOH G 3 .  ? -9.421  -14.408 4.859   1.00 36.78 ? 351 HOH A O   1 
HETATM 946  O O   . HOH G 3 .  ? 18.106  -0.069  11.653  1.00 33.19 ? 352 HOH A O   1 
HETATM 947  O O   . HOH G 3 .  ? -9.962  -2.526  14.536  1.00 46.61 ? 353 HOH A O   1 
HETATM 948  O O   . HOH G 3 .  ? -11.842 7.413   3.750   1.00 37.30 ? 354 HOH A O   1 
HETATM 949  O O   . HOH G 3 .  ? -2.947  5.098   14.591  1.00 40.81 ? 355 HOH A O   1 
HETATM 950  O O   . HOH G 3 .  ? 0.112   -2.625  17.937  1.00 42.52 ? 356 HOH A O   1 
HETATM 951  O O   . HOH G 3 .  ? -9.270  -14.222 2.054   1.00 39.85 ? 357 HOH A O   1 
HETATM 952  O O   . HOH G 3 .  ? 13.040  3.928   -7.166  1.00 39.81 ? 358 HOH A O   1 
HETATM 953  O O   . HOH G 3 .  ? -0.820  -11.142 -11.071 1.00 44.95 ? 359 HOH A O   1 
HETATM 954  O O   . HOH G 3 .  ? 11.338  12.065  -0.970  1.00 39.21 ? 360 HOH A O   1 
HETATM 955  O O   . HOH G 3 .  ? 16.581  -3.842  10.729  1.00 43.08 ? 361 HOH A O   1 
HETATM 956  O O   . HOH G 3 .  ? -8.069  9.848   -9.893  1.00 43.25 ? 362 HOH A O   1 
HETATM 957  O O   . HOH G 3 .  ? -12.037 -4.643  -12.164 1.00 40.58 ? 363 HOH A O   1 
HETATM 958  O O   . HOH G 3 .  ? -0.081  -7.841  -13.715 1.00 37.51 ? 364 HOH A O   1 
HETATM 959  O O   . HOH G 3 .  ? -14.325 0.097   5.296   1.00 44.19 ? 365 HOH A O   1 
HETATM 960  O O   . HOH G 3 .  ? 0.298   -16.840 -2.343  1.00 40.77 ? 366 HOH A O   1 
HETATM 961  O O   . HOH G 3 .  ? 7.232   12.680  7.005   1.00 43.54 ? 367 HOH A O   1 
HETATM 962  O O   . HOH G 3 .  ? -7.394  -5.865  13.942  1.00 45.61 ? 368 HOH A O   1 
HETATM 963  O O   . HOH G 3 .  ? -11.587 4.500   -5.730  1.00 29.35 ? 369 HOH A O   1 
HETATM 964  O O   . HOH G 3 .  ? 2.984   8.185   -10.515 1.00 35.15 ? 370 HOH A O   1 
HETATM 965  O O   . HOH G 3 .  ? 3.281   2.903   19.342  1.00 34.88 ? 371 HOH A O   1 
HETATM 966  O O   . HOH G 3 .  ? 11.336  10.208  7.075   1.00 35.78 ? 372 HOH A O   1 
HETATM 967  O O   . HOH G 3 .  ? 5.619   13.175  11.401  1.00 41.50 ? 373 HOH A O   1 
HETATM 968  O O   . HOH G 3 .  ? -0.135  -10.487 10.182  1.00 40.52 ? 374 HOH A O   1 
HETATM 969  O O   . HOH G 3 .  ? -4.876  -11.914 10.304  1.00 43.76 ? 375 HOH A O   1 
HETATM 970  O O   . HOH G 3 .  ? -2.791  -16.475 -7.391  1.00 46.33 ? 376 HOH A O   1 
HETATM 971  O O   . HOH G 3 .  ? 13.799  9.354   5.828   1.00 40.12 ? 377 HOH A O   1 
HETATM 972  O O   . HOH G 3 .  ? 16.629  5.665   -1.258  1.00 44.65 ? 378 HOH A O   1 
HETATM 973  O O   . HOH G 3 .  ? 1.383   9.339   -12.028 1.00 40.78 ? 379 HOH A O   1 
HETATM 974  O O   . HOH G 3 .  ? -2.598  3.263   16.039  1.00 43.12 ? 380 HOH A O   1 
HETATM 975  O O   . HOH G 3 .  ? 5.386   -12.703 -3.183  1.00 44.52 ? 381 HOH A O   1 
HETATM 976  O O   . HOH G 3 .  ? -2.173  -4.125  17.870  1.00 38.97 ? 382 HOH A O   1 
HETATM 977  O O   . HOH G 3 .  ? 1.624   8.215   13.309  1.00 18.82 ? 383 HOH A O   1 
HETATM 978  O O   . HOH G 3 .  ? -11.505 -3.831  -0.206  1.00 19.63 ? 384 HOH A O   1 
HETATM 979  O O   . HOH G 3 .  ? -14.268 0.327   0.934   1.00 29.14 ? 385 HOH A O   1 
HETATM 980  O O   . HOH G 3 .  ? 8.646   9.983   8.880   1.00 34.53 ? 386 HOH A O   1 
HETATM 981  O O   . HOH G 3 .  ? -8.519  1.618   -16.355 1.00 36.94 ? 387 HOH A O   1 
HETATM 982  O O   . HOH G 3 .  ? -3.508  -11.456 6.954   1.00 33.19 ? 388 HOH A O   1 
HETATM 983  O O   . HOH G 3 .  ? 19.605  0.337   13.669  1.00 43.80 ? 389 HOH A O   1 
HETATM 984  O O   . HOH G 3 .  ? -7.562  3.593   -16.228 1.00 36.33 ? 390 HOH A O   1 
HETATM 985  O O   . HOH G 3 .  ? 4.727   -11.919 10.085  1.00 35.39 ? 391 HOH A O   1 
HETATM 986  O O   . HOH G 3 .  ? 13.382  -7.777  6.529   1.00 33.61 ? 392 HOH A O   1 
HETATM 987  O O   . HOH G 3 .  ? -8.172  5.544   11.904  1.00 34.42 ? 393 HOH A O   1 
HETATM 988  O O   . HOH G 3 .  ? 3.721   11.283  -1.573  1.00 35.39 ? 394 HOH A O   1 
HETATM 989  O O   . HOH G 3 .  ? 3.537   1.148   18.137  1.00 37.63 ? 395 HOH A O   1 
HETATM 990  O O   . HOH G 3 .  ? 6.576   -12.911 10.207  1.00 39.38 ? 396 HOH A O   1 
HETATM 991  O O   . HOH G 3 .  ? -11.135 -1.871  -9.338  1.00 39.32 ? 397 HOH A O   1 
HETATM 992  O O   . HOH G 3 .  ? 0.724   8.286   15.031  1.00 34.58 ? 398 HOH A O   1 
HETATM 993  O O   . HOH G 3 .  ? 0.989   5.454   -13.699 1.00 37.80 ? 399 HOH A O   1 
HETATM 994  O O   . HOH G 3 .  ? -14.902 1.220   2.398   1.00 40.93 ? 400 HOH A O   1 
HETATM 995  O O   . HOH G 3 .  ? 4.441   9.208   -3.595  1.00 37.19 ? 401 HOH A O   1 
HETATM 996  O O   . HOH G 3 .  ? -13.669 -0.812  -13.123 1.00 45.94 ? 402 HOH A O   1 
HETATM 997  O O   . HOH G 3 .  ? 14.344  -5.811  7.437   1.00 43.64 ? 403 HOH A O   1 
HETATM 998  O O   . HOH G 3 .  ? -2.037  -1.843  -18.522 1.00 37.59 ? 404 HOH A O   1 
HETATM 999  O O   . HOH G 3 .  ? 2.254   -12.144 11.612  1.00 46.45 ? 405 HOH A O   1 
HETATM 1000 O O   . HOH G 3 .  ? 6.455   12.042  4.680   1.00 29.44 ? 406 HOH A O   1 
HETATM 1001 O O   . HOH G 3 .  ? -3.527  -16.307 -0.652  1.00 45.59 ? 407 HOH A O   1 
HETATM 1002 O O   . HOH G 3 .  ? -5.376  -12.255 6.630   1.00 48.42 ? 408 HOH A O   1 
HETATM 1003 O O   . HOH G 3 .  ? 13.528  10.009  7.776   1.00 46.84 ? 409 HOH A O   1 
HETATM 1004 O O   . HOH G 3 .  ? 13.061  -7.390  4.284   1.00 45.69 ? 410 HOH A O   1 
HETATM 1005 O O   . HOH G 3 .  ? -0.851  2.106   -18.256 1.00 44.24 ? 411 HOH A O   1 
HETATM 1006 O O   . HOH G 3 .  ? -13.471 2.891   5.985   1.00 42.54 ? 412 HOH A O   1 
HETATM 1007 O O   . HOH G 3 .  ? -13.415 2.870   -10.866 1.00 48.96 ? 413 HOH A O   1 
HETATM 1008 O O   . HOH G 3 .  ? -5.234  6.767   13.453  1.00 43.62 ? 414 HOH A O   1 
HETATM 1009 O O   . HOH G 3 .  ? 3.000   -11.545 -10.888 1.00 46.75 ? 415 HOH A O   1 
HETATM 1010 O O   . HOH G 3 .  ? 3.056   -16.378 -1.808  1.00 40.90 ? 416 HOH A O   1 
HETATM 1011 O O   . HOH G 3 .  ? -11.005 -4.692  14.240  1.00 44.46 ? 417 HOH A O   1 
# 
loop_
_pdbx_poly_seq_scheme.asym_id 
_pdbx_poly_seq_scheme.entity_id 
_pdbx_poly_seq_scheme.seq_id 
_pdbx_poly_seq_scheme.mon_id 
_pdbx_poly_seq_scheme.ndb_seq_num 
_pdbx_poly_seq_scheme.pdb_seq_num 
_pdbx_poly_seq_scheme.auth_seq_num 
_pdbx_poly_seq_scheme.pdb_mon_id 
_pdbx_poly_seq_scheme.auth_mon_id 
_pdbx_poly_seq_scheme.pdb_strand_id 
_pdbx_poly_seq_scheme.pdb_ins_code 
_pdbx_poly_seq_scheme.hetero 
A 1 1  SER 1  -2 ?  ?   ?   A . n 
A 1 2  THR 2  -1 ?  ?   ?   A . n 
A 1 3  GLY 3  0  ?  ?   ?   A . n 
A 1 4  MET 4  1  ?  ?   ?   A . n 
A 1 5  ILE 5  2  ?  ?   ?   A . n 
A 1 6  GLN 6  3  3  GLN GLN A . n 
A 1 7  ARG 7  4  4  ARG ARG A . n 
A 1 8  ASP 8  5  5  ASP ASP A . n 
A 1 9  ILE 9  6  6  ILE ILE A . n 
A 1 10 GLU 10 7  7  GLU GLU A . n 
A 1 11 TYR 11 8  8  TYR TYR A . n 
A 1 12 SER 12 9  9  SER SER A . n 
A 1 13 GLY 13 10 10 GLY GLY A . n 
A 1 14 GLN 14 11 11 GLN GLN A . n 
A 1 15 TYR 15 12 12 TYR TYR A . n 
A 1 16 SER 16 13 13 SER SER A . n 
A 1 17 LYS 17 14 14 LYS LYS A . n 
A 1 18 ASP 18 15 15 ASP ASP A . n 
A 1 19 VAL 19 16 16 VAL VAL A . n 
A 1 20 LYS 20 17 17 LYS LYS A . n 
A 1 21 LEU 21 18 18 LEU LEU A . n 
A 1 22 ALA 22 19 19 ALA ALA A . n 
A 1 23 GLN 23 20 20 GLN GLN A . n 
A 1 24 LYS 24 21 21 LYS LYS A . n 
A 1 25 ARG 25 22 22 ARG ARG A . n 
A 1 26 HIS 26 23 23 HIS HIS A . n 
A 1 27 LYS 27 24 24 LYS LYS A . n 
A 1 28 ASP 28 25 25 ASP ASP A . n 
A 1 29 MET 29 26 26 MET MET A . n 
A 1 30 ASN 30 27 27 ASN ASN A . n 
A 1 31 LYS 31 28 28 LYS LYS A . n 
A 1 32 LEU 32 29 29 LEU LEU A . n 
A 1 33 LYS 33 30 30 LYS LYS A . n 
A 1 34 TYR 34 31 31 TYR TYR A . n 
A 1 35 LEU 35 32 32 LEU LEU A . n 
A 1 36 MET 36 33 33 MET MET A . n 
A 1 37 THR 37 34 34 THR THR A . n 
A 1 38 LEU 38 35 35 LEU LEU A . n 
A 1 39 LEU 39 36 36 LEU LEU A . n 
A 1 40 ILE 40 37 37 ILE ILE A . n 
A 1 41 ASN 41 38 38 ASN ASN A . n 
A 1 42 ASN 42 39 39 ASN ASN A . n 
A 1 43 THR 43 40 40 THR THR A . n 
A 1 44 LEU 44 41 41 LEU LEU A . n 
A 1 45 PRO 45 42 42 PRO PRO A . n 
A 1 46 LEU 46 43 43 LEU LEU A . n 
A 1 47 PRO 47 44 44 PRO PRO A . n 
A 1 48 ALA 48 45 45 ALA ALA A . n 
A 1 49 VAL 49 46 46 VAL VAL A . n 
A 1 50 TYR 50 47 47 TYR TYR A . n 
A 1 51 LYS 51 48 48 LYS LYS A . n 
A 1 52 ASP 52 49 49 ASP ASP A . n 
A 1 53 HIS 53 50 50 HIS HIS A . n 
A 1 54 PRO 54 51 51 PRO PRO A . n 
A 1 55 LEU 55 52 52 LEU LEU A . n 
A 1 56 GLN 56 53 53 GLN GLN A . n 
A 1 57 GLY 57 54 54 GLY GLY A . n 
A 1 58 SER 58 55 55 SER SER A . n 
A 1 59 TRP 59 56 56 TRP TRP A . n 
A 1 60 LYS 60 57 57 LYS LYS A . n 
A 1 61 GLY 61 58 58 GLY GLY A . n 
A 1 62 TYR 62 59 59 TYR TYR A . n 
A 1 63 ARG 63 60 60 ARG ARG A . n 
A 1 64 ASP 64 61 61 ASP ASP A . n 
A 1 65 ALA 65 62 62 ALA ALA A . n 
A 1 66 HIS 66 63 63 HIS HIS A . n 
A 1 67 VAL 67 64 64 VAL VAL A . n 
A 1 68 GLU 68 65 65 GLU GLU A . n 
A 1 69 PRO 69 66 66 PRO PRO A . n 
A 1 70 ASP 70 67 67 ASP ASP A . n 
A 1 71 TRP 71 68 68 TRP TRP A . n 
A 1 72 ILE 72 69 69 ILE ILE A . n 
A 1 73 LEU 73 70 70 LEU LEU A . n 
A 1 74 ILE 74 71 71 ILE ILE A . n 
A 1 75 TYR 75 72 72 TYR TYR A . n 
A 1 76 LYS 76 73 73 LYS LYS A . n 
A 1 77 LEU 77 74 74 LEU LEU A . n 
A 1 78 THR 78 75 75 THR THR A . n 
A 1 79 ASP 79 76 76 ASP ASP A . n 
A 1 80 LYS 80 77 77 LYS LYS A . n 
A 1 81 LEU 81 78 78 LEU LEU A . n 
A 1 82 LEU 82 79 79 LEU LEU A . n 
A 1 83 ARG 83 80 80 ARG ARG A . n 
A 1 84 PHE 84 81 81 PHE PHE A . n 
A 1 85 GLU 85 82 82 GLU GLU A . n 
A 1 86 ARG 86 83 83 ARG ARG A . n 
A 1 87 THR 87 84 84 THR THR A . n 
A 1 88 GLY 88 85 85 GLY GLY A . n 
A 1 89 THR 89 86 86 THR THR A . n 
A 1 90 HIS 90 87 87 HIS HIS A . n 
A 1 91 ALA 91 88 88 ALA ALA A . n 
A 1 92 ALA 92 89 89 ALA ALA A . n 
A 1 93 LEU 93 90 90 LEU LEU A . n 
A 1 94 PHE 94 91 91 PHE PHE A . n 
A 1 95 GLY 95 92 92 GLY GLY A . n 
# 
loop_
_pdbx_nonpoly_scheme.asym_id 
_pdbx_nonpoly_scheme.entity_id 
_pdbx_nonpoly_scheme.mon_id 
_pdbx_nonpoly_scheme.ndb_seq_num 
_pdbx_nonpoly_scheme.pdb_seq_num 
_pdbx_nonpoly_scheme.auth_seq_num 
_pdbx_nonpoly_scheme.pdb_mon_id 
_pdbx_nonpoly_scheme.auth_mon_id 
_pdbx_nonpoly_scheme.pdb_strand_id 
_pdbx_nonpoly_scheme.pdb_ins_code 
B 2 SO4 1   101 1   SO4 SO4 A . 
C 2 SO4 1   102 2   SO4 SO4 A . 
D 2 SO4 1   103 3   SO4 SO4 A . 
E 2 SO4 1   104 4   SO4 SO4 A . 
F 2 SO4 1   105 5   SO4 SO4 A . 
G 3 HOH 1   201 1   HOH HOH A . 
G 3 HOH 2   202 2   HOH HOH A . 
G 3 HOH 3   203 3   HOH HOH A . 
G 3 HOH 4   204 4   HOH HOH A . 
G 3 HOH 5   205 5   HOH HOH A . 
G 3 HOH 6   206 6   HOH HOH A . 
G 3 HOH 7   207 7   HOH HOH A . 
G 3 HOH 8   208 8   HOH HOH A . 
G 3 HOH 9   209 9   HOH HOH A . 
G 3 HOH 10  210 10  HOH HOH A . 
G 3 HOH 11  211 11  HOH HOH A . 
G 3 HOH 12  212 12  HOH HOH A . 
G 3 HOH 13  213 13  HOH HOH A . 
G 3 HOH 14  214 14  HOH HOH A . 
G 3 HOH 15  215 15  HOH HOH A . 
G 3 HOH 16  216 16  HOH HOH A . 
G 3 HOH 17  217 17  HOH HOH A . 
G 3 HOH 18  218 18  HOH HOH A . 
G 3 HOH 19  219 19  HOH HOH A . 
G 3 HOH 20  220 20  HOH HOH A . 
G 3 HOH 21  221 21  HOH HOH A . 
G 3 HOH 22  222 22  HOH HOH A . 
G 3 HOH 23  223 23  HOH HOH A . 
G 3 HOH 24  224 24  HOH HOH A . 
G 3 HOH 25  225 25  HOH HOH A . 
G 3 HOH 26  226 26  HOH HOH A . 
G 3 HOH 27  227 27  HOH HOH A . 
G 3 HOH 28  228 28  HOH HOH A . 
G 3 HOH 29  229 29  HOH HOH A . 
G 3 HOH 30  230 30  HOH HOH A . 
G 3 HOH 31  231 31  HOH HOH A . 
G 3 HOH 32  232 32  HOH HOH A . 
G 3 HOH 33  233 33  HOH HOH A . 
G 3 HOH 34  234 34  HOH HOH A . 
G 3 HOH 35  235 35  HOH HOH A . 
G 3 HOH 36  236 36  HOH HOH A . 
G 3 HOH 37  237 37  HOH HOH A . 
G 3 HOH 38  238 38  HOH HOH A . 
G 3 HOH 39  239 39  HOH HOH A . 
G 3 HOH 40  240 40  HOH HOH A . 
G 3 HOH 41  241 41  HOH HOH A . 
G 3 HOH 42  242 42  HOH HOH A . 
G 3 HOH 43  243 43  HOH HOH A . 
G 3 HOH 44  244 44  HOH HOH A . 
G 3 HOH 45  245 45  HOH HOH A . 
G 3 HOH 46  246 46  HOH HOH A . 
G 3 HOH 47  247 47  HOH HOH A . 
G 3 HOH 48  248 48  HOH HOH A . 
G 3 HOH 49  249 49  HOH HOH A . 
G 3 HOH 50  250 50  HOH HOH A . 
G 3 HOH 51  251 51  HOH HOH A . 
G 3 HOH 52  252 52  HOH HOH A . 
G 3 HOH 53  253 53  HOH HOH A . 
G 3 HOH 54  254 54  HOH HOH A . 
G 3 HOH 55  255 55  HOH HOH A . 
G 3 HOH 56  256 56  HOH HOH A . 
G 3 HOH 57  257 57  HOH HOH A . 
G 3 HOH 58  258 58  HOH HOH A . 
G 3 HOH 59  259 59  HOH HOH A . 
G 3 HOH 60  260 60  HOH HOH A . 
G 3 HOH 61  261 61  HOH HOH A . 
G 3 HOH 62  262 62  HOH HOH A . 
G 3 HOH 63  263 63  HOH HOH A . 
G 3 HOH 64  264 64  HOH HOH A . 
G 3 HOH 65  265 65  HOH HOH A . 
G 3 HOH 66  266 66  HOH HOH A . 
G 3 HOH 67  267 67  HOH HOH A . 
G 3 HOH 68  268 68  HOH HOH A . 
G 3 HOH 69  269 69  HOH HOH A . 
G 3 HOH 70  270 70  HOH HOH A . 
G 3 HOH 71  271 71  HOH HOH A . 
G 3 HOH 72  272 72  HOH HOH A . 
G 3 HOH 73  273 73  HOH HOH A . 
G 3 HOH 74  274 74  HOH HOH A . 
G 3 HOH 75  275 75  HOH HOH A . 
G 3 HOH 76  276 76  HOH HOH A . 
G 3 HOH 77  277 77  HOH HOH A . 
G 3 HOH 78  278 78  HOH HOH A . 
G 3 HOH 79  279 79  HOH HOH A . 
G 3 HOH 80  280 80  HOH HOH A . 
G 3 HOH 81  281 81  HOH HOH A . 
G 3 HOH 82  282 82  HOH HOH A . 
G 3 HOH 83  283 83  HOH HOH A . 
G 3 HOH 84  284 84  HOH HOH A . 
G 3 HOH 85  285 85  HOH HOH A . 
G 3 HOH 86  286 86  HOH HOH A . 
G 3 HOH 87  287 87  HOH HOH A . 
G 3 HOH 88  288 88  HOH HOH A . 
G 3 HOH 89  289 89  HOH HOH A . 
G 3 HOH 90  290 90  HOH HOH A . 
G 3 HOH 91  291 91  HOH HOH A . 
G 3 HOH 92  292 92  HOH HOH A . 
G 3 HOH 93  293 93  HOH HOH A . 
G 3 HOH 94  294 94  HOH HOH A . 
G 3 HOH 95  295 95  HOH HOH A . 
G 3 HOH 96  296 96  HOH HOH A . 
G 3 HOH 97  297 97  HOH HOH A . 
G 3 HOH 98  298 98  HOH HOH A . 
G 3 HOH 99  299 99  HOH HOH A . 
G 3 HOH 100 300 100 HOH HOH A . 
G 3 HOH 101 301 101 HOH HOH A . 
G 3 HOH 102 302 102 HOH HOH A . 
G 3 HOH 103 303 103 HOH HOH A . 
G 3 HOH 104 304 104 HOH HOH A . 
G 3 HOH 105 305 105 HOH HOH A . 
G 3 HOH 106 306 106 HOH HOH A . 
G 3 HOH 107 307 107 HOH HOH A . 
G 3 HOH 108 308 108 HOH HOH A . 
G 3 HOH 109 309 109 HOH HOH A . 
G 3 HOH 110 310 110 HOH HOH A . 
G 3 HOH 111 311 111 HOH HOH A . 
G 3 HOH 112 312 112 HOH HOH A . 
G 3 HOH 113 313 113 HOH HOH A . 
G 3 HOH 114 314 114 HOH HOH A . 
G 3 HOH 115 315 115 HOH HOH A . 
G 3 HOH 116 316 116 HOH HOH A . 
G 3 HOH 117 317 117 HOH HOH A . 
G 3 HOH 118 318 118 HOH HOH A . 
G 3 HOH 119 319 119 HOH HOH A . 
G 3 HOH 120 320 120 HOH HOH A . 
G 3 HOH 121 321 121 HOH HOH A . 
G 3 HOH 122 322 122 HOH HOH A . 
G 3 HOH 123 323 123 HOH HOH A . 
G 3 HOH 124 324 124 HOH HOH A . 
G 3 HOH 125 325 125 HOH HOH A . 
G 3 HOH 126 326 126 HOH HOH A . 
G 3 HOH 127 327 127 HOH HOH A . 
G 3 HOH 128 328 128 HOH HOH A . 
G 3 HOH 129 329 129 HOH HOH A . 
G 3 HOH 130 330 130 HOH HOH A . 
G 3 HOH 131 331 131 HOH HOH A . 
G 3 HOH 132 332 132 HOH HOH A . 
G 3 HOH 133 333 133 HOH HOH A . 
G 3 HOH 134 334 134 HOH HOH A . 
G 3 HOH 135 335 135 HOH HOH A . 
G 3 HOH 136 336 136 HOH HOH A . 
G 3 HOH 137 337 137 HOH HOH A . 
G 3 HOH 138 338 138 HOH HOH A . 
G 3 HOH 139 339 139 HOH HOH A . 
G 3 HOH 140 340 140 HOH HOH A . 
G 3 HOH 141 341 141 HOH HOH A . 
G 3 HOH 142 342 142 HOH HOH A . 
G 3 HOH 143 343 143 HOH HOH A . 
G 3 HOH 144 344 144 HOH HOH A . 
G 3 HOH 145 345 145 HOH HOH A . 
G 3 HOH 146 346 146 HOH HOH A . 
G 3 HOH 147 347 147 HOH HOH A . 
G 3 HOH 148 348 148 HOH HOH A . 
G 3 HOH 149 349 149 HOH HOH A . 
G 3 HOH 150 350 150 HOH HOH A . 
G 3 HOH 151 351 151 HOH HOH A . 
G 3 HOH 152 352 152 HOH HOH A . 
G 3 HOH 153 353 153 HOH HOH A . 
G 3 HOH 154 354 154 HOH HOH A . 
G 3 HOH 155 355 155 HOH HOH A . 
G 3 HOH 156 356 156 HOH HOH A . 
G 3 HOH 157 357 157 HOH HOH A . 
G 3 HOH 158 358 158 HOH HOH A . 
G 3 HOH 159 359 159 HOH HOH A . 
G 3 HOH 160 360 160 HOH HOH A . 
G 3 HOH 161 361 161 HOH HOH A . 
G 3 HOH 162 362 162 HOH HOH A . 
G 3 HOH 163 363 163 HOH HOH A . 
G 3 HOH 164 364 164 HOH HOH A . 
G 3 HOH 165 365 165 HOH HOH A . 
G 3 HOH 166 366 166 HOH HOH A . 
G 3 HOH 167 367 167 HOH HOH A . 
G 3 HOH 168 368 168 HOH HOH A . 
G 3 HOH 169 369 169 HOH HOH A . 
G 3 HOH 170 370 170 HOH HOH A . 
G 3 HOH 171 371 171 HOH HOH A . 
G 3 HOH 172 372 172 HOH HOH A . 
G 3 HOH 173 373 173 HOH HOH A . 
G 3 HOH 174 374 174 HOH HOH A . 
G 3 HOH 175 375 175 HOH HOH A . 
G 3 HOH 176 376 176 HOH HOH A . 
G 3 HOH 177 377 177 HOH HOH A . 
G 3 HOH 178 378 178 HOH HOH A . 
G 3 HOH 179 379 179 HOH HOH A . 
G 3 HOH 180 380 180 HOH HOH A . 
G 3 HOH 181 381 181 HOH HOH A . 
G 3 HOH 182 382 182 HOH HOH A . 
G 3 HOH 183 383 183 HOH HOH A . 
G 3 HOH 184 384 184 HOH HOH A . 
G 3 HOH 185 385 185 HOH HOH A . 
G 3 HOH 186 386 186 HOH HOH A . 
G 3 HOH 187 387 187 HOH HOH A . 
G 3 HOH 188 388 188 HOH HOH A . 
G 3 HOH 189 389 189 HOH HOH A . 
G 3 HOH 190 390 190 HOH HOH A . 
G 3 HOH 191 391 191 HOH HOH A . 
G 3 HOH 192 392 192 HOH HOH A . 
G 3 HOH 193 393 193 HOH HOH A . 
G 3 HOH 194 394 194 HOH HOH A . 
G 3 HOH 195 395 195 HOH HOH A . 
G 3 HOH 196 396 196 HOH HOH A . 
G 3 HOH 197 397 197 HOH HOH A . 
G 3 HOH 198 398 198 HOH HOH A . 
G 3 HOH 199 399 199 HOH HOH A . 
G 3 HOH 200 400 200 HOH HOH A . 
G 3 HOH 201 401 201 HOH HOH A . 
G 3 HOH 202 402 202 HOH HOH A . 
G 3 HOH 203 403 203 HOH HOH A . 
G 3 HOH 204 404 204 HOH HOH A . 
G 3 HOH 205 405 205 HOH HOH A . 
G 3 HOH 206 406 206 HOH HOH A . 
G 3 HOH 207 407 207 HOH HOH A . 
G 3 HOH 208 408 208 HOH HOH A . 
G 3 HOH 209 409 209 HOH HOH A . 
G 3 HOH 210 410 210 HOH HOH A . 
G 3 HOH 211 411 211 HOH HOH A . 
G 3 HOH 212 412 212 HOH HOH A . 
G 3 HOH 213 413 213 HOH HOH A . 
G 3 HOH 214 414 214 HOH HOH A . 
G 3 HOH 215 415 215 HOH HOH A . 
G 3 HOH 216 416 216 HOH HOH A . 
G 3 HOH 217 417 217 HOH HOH A . 
# 
_pdbx_struct_assembly.id                   1 
_pdbx_struct_assembly.details              author_defined_assembly 
_pdbx_struct_assembly.method_details       ? 
_pdbx_struct_assembly.oligomeric_details   monomeric 
_pdbx_struct_assembly.oligomeric_count     1 
# 
_pdbx_struct_assembly_gen.assembly_id       1 
_pdbx_struct_assembly_gen.oper_expression   1 
_pdbx_struct_assembly_gen.asym_id_list      A,B,C,D,E,F,G 
# 
_pdbx_struct_oper_list.id                   1 
_pdbx_struct_oper_list.type                 'identity operation' 
_pdbx_struct_oper_list.name                 1_555 
_pdbx_struct_oper_list.symmetry_operation   x,y,z 
_pdbx_struct_oper_list.matrix[1][1]         1.0000000000 
_pdbx_struct_oper_list.matrix[1][2]         0.0000000000 
_pdbx_struct_oper_list.matrix[1][3]         0.0000000000 
_pdbx_struct_oper_list.vector[1]            0.0000000000 
_pdbx_struct_oper_list.matrix[2][1]         0.0000000000 
_pdbx_struct_oper_list.matrix[2][2]         1.0000000000 
_pdbx_struct_oper_list.matrix[2][3]         0.0000000000 
_pdbx_struct_oper_list.vector[2]            0.0000000000 
_pdbx_struct_oper_list.matrix[3][1]         0.0000000000 
_pdbx_struct_oper_list.matrix[3][2]         0.0000000000 
_pdbx_struct_oper_list.matrix[3][3]         1.0000000000 
_pdbx_struct_oper_list.vector[3]            0.0000000000 
# 
loop_
_pdbx_audit_revision_history.ordinal 
_pdbx_audit_revision_history.data_content_type 
_pdbx_audit_revision_history.major_revision 
_pdbx_audit_revision_history.minor_revision 
_pdbx_audit_revision_history.revision_date 
1 'Structure model' 1 0 2014-06-25 
2 'Structure model' 1 1 2014-08-20 
3 'Structure model' 1 2 2017-11-15 
4 'Structure model' 1 3 2023-11-08 
# 
_pdbx_audit_revision_details.ordinal             1 
_pdbx_audit_revision_details.revision_ordinal    1 
_pdbx_audit_revision_details.data_content_type   'Structure model' 
_pdbx_audit_revision_details.provider            repository 
_pdbx_audit_revision_details.type                'Initial release' 
_pdbx_audit_revision_details.description         ? 
_pdbx_audit_revision_details.details             ? 
# 
loop_
_pdbx_audit_revision_group.ordinal 
_pdbx_audit_revision_group.revision_ordinal 
_pdbx_audit_revision_group.data_content_type 
_pdbx_audit_revision_group.group 
1 2 'Structure model' 'Database references'    
2 3 'Structure model' 'Refinement description' 
3 4 'Structure model' 'Data collection'        
4 4 'Structure model' 'Database references'    
5 4 'Structure model' 'Derived calculations'   
6 4 'Structure model' 'Refinement description' 
# 
loop_
_pdbx_audit_revision_category.ordinal 
_pdbx_audit_revision_category.revision_ordinal 
_pdbx_audit_revision_category.data_content_type 
_pdbx_audit_revision_category.category 
1 3 'Structure model' software                      
2 4 'Structure model' chem_comp_atom                
3 4 'Structure model' chem_comp_bond                
4 4 'Structure model' database_2                    
5 4 'Structure model' pdbx_initial_refinement_model 
6 4 'Structure model' struct_ref_seq_dif            
7 4 'Structure model' struct_site                   
# 
loop_
_pdbx_audit_revision_item.ordinal 
_pdbx_audit_revision_item.revision_ordinal 
_pdbx_audit_revision_item.data_content_type 
_pdbx_audit_revision_item.item 
1 3 'Structure model' '_software.name'                      
2 4 'Structure model' '_database_2.pdbx_DOI'                
3 4 'Structure model' '_database_2.pdbx_database_accession' 
4 4 'Structure model' '_struct_ref_seq_dif.details'         
5 4 'Structure model' '_struct_site.pdbx_auth_asym_id'      
6 4 'Structure model' '_struct_site.pdbx_auth_comp_id'      
7 4 'Structure model' '_struct_site.pdbx_auth_seq_id'       
# 
loop_
_software.name 
_software.classification 
_software.version 
_software.citation_id 
_software.pdbx_ordinal 
MAR345    'data collection' .                            ? 1 
PHASER    phasing           .                            ? 2 
PHENIX    refinement        '(phenix.refine: 1.7.3_928)' ? 3 
HKL-2000  'data reduction'  .                            ? 4 
SCALEPACK 'data scaling'    .                            ? 5 
# 
loop_
_pdbx_validate_close_contact.id 
_pdbx_validate_close_contact.PDB_model_num 
_pdbx_validate_close_contact.auth_atom_id_1 
_pdbx_validate_close_contact.auth_asym_id_1 
_pdbx_validate_close_contact.auth_comp_id_1 
_pdbx_validate_close_contact.auth_seq_id_1 
_pdbx_validate_close_contact.PDB_ins_code_1 
_pdbx_validate_close_contact.label_alt_id_1 
_pdbx_validate_close_contact.auth_atom_id_2 
_pdbx_validate_close_contact.auth_asym_id_2 
_pdbx_validate_close_contact.auth_comp_id_2 
_pdbx_validate_close_contact.auth_seq_id_2 
_pdbx_validate_close_contact.PDB_ins_code_2 
_pdbx_validate_close_contact.label_alt_id_2 
_pdbx_validate_close_contact.dist 
1  1 O   A HOH 385 ? ? O A HOH 400 ? ? 1.83 
2  1 O   A HOH 383 ? ? O A HOH 398 ? ? 1.94 
3  1 O1  A SO4 103 ? ? O A HOH 386 ? ? 1.96 
4  1 O   A HOH 260 ? ? O A HOH 398 ? ? 2.01 
5  1 O   A HOH 388 ? ? O A HOH 408 ? ? 2.06 
6  1 O   A HOH 331 ? ? O A HOH 376 ? ? 2.06 
7  1 O   A HOH 377 ? ? O A HOH 409 ? ? 2.07 
8  1 O   A HOH 391 ? ? O A HOH 396 ? ? 2.10 
9  1 O   A HOH 371 ? ? O A HOH 395 ? ? 2.14 
10 1 O   A HOH 323 ? ? O A HOH 386 ? ? 2.14 
11 1 OD1 A ASP 5   ? ? O A HOH 253 ? ? 2.17 
12 1 O   A HOH 338 ? ? O A HOH 362 ? ? 2.17 
# 
_pdbx_validate_torsion.id              1 
_pdbx_validate_torsion.PDB_model_num   1 
_pdbx_validate_torsion.auth_comp_id    GLN 
_pdbx_validate_torsion.auth_asym_id    A 
_pdbx_validate_torsion.auth_seq_id     53 
_pdbx_validate_torsion.PDB_ins_code    ? 
_pdbx_validate_torsion.label_alt_id    ? 
_pdbx_validate_torsion.phi             -115.18 
_pdbx_validate_torsion.psi             -165.73 
# 
loop_
_pdbx_unobs_or_zero_occ_residues.id 
_pdbx_unobs_or_zero_occ_residues.PDB_model_num 
_pdbx_unobs_or_zero_occ_residues.polymer_flag 
_pdbx_unobs_or_zero_occ_residues.occupancy_flag 
_pdbx_unobs_or_zero_occ_residues.auth_asym_id 
_pdbx_unobs_or_zero_occ_residues.auth_comp_id 
_pdbx_unobs_or_zero_occ_residues.auth_seq_id 
_pdbx_unobs_or_zero_occ_residues.PDB_ins_code 
_pdbx_unobs_or_zero_occ_residues.label_asym_id 
_pdbx_unobs_or_zero_occ_residues.label_comp_id 
_pdbx_unobs_or_zero_occ_residues.label_seq_id 
1 1 Y 1 A SER -2 ? A SER 1 
2 1 Y 1 A THR -1 ? A THR 2 
3 1 Y 1 A GLY 0  ? A GLY 3 
4 1 Y 1 A MET 1  ? A MET 4 
5 1 Y 1 A ILE 2  ? A ILE 5 
# 
loop_
_chem_comp_atom.comp_id 
_chem_comp_atom.atom_id 
_chem_comp_atom.type_symbol 
_chem_comp_atom.pdbx_aromatic_flag 
_chem_comp_atom.pdbx_stereo_config 
_chem_comp_atom.pdbx_ordinal 
ALA N    N N N 1   
ALA CA   C N S 2   
ALA C    C N N 3   
ALA O    O N N 4   
ALA CB   C N N 5   
ALA OXT  O N N 6   
ALA H    H N N 7   
ALA H2   H N N 8   
ALA HA   H N N 9   
ALA HB1  H N N 10  
ALA HB2  H N N 11  
ALA HB3  H N N 12  
ALA HXT  H N N 13  
ARG N    N N N 14  
ARG CA   C N S 15  
ARG C    C N N 16  
ARG O    O N N 17  
ARG CB   C N N 18  
ARG CG   C N N 19  
ARG CD   C N N 20  
ARG NE   N N N 21  
ARG CZ   C N N 22  
ARG NH1  N N N 23  
ARG NH2  N N N 24  
ARG OXT  O N N 25  
ARG H    H N N 26  
ARG H2   H N N 27  
ARG HA   H N N 28  
ARG HB2  H N N 29  
ARG HB3  H N N 30  
ARG HG2  H N N 31  
ARG HG3  H N N 32  
ARG HD2  H N N 33  
ARG HD3  H N N 34  
ARG HE   H N N 35  
ARG HH11 H N N 36  
ARG HH12 H N N 37  
ARG HH21 H N N 38  
ARG HH22 H N N 39  
ARG HXT  H N N 40  
ASN N    N N N 41  
ASN CA   C N S 42  
ASN C    C N N 43  
ASN O    O N N 44  
ASN CB   C N N 45  
ASN CG   C N N 46  
ASN OD1  O N N 47  
ASN ND2  N N N 48  
ASN OXT  O N N 49  
ASN H    H N N 50  
ASN H2   H N N 51  
ASN HA   H N N 52  
ASN HB2  H N N 53  
ASN HB3  H N N 54  
ASN HD21 H N N 55  
ASN HD22 H N N 56  
ASN HXT  H N N 57  
ASP N    N N N 58  
ASP CA   C N S 59  
ASP C    C N N 60  
ASP O    O N N 61  
ASP CB   C N N 62  
ASP CG   C N N 63  
ASP OD1  O N N 64  
ASP OD2  O N N 65  
ASP OXT  O N N 66  
ASP H    H N N 67  
ASP H2   H N N 68  
ASP HA   H N N 69  
ASP HB2  H N N 70  
ASP HB3  H N N 71  
ASP HD2  H N N 72  
ASP HXT  H N N 73  
GLN N    N N N 74  
GLN CA   C N S 75  
GLN C    C N N 76  
GLN O    O N N 77  
GLN CB   C N N 78  
GLN CG   C N N 79  
GLN CD   C N N 80  
GLN OE1  O N N 81  
GLN NE2  N N N 82  
GLN OXT  O N N 83  
GLN H    H N N 84  
GLN H2   H N N 85  
GLN HA   H N N 86  
GLN HB2  H N N 87  
GLN HB3  H N N 88  
GLN HG2  H N N 89  
GLN HG3  H N N 90  
GLN HE21 H N N 91  
GLN HE22 H N N 92  
GLN HXT  H N N 93  
GLU N    N N N 94  
GLU CA   C N S 95  
GLU C    C N N 96  
GLU O    O N N 97  
GLU CB   C N N 98  
GLU CG   C N N 99  
GLU CD   C N N 100 
GLU OE1  O N N 101 
GLU OE2  O N N 102 
GLU OXT  O N N 103 
GLU H    H N N 104 
GLU H2   H N N 105 
GLU HA   H N N 106 
GLU HB2  H N N 107 
GLU HB3  H N N 108 
GLU HG2  H N N 109 
GLU HG3  H N N 110 
GLU HE2  H N N 111 
GLU HXT  H N N 112 
GLY N    N N N 113 
GLY CA   C N N 114 
GLY C    C N N 115 
GLY O    O N N 116 
GLY OXT  O N N 117 
GLY H    H N N 118 
GLY H2   H N N 119 
GLY HA2  H N N 120 
GLY HA3  H N N 121 
GLY HXT  H N N 122 
HIS N    N N N 123 
HIS CA   C N S 124 
HIS C    C N N 125 
HIS O    O N N 126 
HIS CB   C N N 127 
HIS CG   C Y N 128 
HIS ND1  N Y N 129 
HIS CD2  C Y N 130 
HIS CE1  C Y N 131 
HIS NE2  N Y N 132 
HIS OXT  O N N 133 
HIS H    H N N 134 
HIS H2   H N N 135 
HIS HA   H N N 136 
HIS HB2  H N N 137 
HIS HB3  H N N 138 
HIS HD1  H N N 139 
HIS HD2  H N N 140 
HIS HE1  H N N 141 
HIS HE2  H N N 142 
HIS HXT  H N N 143 
HOH O    O N N 144 
HOH H1   H N N 145 
HOH H2   H N N 146 
ILE N    N N N 147 
ILE CA   C N S 148 
ILE C    C N N 149 
ILE O    O N N 150 
ILE CB   C N S 151 
ILE CG1  C N N 152 
ILE CG2  C N N 153 
ILE CD1  C N N 154 
ILE OXT  O N N 155 
ILE H    H N N 156 
ILE H2   H N N 157 
ILE HA   H N N 158 
ILE HB   H N N 159 
ILE HG12 H N N 160 
ILE HG13 H N N 161 
ILE HG21 H N N 162 
ILE HG22 H N N 163 
ILE HG23 H N N 164 
ILE HD11 H N N 165 
ILE HD12 H N N 166 
ILE HD13 H N N 167 
ILE HXT  H N N 168 
LEU N    N N N 169 
LEU CA   C N S 170 
LEU C    C N N 171 
LEU O    O N N 172 
LEU CB   C N N 173 
LEU CG   C N N 174 
LEU CD1  C N N 175 
LEU CD2  C N N 176 
LEU OXT  O N N 177 
LEU H    H N N 178 
LEU H2   H N N 179 
LEU HA   H N N 180 
LEU HB2  H N N 181 
LEU HB3  H N N 182 
LEU HG   H N N 183 
LEU HD11 H N N 184 
LEU HD12 H N N 185 
LEU HD13 H N N 186 
LEU HD21 H N N 187 
LEU HD22 H N N 188 
LEU HD23 H N N 189 
LEU HXT  H N N 190 
LYS N    N N N 191 
LYS CA   C N S 192 
LYS C    C N N 193 
LYS O    O N N 194 
LYS CB   C N N 195 
LYS CG   C N N 196 
LYS CD   C N N 197 
LYS CE   C N N 198 
LYS NZ   N N N 199 
LYS OXT  O N N 200 
LYS H    H N N 201 
LYS H2   H N N 202 
LYS HA   H N N 203 
LYS HB2  H N N 204 
LYS HB3  H N N 205 
LYS HG2  H N N 206 
LYS HG3  H N N 207 
LYS HD2  H N N 208 
LYS HD3  H N N 209 
LYS HE2  H N N 210 
LYS HE3  H N N 211 
LYS HZ1  H N N 212 
LYS HZ2  H N N 213 
LYS HZ3  H N N 214 
LYS HXT  H N N 215 
MET N    N N N 216 
MET CA   C N S 217 
MET C    C N N 218 
MET O    O N N 219 
MET CB   C N N 220 
MET CG   C N N 221 
MET SD   S N N 222 
MET CE   C N N 223 
MET OXT  O N N 224 
MET H    H N N 225 
MET H2   H N N 226 
MET HA   H N N 227 
MET HB2  H N N 228 
MET HB3  H N N 229 
MET HG2  H N N 230 
MET HG3  H N N 231 
MET HE1  H N N 232 
MET HE2  H N N 233 
MET HE3  H N N 234 
MET HXT  H N N 235 
PHE N    N N N 236 
PHE CA   C N S 237 
PHE C    C N N 238 
PHE O    O N N 239 
PHE CB   C N N 240 
PHE CG   C Y N 241 
PHE CD1  C Y N 242 
PHE CD2  C Y N 243 
PHE CE1  C Y N 244 
PHE CE2  C Y N 245 
PHE CZ   C Y N 246 
PHE OXT  O N N 247 
PHE H    H N N 248 
PHE H2   H N N 249 
PHE HA   H N N 250 
PHE HB2  H N N 251 
PHE HB3  H N N 252 
PHE HD1  H N N 253 
PHE HD2  H N N 254 
PHE HE1  H N N 255 
PHE HE2  H N N 256 
PHE HZ   H N N 257 
PHE HXT  H N N 258 
PRO N    N N N 259 
PRO CA   C N S 260 
PRO C    C N N 261 
PRO O    O N N 262 
PRO CB   C N N 263 
PRO CG   C N N 264 
PRO CD   C N N 265 
PRO OXT  O N N 266 
PRO H    H N N 267 
PRO HA   H N N 268 
PRO HB2  H N N 269 
PRO HB3  H N N 270 
PRO HG2  H N N 271 
PRO HG3  H N N 272 
PRO HD2  H N N 273 
PRO HD3  H N N 274 
PRO HXT  H N N 275 
SER N    N N N 276 
SER CA   C N S 277 
SER C    C N N 278 
SER O    O N N 279 
SER CB   C N N 280 
SER OG   O N N 281 
SER OXT  O N N 282 
SER H    H N N 283 
SER H2   H N N 284 
SER HA   H N N 285 
SER HB2  H N N 286 
SER HB3  H N N 287 
SER HG   H N N 288 
SER HXT  H N N 289 
SO4 S    S N N 290 
SO4 O1   O N N 291 
SO4 O2   O N N 292 
SO4 O3   O N N 293 
SO4 O4   O N N 294 
THR N    N N N 295 
THR CA   C N S 296 
THR C    C N N 297 
THR O    O N N 298 
THR CB   C N R 299 
THR OG1  O N N 300 
THR CG2  C N N 301 
THR OXT  O N N 302 
THR H    H N N 303 
THR H2   H N N 304 
THR HA   H N N 305 
THR HB   H N N 306 
THR HG1  H N N 307 
THR HG21 H N N 308 
THR HG22 H N N 309 
THR HG23 H N N 310 
THR HXT  H N N 311 
TRP N    N N N 312 
TRP CA   C N S 313 
TRP C    C N N 314 
TRP O    O N N 315 
TRP CB   C N N 316 
TRP CG   C Y N 317 
TRP CD1  C Y N 318 
TRP CD2  C Y N 319 
TRP NE1  N Y N 320 
TRP CE2  C Y N 321 
TRP CE3  C Y N 322 
TRP CZ2  C Y N 323 
TRP CZ3  C Y N 324 
TRP CH2  C Y N 325 
TRP OXT  O N N 326 
TRP H    H N N 327 
TRP H2   H N N 328 
TRP HA   H N N 329 
TRP HB2  H N N 330 
TRP HB3  H N N 331 
TRP HD1  H N N 332 
TRP HE1  H N N 333 
TRP HE3  H N N 334 
TRP HZ2  H N N 335 
TRP HZ3  H N N 336 
TRP HH2  H N N 337 
TRP HXT  H N N 338 
TYR N    N N N 339 
TYR CA   C N S 340 
TYR C    C N N 341 
TYR O    O N N 342 
TYR CB   C N N 343 
TYR CG   C Y N 344 
TYR CD1  C Y N 345 
TYR CD2  C Y N 346 
TYR CE1  C Y N 347 
TYR CE2  C Y N 348 
TYR CZ   C Y N 349 
TYR OH   O N N 350 
TYR OXT  O N N 351 
TYR H    H N N 352 
TYR H2   H N N 353 
TYR HA   H N N 354 
TYR HB2  H N N 355 
TYR HB3  H N N 356 
TYR HD1  H N N 357 
TYR HD2  H N N 358 
TYR HE1  H N N 359 
TYR HE2  H N N 360 
TYR HH   H N N 361 
TYR HXT  H N N 362 
VAL N    N N N 363 
VAL CA   C N S 364 
VAL C    C N N 365 
VAL O    O N N 366 
VAL CB   C N N 367 
VAL CG1  C N N 368 
VAL CG2  C N N 369 
VAL OXT  O N N 370 
VAL H    H N N 371 
VAL H2   H N N 372 
VAL HA   H N N 373 
VAL HB   H N N 374 
VAL HG11 H N N 375 
VAL HG12 H N N 376 
VAL HG13 H N N 377 
VAL HG21 H N N 378 
VAL HG22 H N N 379 
VAL HG23 H N N 380 
VAL HXT  H N N 381 
# 
loop_
_chem_comp_bond.comp_id 
_chem_comp_bond.atom_id_1 
_chem_comp_bond.atom_id_2 
_chem_comp_bond.value_order 
_chem_comp_bond.pdbx_aromatic_flag 
_chem_comp_bond.pdbx_stereo_config 
_chem_comp_bond.pdbx_ordinal 
ALA N   CA   sing N N 1   
ALA N   H    sing N N 2   
ALA N   H2   sing N N 3   
ALA CA  C    sing N N 4   
ALA CA  CB   sing N N 5   
ALA CA  HA   sing N N 6   
ALA C   O    doub N N 7   
ALA C   OXT  sing N N 8   
ALA CB  HB1  sing N N 9   
ALA CB  HB2  sing N N 10  
ALA CB  HB3  sing N N 11  
ALA OXT HXT  sing N N 12  
ARG N   CA   sing N N 13  
ARG N   H    sing N N 14  
ARG N   H2   sing N N 15  
ARG CA  C    sing N N 16  
ARG CA  CB   sing N N 17  
ARG CA  HA   sing N N 18  
ARG C   O    doub N N 19  
ARG C   OXT  sing N N 20  
ARG CB  CG   sing N N 21  
ARG CB  HB2  sing N N 22  
ARG CB  HB3  sing N N 23  
ARG CG  CD   sing N N 24  
ARG CG  HG2  sing N N 25  
ARG CG  HG3  sing N N 26  
ARG CD  NE   sing N N 27  
ARG CD  HD2  sing N N 28  
ARG CD  HD3  sing N N 29  
ARG NE  CZ   sing N N 30  
ARG NE  HE   sing N N 31  
ARG CZ  NH1  sing N N 32  
ARG CZ  NH2  doub N N 33  
ARG NH1 HH11 sing N N 34  
ARG NH1 HH12 sing N N 35  
ARG NH2 HH21 sing N N 36  
ARG NH2 HH22 sing N N 37  
ARG OXT HXT  sing N N 38  
ASN N   CA   sing N N 39  
ASN N   H    sing N N 40  
ASN N   H2   sing N N 41  
ASN CA  C    sing N N 42  
ASN CA  CB   sing N N 43  
ASN CA  HA   sing N N 44  
ASN C   O    doub N N 45  
ASN C   OXT  sing N N 46  
ASN CB  CG   sing N N 47  
ASN CB  HB2  sing N N 48  
ASN CB  HB3  sing N N 49  
ASN CG  OD1  doub N N 50  
ASN CG  ND2  sing N N 51  
ASN ND2 HD21 sing N N 52  
ASN ND2 HD22 sing N N 53  
ASN OXT HXT  sing N N 54  
ASP N   CA   sing N N 55  
ASP N   H    sing N N 56  
ASP N   H2   sing N N 57  
ASP CA  C    sing N N 58  
ASP CA  CB   sing N N 59  
ASP CA  HA   sing N N 60  
ASP C   O    doub N N 61  
ASP C   OXT  sing N N 62  
ASP CB  CG   sing N N 63  
ASP CB  HB2  sing N N 64  
ASP CB  HB3  sing N N 65  
ASP CG  OD1  doub N N 66  
ASP CG  OD2  sing N N 67  
ASP OD2 HD2  sing N N 68  
ASP OXT HXT  sing N N 69  
GLN N   CA   sing N N 70  
GLN N   H    sing N N 71  
GLN N   H2   sing N N 72  
GLN CA  C    sing N N 73  
GLN CA  CB   sing N N 74  
GLN CA  HA   sing N N 75  
GLN C   O    doub N N 76  
GLN C   OXT  sing N N 77  
GLN CB  CG   sing N N 78  
GLN CB  HB2  sing N N 79  
GLN CB  HB3  sing N N 80  
GLN CG  CD   sing N N 81  
GLN CG  HG2  sing N N 82  
GLN CG  HG3  sing N N 83  
GLN CD  OE1  doub N N 84  
GLN CD  NE2  sing N N 85  
GLN NE2 HE21 sing N N 86  
GLN NE2 HE22 sing N N 87  
GLN OXT HXT  sing N N 88  
GLU N   CA   sing N N 89  
GLU N   H    sing N N 90  
GLU N   H2   sing N N 91  
GLU CA  C    sing N N 92  
GLU CA  CB   sing N N 93  
GLU CA  HA   sing N N 94  
GLU C   O    doub N N 95  
GLU C   OXT  sing N N 96  
GLU CB  CG   sing N N 97  
GLU CB  HB2  sing N N 98  
GLU CB  HB3  sing N N 99  
GLU CG  CD   sing N N 100 
GLU CG  HG2  sing N N 101 
GLU CG  HG3  sing N N 102 
GLU CD  OE1  doub N N 103 
GLU CD  OE2  sing N N 104 
GLU OE2 HE2  sing N N 105 
GLU OXT HXT  sing N N 106 
GLY N   CA   sing N N 107 
GLY N   H    sing N N 108 
GLY N   H2   sing N N 109 
GLY CA  C    sing N N 110 
GLY CA  HA2  sing N N 111 
GLY CA  HA3  sing N N 112 
GLY C   O    doub N N 113 
GLY C   OXT  sing N N 114 
GLY OXT HXT  sing N N 115 
HIS N   CA   sing N N 116 
HIS N   H    sing N N 117 
HIS N   H2   sing N N 118 
HIS CA  C    sing N N 119 
HIS CA  CB   sing N N 120 
HIS CA  HA   sing N N 121 
HIS C   O    doub N N 122 
HIS C   OXT  sing N N 123 
HIS CB  CG   sing N N 124 
HIS CB  HB2  sing N N 125 
HIS CB  HB3  sing N N 126 
HIS CG  ND1  sing Y N 127 
HIS CG  CD2  doub Y N 128 
HIS ND1 CE1  doub Y N 129 
HIS ND1 HD1  sing N N 130 
HIS CD2 NE2  sing Y N 131 
HIS CD2 HD2  sing N N 132 
HIS CE1 NE2  sing Y N 133 
HIS CE1 HE1  sing N N 134 
HIS NE2 HE2  sing N N 135 
HIS OXT HXT  sing N N 136 
HOH O   H1   sing N N 137 
HOH O   H2   sing N N 138 
ILE N   CA   sing N N 139 
ILE N   H    sing N N 140 
ILE N   H2   sing N N 141 
ILE CA  C    sing N N 142 
ILE CA  CB   sing N N 143 
ILE CA  HA   sing N N 144 
ILE C   O    doub N N 145 
ILE C   OXT  sing N N 146 
ILE CB  CG1  sing N N 147 
ILE CB  CG2  sing N N 148 
ILE CB  HB   sing N N 149 
ILE CG1 CD1  sing N N 150 
ILE CG1 HG12 sing N N 151 
ILE CG1 HG13 sing N N 152 
ILE CG2 HG21 sing N N 153 
ILE CG2 HG22 sing N N 154 
ILE CG2 HG23 sing N N 155 
ILE CD1 HD11 sing N N 156 
ILE CD1 HD12 sing N N 157 
ILE CD1 HD13 sing N N 158 
ILE OXT HXT  sing N N 159 
LEU N   CA   sing N N 160 
LEU N   H    sing N N 161 
LEU N   H2   sing N N 162 
LEU CA  C    sing N N 163 
LEU CA  CB   sing N N 164 
LEU CA  HA   sing N N 165 
LEU C   O    doub N N 166 
LEU C   OXT  sing N N 167 
LEU CB  CG   sing N N 168 
LEU CB  HB2  sing N N 169 
LEU CB  HB3  sing N N 170 
LEU CG  CD1  sing N N 171 
LEU CG  CD2  sing N N 172 
LEU CG  HG   sing N N 173 
LEU CD1 HD11 sing N N 174 
LEU CD1 HD12 sing N N 175 
LEU CD1 HD13 sing N N 176 
LEU CD2 HD21 sing N N 177 
LEU CD2 HD22 sing N N 178 
LEU CD2 HD23 sing N N 179 
LEU OXT HXT  sing N N 180 
LYS N   CA   sing N N 181 
LYS N   H    sing N N 182 
LYS N   H2   sing N N 183 
LYS CA  C    sing N N 184 
LYS CA  CB   sing N N 185 
LYS CA  HA   sing N N 186 
LYS C   O    doub N N 187 
LYS C   OXT  sing N N 188 
LYS CB  CG   sing N N 189 
LYS CB  HB2  sing N N 190 
LYS CB  HB3  sing N N 191 
LYS CG  CD   sing N N 192 
LYS CG  HG2  sing N N 193 
LYS CG  HG3  sing N N 194 
LYS CD  CE   sing N N 195 
LYS CD  HD2  sing N N 196 
LYS CD  HD3  sing N N 197 
LYS CE  NZ   sing N N 198 
LYS CE  HE2  sing N N 199 
LYS CE  HE3  sing N N 200 
LYS NZ  HZ1  sing N N 201 
LYS NZ  HZ2  sing N N 202 
LYS NZ  HZ3  sing N N 203 
LYS OXT HXT  sing N N 204 
MET N   CA   sing N N 205 
MET N   H    sing N N 206 
MET N   H2   sing N N 207 
MET CA  C    sing N N 208 
MET CA  CB   sing N N 209 
MET CA  HA   sing N N 210 
MET C   O    doub N N 211 
MET C   OXT  sing N N 212 
MET CB  CG   sing N N 213 
MET CB  HB2  sing N N 214 
MET CB  HB3  sing N N 215 
MET CG  SD   sing N N 216 
MET CG  HG2  sing N N 217 
MET CG  HG3  sing N N 218 
MET SD  CE   sing N N 219 
MET CE  HE1  sing N N 220 
MET CE  HE2  sing N N 221 
MET CE  HE3  sing N N 222 
MET OXT HXT  sing N N 223 
PHE N   CA   sing N N 224 
PHE N   H    sing N N 225 
PHE N   H2   sing N N 226 
PHE CA  C    sing N N 227 
PHE CA  CB   sing N N 228 
PHE CA  HA   sing N N 229 
PHE C   O    doub N N 230 
PHE C   OXT  sing N N 231 
PHE CB  CG   sing N N 232 
PHE CB  HB2  sing N N 233 
PHE CB  HB3  sing N N 234 
PHE CG  CD1  doub Y N 235 
PHE CG  CD2  sing Y N 236 
PHE CD1 CE1  sing Y N 237 
PHE CD1 HD1  sing N N 238 
PHE CD2 CE2  doub Y N 239 
PHE CD2 HD2  sing N N 240 
PHE CE1 CZ   doub Y N 241 
PHE CE1 HE1  sing N N 242 
PHE CE2 CZ   sing Y N 243 
PHE CE2 HE2  sing N N 244 
PHE CZ  HZ   sing N N 245 
PHE OXT HXT  sing N N 246 
PRO N   CA   sing N N 247 
PRO N   CD   sing N N 248 
PRO N   H    sing N N 249 
PRO CA  C    sing N N 250 
PRO CA  CB   sing N N 251 
PRO CA  HA   sing N N 252 
PRO C   O    doub N N 253 
PRO C   OXT  sing N N 254 
PRO CB  CG   sing N N 255 
PRO CB  HB2  sing N N 256 
PRO CB  HB3  sing N N 257 
PRO CG  CD   sing N N 258 
PRO CG  HG2  sing N N 259 
PRO CG  HG3  sing N N 260 
PRO CD  HD2  sing N N 261 
PRO CD  HD3  sing N N 262 
PRO OXT HXT  sing N N 263 
SER N   CA   sing N N 264 
SER N   H    sing N N 265 
SER N   H2   sing N N 266 
SER CA  C    sing N N 267 
SER CA  CB   sing N N 268 
SER CA  HA   sing N N 269 
SER C   O    doub N N 270 
SER C   OXT  sing N N 271 
SER CB  OG   sing N N 272 
SER CB  HB2  sing N N 273 
SER CB  HB3  sing N N 274 
SER OG  HG   sing N N 275 
SER OXT HXT  sing N N 276 
SO4 S   O1   doub N N 277 
SO4 S   O2   doub N N 278 
SO4 S   O3   sing N N 279 
SO4 S   O4   sing N N 280 
THR N   CA   sing N N 281 
THR N   H    sing N N 282 
THR N   H2   sing N N 283 
THR CA  C    sing N N 284 
THR CA  CB   sing N N 285 
THR CA  HA   sing N N 286 
THR C   O    doub N N 287 
THR C   OXT  sing N N 288 
THR CB  OG1  sing N N 289 
THR CB  CG2  sing N N 290 
THR CB  HB   sing N N 291 
THR OG1 HG1  sing N N 292 
THR CG2 HG21 sing N N 293 
THR CG2 HG22 sing N N 294 
THR CG2 HG23 sing N N 295 
THR OXT HXT  sing N N 296 
TRP N   CA   sing N N 297 
TRP N   H    sing N N 298 
TRP N   H2   sing N N 299 
TRP CA  C    sing N N 300 
TRP CA  CB   sing N N 301 
TRP CA  HA   sing N N 302 
TRP C   O    doub N N 303 
TRP C   OXT  sing N N 304 
TRP CB  CG   sing N N 305 
TRP CB  HB2  sing N N 306 
TRP CB  HB3  sing N N 307 
TRP CG  CD1  doub Y N 308 
TRP CG  CD2  sing Y N 309 
TRP CD1 NE1  sing Y N 310 
TRP CD1 HD1  sing N N 311 
TRP CD2 CE2  doub Y N 312 
TRP CD2 CE3  sing Y N 313 
TRP NE1 CE2  sing Y N 314 
TRP NE1 HE1  sing N N 315 
TRP CE2 CZ2  sing Y N 316 
TRP CE3 CZ3  doub Y N 317 
TRP CE3 HE3  sing N N 318 
TRP CZ2 CH2  doub Y N 319 
TRP CZ2 HZ2  sing N N 320 
TRP CZ3 CH2  sing Y N 321 
TRP CZ3 HZ3  sing N N 322 
TRP CH2 HH2  sing N N 323 
TRP OXT HXT  sing N N 324 
TYR N   CA   sing N N 325 
TYR N   H    sing N N 326 
TYR N   H2   sing N N 327 
TYR CA  C    sing N N 328 
TYR CA  CB   sing N N 329 
TYR CA  HA   sing N N 330 
TYR C   O    doub N N 331 
TYR C   OXT  sing N N 332 
TYR CB  CG   sing N N 333 
TYR CB  HB2  sing N N 334 
TYR CB  HB3  sing N N 335 
TYR CG  CD1  doub Y N 336 
TYR CG  CD2  sing Y N 337 
TYR CD1 CE1  sing Y N 338 
TYR CD1 HD1  sing N N 339 
TYR CD2 CE2  doub Y N 340 
TYR CD2 HD2  sing N N 341 
TYR CE1 CZ   doub Y N 342 
TYR CE1 HE1  sing N N 343 
TYR CE2 CZ   sing Y N 344 
TYR CE2 HE2  sing N N 345 
TYR CZ  OH   sing N N 346 
TYR OH  HH   sing N N 347 
TYR OXT HXT  sing N N 348 
VAL N   CA   sing N N 349 
VAL N   H    sing N N 350 
VAL N   H2   sing N N 351 
VAL CA  C    sing N N 352 
VAL CA  CB   sing N N 353 
VAL CA  HA   sing N N 354 
VAL C   O    doub N N 355 
VAL C   OXT  sing N N 356 
VAL CB  CG1  sing N N 357 
VAL CB  CG2  sing N N 358 
VAL CB  HB   sing N N 359 
VAL CG1 HG11 sing N N 360 
VAL CG1 HG12 sing N N 361 
VAL CG1 HG13 sing N N 362 
VAL CG2 HG21 sing N N 363 
VAL CG2 HG22 sing N N 364 
VAL CG2 HG23 sing N N 365 
VAL OXT HXT  sing N N 366 
# 
loop_
_pdbx_entity_nonpoly.entity_id 
_pdbx_entity_nonpoly.name 
_pdbx_entity_nonpoly.comp_id 
2 'SULFATE ION' SO4 
3 water         HOH 
# 
_pdbx_initial_refinement_model.id               1 
_pdbx_initial_refinement_model.entity_id_list   ? 
_pdbx_initial_refinement_model.type             'experimental model' 
_pdbx_initial_refinement_model.source_name      PDB 
_pdbx_initial_refinement_model.accession_code   4MMG 
_pdbx_initial_refinement_model.details          ? 
# 
